data_8U3J
#
_entry.id   8U3J
#
_cell.length_a   1.00
_cell.length_b   1.00
_cell.length_c   1.00
_cell.angle_alpha   90.00
_cell.angle_beta   90.00
_cell.angle_gamma   90.00
#
_symmetry.space_group_name_H-M   'P 1'
#
loop_
_entity.id
_entity.type
_entity.pdbx_description
1 polymer 'Transient receptor potential cation channel subfamily V member 1'
2 non-polymer 1,2-DIACYL-GLYCEROL-3-SN-PHOSPHATE
3 non-polymer 'SODIUM ION'
4 water water
#
_entity_poly.entity_id   1
_entity_poly.type   'polypeptide(L)'
_entity_poly.pdbx_seq_one_letter_code
;SYYKGQTALHIAIERRNMTLVTLLVENGADVQAAANGDFFKKTKGRPGFYFGELPLSLAACTNQLAIVKFLLQNSWQPAD
ISARDSVGNTVLHALVEVADNTVDNTKFVTSMYNEILILGAKLHPTLKLEEITNRKGLTPLALAASSGKIGVLAYILQRE
IHEPECRHLSRKFTEWAYGPVHSSLYDLSCIDTCEKNSVLEVIAYSSSETPNRHDMLLVEPLNRLLQDKWDRFVKRIFYF
NFFVYCLYMIIFTAAAYYRPVEGLPPYKLKNTVGDYFRVTGEILSVSGGVYFFFRGIQYFLQRRPSLKSLFVDSYSEILF
FVQSLFMLVSVVLYFSQRKEYVASMVFSLAMGWTNMLYYTRGFQQMGIYAVMIEKMILRDLCRFMFVYLVFLFGFSTAVV
TLIEDGKYNSLYSTCLELFKFTIGMGDLEFTENYDFKAVFIILLLAYVILTYILLLNMLIALMGETVNKIAQESKNIWKL
QRAITILDTEKSFLKCMRKAFRSGKLLQVGFTPDGKDDYRWCFRVDEVNWTTWN
;
_entity_poly.pdbx_strand_id   A,D,B,C
#
# COMPACT_ATOMS: atom_id res chain seq x y z
N SER A 1 44.23 -17.82 33.18
CA SER A 1 42.80 -17.97 33.59
C SER A 1 41.88 -18.04 32.38
N TYR A 2 42.33 -17.47 31.26
CA TYR A 2 41.51 -17.36 30.06
C TYR A 2 41.53 -18.67 29.27
N TYR A 3 42.71 -19.25 29.07
CA TYR A 3 42.85 -20.53 28.38
C TYR A 3 43.07 -21.69 29.35
N LYS A 4 42.90 -21.46 30.64
CA LYS A 4 43.20 -22.46 31.64
C LYS A 4 42.23 -23.64 31.53
N GLY A 5 42.74 -24.84 31.85
CA GLY A 5 41.94 -26.04 31.91
C GLY A 5 41.90 -26.87 30.66
N GLN A 6 42.40 -26.35 29.54
CA GLN A 6 42.34 -27.10 28.28
C GLN A 6 43.19 -28.36 28.37
N THR A 7 42.78 -29.39 27.63
CA THR A 7 43.43 -30.69 27.64
C THR A 7 43.59 -31.18 26.21
N ALA A 8 44.57 -32.07 26.01
CA ALA A 8 44.90 -32.51 24.66
C ALA A 8 43.72 -33.14 23.94
N LEU A 9 42.84 -33.82 24.68
CA LEU A 9 41.68 -34.45 24.04
C LEU A 9 40.83 -33.42 23.32
N HIS A 10 40.66 -32.23 23.90
CA HIS A 10 39.84 -31.21 23.26
C HIS A 10 40.43 -30.78 21.93
N ILE A 11 41.74 -30.50 21.89
CA ILE A 11 42.39 -30.15 20.63
C ILE A 11 42.21 -31.29 19.62
N ALA A 12 42.52 -32.51 20.03
CA ALA A 12 42.39 -33.64 19.12
C ALA A 12 40.98 -33.70 18.53
N ILE A 13 39.97 -33.48 19.36
CA ILE A 13 38.58 -33.55 18.88
C ILE A 13 38.31 -32.43 17.89
N GLU A 14 38.76 -31.21 18.18
CA GLU A 14 38.36 -30.04 17.41
C GLU A 14 39.27 -29.73 16.23
N ARG A 15 40.20 -30.64 15.90
CA ARG A 15 41.00 -30.49 14.68
C ARG A 15 40.55 -31.38 13.54
N ARG A 16 39.59 -32.27 13.75
CA ARG A 16 39.04 -33.12 12.70
C ARG A 16 40.01 -34.22 12.28
N ASN A 17 40.85 -34.68 13.21
CA ASN A 17 41.83 -35.73 12.92
C ASN A 17 41.40 -36.99 13.67
N MET A 18 40.72 -37.89 12.95
CA MET A 18 40.25 -39.12 13.57
C MET A 18 41.41 -40.01 14.01
N THR A 19 42.43 -40.16 13.17
CA THR A 19 43.54 -41.05 13.48
C THR A 19 44.30 -40.55 14.72
N LEU A 20 44.57 -39.25 14.78
CA LEU A 20 45.27 -38.71 15.94
C LEU A 20 44.43 -38.87 17.20
N VAL A 21 43.12 -38.68 17.10
CA VAL A 21 42.24 -38.85 18.25
C VAL A 21 42.31 -40.30 18.74
N THR A 22 42.24 -41.25 17.81
CA THR A 22 42.32 -42.66 18.19
C THR A 22 43.64 -42.98 18.86
N LEU A 23 44.75 -42.51 18.27
CA LEU A 23 46.06 -42.79 18.85
C LEU A 23 46.19 -42.20 20.25
N LEU A 24 45.70 -40.97 20.44
CA LEU A 24 45.75 -40.37 21.76
C LEU A 24 44.87 -41.13 22.75
N VAL A 25 43.71 -41.61 22.30
CA VAL A 25 42.83 -42.37 23.18
C VAL A 25 43.50 -43.67 23.60
N GLU A 26 44.27 -44.28 22.69
CA GLU A 26 44.92 -45.55 23.02
C GLU A 26 45.86 -45.43 24.22
N ASN A 27 46.34 -44.24 24.54
CA ASN A 27 47.30 -44.06 25.66
C ASN A 27 46.59 -44.40 26.96
N GLY A 28 45.32 -44.04 27.13
CA GLY A 28 44.61 -44.21 28.38
C GLY A 28 44.27 -42.93 29.11
N ALA A 29 44.34 -41.78 28.46
CA ALA A 29 44.04 -40.52 29.11
C ALA A 29 42.57 -40.48 29.53
N ASP A 30 42.32 -39.81 30.66
CA ASP A 30 40.97 -39.70 31.17
C ASP A 30 40.06 -38.97 30.19
N VAL A 31 38.83 -39.45 30.06
CA VAL A 31 37.85 -38.85 29.17
C VAL A 31 36.77 -38.11 29.95
N GLN A 32 37.08 -37.70 31.18
CA GLN A 32 36.16 -36.92 32.01
C GLN A 32 36.78 -35.61 32.48
N ALA A 33 37.83 -35.14 31.80
CA ALA A 33 38.45 -33.88 32.17
C ALA A 33 37.54 -32.72 31.80
N ALA A 34 37.46 -31.74 32.70
CA ALA A 34 36.62 -30.57 32.52
C ALA A 34 37.47 -29.31 32.58
N ALA A 35 37.26 -28.42 31.61
CA ALA A 35 38.00 -27.16 31.52
C ALA A 35 37.17 -26.06 32.15
N ASN A 36 37.74 -25.39 33.16
CA ASN A 36 37.07 -24.32 33.88
C ASN A 36 37.55 -22.94 33.46
N GLY A 37 38.25 -22.84 32.33
CA GLY A 37 38.76 -21.55 31.90
C GLY A 37 37.64 -20.57 31.58
N ASP A 38 37.95 -19.29 31.76
CA ASP A 38 36.96 -18.25 31.50
C ASP A 38 36.55 -18.18 30.04
N PHE A 39 37.38 -18.69 29.13
CA PHE A 39 37.05 -18.66 27.71
C PHE A 39 35.81 -19.50 27.41
N PHE A 40 35.43 -20.39 28.31
CA PHE A 40 34.27 -21.25 28.13
C PHE A 40 33.08 -20.83 28.99
N LYS A 41 33.12 -19.62 29.56
CA LYS A 41 32.05 -19.16 30.43
C LYS A 41 30.83 -18.73 29.62
N LYS A 42 29.71 -18.56 30.31
CA LYS A 42 28.45 -18.25 29.65
C LYS A 42 28.53 -16.93 28.88
N THR A 43 28.62 -15.82 29.61
CA THR A 43 28.63 -14.49 29.00
C THR A 43 29.66 -13.59 29.67
N LYS A 44 30.76 -14.19 30.15
CA LYS A 44 31.84 -13.42 30.76
C LYS A 44 32.79 -12.99 29.66
N GLY A 45 32.53 -11.81 29.11
CA GLY A 45 33.26 -11.31 27.97
C GLY A 45 32.67 -11.83 26.67
N ARG A 46 32.52 -10.95 25.68
CA ARG A 46 31.89 -11.35 24.43
C ARG A 46 32.55 -12.57 23.80
N PRO A 47 33.87 -12.67 23.74
CA PRO A 47 34.49 -13.88 23.18
C PRO A 47 34.17 -15.11 24.03
N GLY A 48 34.08 -16.26 23.37
CA GLY A 48 33.81 -17.51 24.06
C GLY A 48 32.98 -18.48 23.24
N PHE A 49 33.12 -19.77 23.51
CA PHE A 49 32.36 -20.83 22.84
C PHE A 49 31.94 -21.85 23.88
N TYR A 50 30.71 -21.74 24.37
CA TYR A 50 30.19 -22.72 25.32
C TYR A 50 29.81 -23.99 24.59
N PHE A 51 30.31 -25.13 25.08
CA PHE A 51 30.07 -26.41 24.41
C PHE A 51 29.79 -27.55 25.39
N GLY A 52 29.48 -27.24 26.65
CA GLY A 52 29.12 -28.25 27.62
C GLY A 52 30.23 -28.65 28.56
N GLU A 53 31.48 -28.30 28.27
CA GLU A 53 32.63 -28.53 29.14
C GLU A 53 33.10 -29.99 29.15
N LEU A 54 32.52 -30.85 28.32
CA LEU A 54 32.90 -32.25 28.28
C LEU A 54 33.30 -32.63 26.86
N PRO A 55 34.28 -33.54 26.71
CA PRO A 55 34.69 -33.91 25.34
C PRO A 55 33.57 -34.51 24.52
N LEU A 56 32.68 -35.28 25.14
CA LEU A 56 31.55 -35.84 24.40
C LEU A 56 30.66 -34.73 23.87
N SER A 57 30.37 -33.72 24.69
CA SER A 57 29.58 -32.59 24.22
C SER A 57 30.32 -31.83 23.12
N LEU A 58 31.64 -31.68 23.25
CA LEU A 58 32.41 -31.00 22.21
C LEU A 58 32.26 -31.72 20.88
N ALA A 59 32.37 -33.04 20.90
CA ALA A 59 32.20 -33.81 19.67
C ALA A 59 30.77 -33.66 19.13
N ALA A 60 29.79 -33.71 20.03
CA ALA A 60 28.40 -33.63 19.59
C ALA A 60 28.09 -32.31 18.91
N CYS A 61 28.57 -31.21 19.47
CA CYS A 61 28.19 -29.87 19.02
C CYS A 61 29.01 -29.36 17.84
N THR A 62 29.95 -30.15 17.33
CA THR A 62 30.86 -29.71 16.27
C THR A 62 30.77 -30.59 15.03
N ASN A 63 29.57 -31.07 14.71
CA ASN A 63 29.31 -31.84 13.49
C ASN A 63 29.97 -33.22 13.49
N GLN A 64 30.57 -33.63 14.60
CA GLN A 64 31.32 -34.89 14.65
C GLN A 64 30.35 -36.03 14.94
N LEU A 65 30.23 -36.96 13.99
CA LEU A 65 29.35 -38.11 14.12
C LEU A 65 30.12 -39.42 14.29
N ALA A 66 31.03 -39.72 13.36
CA ALA A 66 31.86 -40.90 13.50
C ALA A 66 32.73 -40.83 14.75
N ILE A 67 33.26 -39.65 15.06
CA ILE A 67 34.11 -39.50 16.23
C ILE A 67 33.32 -39.76 17.51
N VAL A 68 32.11 -39.20 17.59
CA VAL A 68 31.30 -39.41 18.79
C VAL A 68 30.90 -40.87 18.92
N LYS A 69 30.56 -41.51 17.79
CA LYS A 69 30.27 -42.95 17.83
C LYS A 69 31.47 -43.73 18.35
N PHE A 70 32.67 -43.40 17.87
CA PHE A 70 33.87 -44.09 18.34
C PHE A 70 34.09 -43.89 19.83
N LEU A 71 33.94 -42.64 20.30
CA LEU A 71 34.11 -42.39 21.74
C LEU A 71 33.10 -43.18 22.56
N LEU A 72 31.87 -43.27 22.09
CA LEU A 72 30.82 -43.94 22.84
C LEU A 72 30.84 -45.46 22.67
N GLN A 73 31.61 -45.98 21.72
CA GLN A 73 31.61 -47.42 21.42
C GLN A 73 33.00 -48.04 21.50
N ASN A 74 33.85 -47.57 22.41
CA ASN A 74 35.19 -48.12 22.58
C ASN A 74 35.16 -49.20 23.67
N SER A 75 35.98 -50.23 23.49
CA SER A 75 36.09 -51.28 24.50
C SER A 75 37.03 -50.91 25.63
N TRP A 76 37.87 -49.89 25.46
CA TRP A 76 38.83 -49.51 26.50
C TRP A 76 38.12 -48.85 27.68
N GLN A 77 37.44 -47.74 27.42
CA GLN A 77 36.76 -47.00 28.48
C GLN A 77 35.63 -46.15 27.92
N PRO A 78 34.43 -46.70 27.79
CA PRO A 78 33.33 -45.90 27.24
C PRO A 78 32.99 -44.72 28.15
N ALA A 79 32.60 -43.60 27.52
CA ALA A 79 32.27 -42.40 28.27
C ALA A 79 30.81 -42.43 28.71
N ASP A 80 30.58 -42.18 30.00
CA ASP A 80 29.23 -42.17 30.53
C ASP A 80 28.43 -41.01 29.94
N ILE A 81 27.13 -41.23 29.78
CA ILE A 81 26.25 -40.21 29.21
C ILE A 81 25.65 -39.32 30.27
N SER A 82 25.49 -39.85 31.47
CA SER A 82 24.84 -39.08 32.56
C SER A 82 25.82 -38.07 33.19
N ALA A 83 26.97 -37.78 32.58
CA ALA A 83 27.90 -36.81 33.15
C ALA A 83 27.28 -35.42 33.15
N ARG A 84 27.65 -34.64 34.17
CA ARG A 84 27.18 -33.26 34.32
C ARG A 84 28.37 -32.37 34.67
N ASP A 85 28.41 -31.18 34.09
CA ASP A 85 29.50 -30.26 34.30
C ASP A 85 29.23 -29.40 35.54
N SER A 86 30.02 -28.35 35.72
CA SER A 86 29.85 -27.49 36.89
C SER A 86 28.46 -26.88 36.93
N VAL A 87 27.97 -26.40 35.77
CA VAL A 87 26.62 -25.84 35.71
C VAL A 87 25.54 -26.92 35.74
N GLY A 88 25.88 -28.16 35.41
CA GLY A 88 24.93 -29.25 35.43
C GLY A 88 24.36 -29.63 34.09
N ASN A 89 24.63 -28.86 33.04
CA ASN A 89 24.09 -29.17 31.72
C ASN A 89 24.64 -30.50 31.22
N THR A 90 23.80 -31.23 30.49
CA THR A 90 24.18 -32.49 29.86
C THR A 90 24.43 -32.24 28.37
N VAL A 91 24.77 -33.31 27.65
CA VAL A 91 24.96 -33.19 26.21
C VAL A 91 23.68 -32.68 25.55
N LEU A 92 22.52 -33.17 26.00
CA LEU A 92 21.26 -32.72 25.44
C LEU A 92 21.00 -31.25 25.75
N HIS A 93 21.28 -30.83 26.98
CA HIS A 93 21.12 -29.42 27.34
C HIS A 93 22.03 -28.54 26.51
N ALA A 94 23.28 -28.96 26.32
CA ALA A 94 24.20 -28.18 25.48
C ALA A 94 23.69 -28.11 24.05
N LEU A 95 23.21 -29.22 23.51
CA LEU A 95 22.66 -29.22 22.16
C LEU A 95 21.51 -28.22 22.04
N VAL A 96 20.63 -28.19 23.05
CA VAL A 96 19.52 -27.24 23.03
C VAL A 96 20.05 -25.81 23.09
N GLU A 97 21.07 -25.57 23.92
CA GLU A 97 21.52 -24.20 24.16
C GLU A 97 22.29 -23.65 22.97
N VAL A 98 22.92 -24.52 22.19
CA VAL A 98 23.71 -24.06 21.04
C VAL A 98 22.84 -23.53 19.92
N ALA A 99 21.58 -23.93 19.85
CA ALA A 99 20.73 -23.55 18.72
C ALA A 99 20.50 -22.04 18.70
N ASP A 100 20.43 -21.49 17.48
CA ASP A 100 20.19 -20.05 17.31
C ASP A 100 19.19 -19.75 16.21
N ASN A 101 18.25 -20.65 15.93
CA ASN A 101 17.15 -20.39 15.00
C ASN A 101 17.65 -20.09 13.58
N THR A 102 18.32 -21.07 12.99
CA THR A 102 18.68 -21.03 11.58
C THR A 102 18.40 -22.40 10.96
N VAL A 103 17.89 -22.39 9.72
CA VAL A 103 17.35 -23.61 9.13
C VAL A 103 18.42 -24.71 9.11
N ASP A 104 19.60 -24.39 8.60
CA ASP A 104 20.67 -25.38 8.56
C ASP A 104 21.07 -25.80 9.97
N ASN A 105 21.19 -24.82 10.87
CA ASN A 105 21.50 -25.14 12.26
C ASN A 105 20.41 -26.00 12.89
N THR A 106 19.15 -25.69 12.61
CA THR A 106 18.05 -26.47 13.17
C THR A 106 18.08 -27.91 12.69
N LYS A 107 18.27 -28.12 11.39
CA LYS A 107 18.31 -29.49 10.88
C LYS A 107 19.50 -30.24 11.44
N PHE A 108 20.67 -29.60 11.51
CA PHE A 108 21.82 -30.22 12.14
C PHE A 108 21.51 -30.65 13.57
N VAL A 109 20.94 -29.73 14.36
CA VAL A 109 20.71 -30.00 15.77
C VAL A 109 19.72 -31.14 15.94
N THR A 110 18.64 -31.13 15.15
CA THR A 110 17.64 -32.18 15.30
C THR A 110 18.20 -33.54 14.88
N SER A 111 18.96 -33.59 13.79
CA SER A 111 19.55 -34.86 13.37
C SER A 111 20.49 -35.41 14.44
N MET A 112 21.36 -34.55 14.97
CA MET A 112 22.29 -35.01 16.00
C MET A 112 21.54 -35.46 17.25
N TYR A 113 20.50 -34.72 17.64
CA TYR A 113 19.69 -35.08 18.80
C TYR A 113 19.09 -36.46 18.61
N ASN A 114 18.47 -36.71 17.46
CA ASN A 114 17.85 -38.00 17.21
C ASN A 114 18.88 -39.11 17.26
N GLU A 115 20.04 -38.92 16.62
CA GLU A 115 21.05 -39.97 16.58
C GLU A 115 21.54 -40.30 17.98
N ILE A 116 21.90 -39.28 18.77
CA ILE A 116 22.43 -39.53 20.10
C ILE A 116 21.37 -40.20 20.96
N LEU A 117 20.11 -39.77 20.83
CA LEU A 117 19.05 -40.34 21.64
C LEU A 117 18.83 -41.81 21.32
N ILE A 118 18.83 -42.17 20.03
CA ILE A 118 18.62 -43.57 19.68
C ILE A 118 19.80 -44.42 20.12
N LEU A 119 21.03 -43.91 19.98
CA LEU A 119 22.18 -44.66 20.47
C LEU A 119 22.09 -44.88 21.98
N GLY A 120 21.73 -43.83 22.73
CA GLY A 120 21.61 -43.98 24.17
C GLY A 120 20.55 -44.99 24.56
N ALA A 121 19.41 -44.97 23.86
CA ALA A 121 18.37 -45.96 24.11
C ALA A 121 18.87 -47.37 23.82
N LYS A 122 19.60 -47.53 22.71
CA LYS A 122 20.07 -48.86 22.33
C LYS A 122 21.06 -49.41 23.36
N LEU A 123 22.00 -48.57 23.81
CA LEU A 123 23.05 -49.07 24.69
C LEU A 123 22.53 -49.39 26.08
N HIS A 124 21.74 -48.50 26.67
CA HIS A 124 21.20 -48.68 28.02
C HIS A 124 19.70 -48.41 27.99
N PRO A 125 18.90 -49.39 27.55
CA PRO A 125 17.45 -49.16 27.46
C PRO A 125 16.79 -48.90 28.81
N THR A 126 17.41 -49.31 29.92
CA THR A 126 16.76 -49.16 31.22
C THR A 126 16.64 -47.69 31.63
N LEU A 127 17.64 -46.88 31.31
CA LEU A 127 17.67 -45.49 31.76
C LEU A 127 17.00 -44.57 30.74
N LYS A 128 16.47 -43.45 31.23
CA LYS A 128 15.85 -42.43 30.39
C LYS A 128 16.59 -41.11 30.60
N LEU A 129 16.91 -40.43 29.50
CA LEU A 129 17.71 -39.22 29.55
C LEU A 129 16.89 -37.95 29.75
N GLU A 130 15.69 -37.89 29.15
CA GLU A 130 14.95 -36.63 29.11
C GLU A 130 14.46 -36.17 30.47
N GLU A 131 14.51 -37.00 31.50
CA GLU A 131 14.02 -36.62 32.82
C GLU A 131 15.12 -36.13 33.75
N ILE A 132 16.36 -36.04 33.29
CA ILE A 132 17.45 -35.53 34.11
C ILE A 132 17.44 -34.01 34.05
N THR A 133 17.51 -33.37 35.22
CA THR A 133 17.36 -31.93 35.34
C THR A 133 18.63 -31.32 35.93
N ASN A 134 18.92 -30.10 35.51
CA ASN A 134 20.08 -29.36 36.02
C ASN A 134 19.70 -28.69 37.34
N ARG A 135 20.56 -27.80 37.83
CA ARG A 135 20.32 -27.17 39.13
C ARG A 135 19.04 -26.36 39.13
N LYS A 136 18.78 -25.61 38.05
CA LYS A 136 17.60 -24.77 37.98
C LYS A 136 16.30 -25.57 37.86
N GLY A 137 16.37 -26.91 37.87
CA GLY A 137 15.17 -27.71 37.74
C GLY A 137 14.53 -27.61 36.36
N LEU A 138 15.35 -27.54 35.32
CA LEU A 138 14.87 -27.43 33.95
C LEU A 138 15.31 -28.65 33.16
N THR A 139 14.36 -29.30 32.50
CA THR A 139 14.66 -30.38 31.58
C THR A 139 14.96 -29.80 30.20
N PRO A 140 15.46 -30.62 29.27
CA PRO A 140 15.72 -30.08 27.92
C PRO A 140 14.50 -29.46 27.26
N LEU A 141 13.32 -30.04 27.48
CA LEU A 141 12.09 -29.46 26.92
C LEU A 141 11.77 -28.13 27.57
N ALA A 142 11.84 -28.06 28.90
CA ALA A 142 11.59 -26.80 29.59
C ALA A 142 12.62 -25.75 29.21
N LEU A 143 13.89 -26.15 29.11
CA LEU A 143 14.92 -25.21 28.71
C LEU A 143 14.68 -24.68 27.30
N ALA A 144 14.27 -25.55 26.39
CA ALA A 144 13.97 -25.11 25.03
C ALA A 144 12.79 -24.13 25.03
N ALA A 145 11.75 -24.43 25.80
CA ALA A 145 10.59 -23.55 25.85
C ALA A 145 10.94 -22.19 26.45
N SER A 146 11.75 -22.17 27.50
CA SER A 146 12.04 -20.93 28.21
C SER A 146 12.81 -19.95 27.34
N SER A 147 13.78 -20.44 26.56
CA SER A 147 14.68 -19.57 25.82
C SER A 147 14.20 -19.26 24.41
N GLY A 148 13.01 -19.70 24.03
CA GLY A 148 12.47 -19.35 22.73
C GLY A 148 13.18 -19.97 21.55
N LYS A 149 13.44 -21.28 21.60
CA LYS A 149 14.02 -22.01 20.47
C LYS A 149 12.88 -22.72 19.74
N ILE A 150 12.39 -22.08 18.67
CA ILE A 150 11.21 -22.59 17.98
C ILE A 150 11.48 -23.97 17.37
N GLY A 151 12.62 -24.11 16.68
CA GLY A 151 12.87 -25.34 15.94
C GLY A 151 12.96 -26.56 16.85
N VAL A 152 13.72 -26.44 17.93
CA VAL A 152 13.91 -27.57 18.84
C VAL A 152 12.59 -27.97 19.47
N LEU A 153 11.81 -26.98 19.94
CA LEU A 153 10.52 -27.27 20.54
C LEU A 153 9.59 -27.95 19.55
N ALA A 154 9.53 -27.41 18.33
CA ALA A 154 8.65 -28.00 17.32
C ALA A 154 9.05 -29.44 17.01
N TYR A 155 10.35 -29.70 16.88
CA TYR A 155 10.79 -31.06 16.62
C TYR A 155 10.46 -31.99 17.77
N ILE A 156 10.69 -31.54 19.01
CA ILE A 156 10.50 -32.42 20.16
C ILE A 156 9.02 -32.75 20.36
N LEU A 157 8.15 -31.77 20.16
CA LEU A 157 6.74 -31.97 20.51
C LEU A 157 6.10 -33.05 19.64
N GLN A 158 6.46 -33.12 18.36
CA GLN A 158 5.87 -34.06 17.42
C GLN A 158 6.91 -35.05 16.89
N ARG A 159 7.76 -35.57 17.76
CA ARG A 159 8.80 -36.50 17.36
C ARG A 159 8.19 -37.83 16.93
N GLU A 160 8.73 -38.40 15.84
CA GLU A 160 8.23 -39.63 15.26
C GLU A 160 9.39 -40.55 14.93
N ILE A 161 9.35 -41.78 15.45
CA ILE A 161 10.35 -42.80 15.19
C ILE A 161 9.67 -44.01 14.59
N HIS A 162 10.20 -44.50 13.48
CA HIS A 162 9.60 -45.58 12.70
C HIS A 162 10.52 -46.80 12.65
N GLU A 163 11.09 -47.18 13.79
CA GLU A 163 12.03 -48.30 13.83
C GLU A 163 11.65 -49.25 14.96
N PRO A 164 11.82 -50.55 14.78
CA PRO A 164 11.54 -51.50 15.87
C PRO A 164 12.47 -51.27 17.06
N GLU A 165 11.93 -51.54 18.25
CA GLU A 165 12.64 -51.37 19.52
C GLU A 165 12.91 -49.91 19.84
N CYS A 166 12.26 -48.98 19.15
CA CYS A 166 12.42 -47.56 19.43
C CYS A 166 11.09 -46.81 19.39
N ARG A 167 9.96 -47.50 19.27
CA ARG A 167 8.68 -46.82 19.21
C ARG A 167 8.38 -46.12 20.52
N HIS A 168 8.79 -46.69 21.65
CA HIS A 168 8.46 -46.11 22.95
C HIS A 168 9.11 -44.76 23.16
N LEU A 169 10.08 -44.38 22.33
CA LEU A 169 10.68 -43.06 22.43
C LEU A 169 9.88 -41.99 21.71
N SER A 170 8.84 -42.37 20.96
CA SER A 170 8.09 -41.41 20.16
C SER A 170 7.03 -40.71 21.01
N ARG A 171 6.54 -39.60 20.48
CA ARG A 171 5.45 -38.84 21.09
C ARG A 171 4.21 -38.77 20.21
N LYS A 172 4.36 -38.91 18.90
CA LYS A 172 3.23 -38.93 17.99
C LYS A 172 3.05 -40.33 17.42
N PHE A 173 1.81 -40.79 17.36
CA PHE A 173 1.50 -42.15 16.93
C PHE A 173 0.40 -42.10 15.89
N THR A 174 -0.11 -43.26 15.51
CA THR A 174 -1.19 -43.38 14.53
C THR A 174 -2.10 -44.51 14.99
N GLU A 175 -3.30 -44.18 15.45
CA GLU A 175 -4.21 -45.19 16.05
C GLU A 175 -4.76 -46.09 14.95
N TRP A 176 -5.19 -45.52 13.83
CA TRP A 176 -5.66 -46.33 12.71
C TRP A 176 -5.75 -45.45 11.47
N ALA A 177 -5.81 -46.09 10.31
CA ALA A 177 -5.94 -45.39 9.04
C ALA A 177 -6.95 -46.13 8.17
N TYR A 178 -7.60 -45.39 7.28
CA TYR A 178 -8.59 -45.98 6.38
C TYR A 178 -8.76 -45.02 5.21
N GLY A 179 -8.37 -45.47 4.00
CA GLY A 179 -8.49 -44.65 2.83
C GLY A 179 -7.73 -43.34 2.97
N PRO A 180 -8.35 -42.24 2.54
CA PRO A 180 -7.68 -40.93 2.65
C PRO A 180 -7.67 -40.31 4.04
N VAL A 181 -8.12 -41.01 5.08
CA VAL A 181 -8.25 -40.44 6.41
C VAL A 181 -7.47 -41.30 7.40
N HIS A 182 -6.78 -40.65 8.32
CA HIS A 182 -6.10 -41.32 9.43
C HIS A 182 -6.06 -40.38 10.62
N SER A 183 -6.17 -40.96 11.82
CA SER A 183 -6.21 -40.20 13.05
C SER A 183 -4.91 -40.42 13.83
N SER A 184 -4.35 -39.32 14.33
CA SER A 184 -3.09 -39.35 15.08
C SER A 184 -3.35 -39.16 16.57
N LEU A 185 -2.29 -39.36 17.36
CA LEU A 185 -2.35 -39.14 18.79
C LEU A 185 -1.12 -38.34 19.22
N TYR A 186 -1.32 -37.47 20.21
CA TYR A 186 -0.25 -36.63 20.73
C TYR A 186 -0.12 -36.87 22.23
N ASP A 187 1.12 -36.97 22.70
CA ASP A 187 1.41 -37.20 24.11
C ASP A 187 1.36 -35.88 24.85
N LEU A 188 0.58 -35.84 25.93
CA LEU A 188 0.41 -34.64 26.75
C LEU A 188 1.11 -34.71 28.09
N SER A 189 1.96 -35.71 28.32
CA SER A 189 2.68 -35.79 29.58
C SER A 189 3.67 -34.62 29.68
N CYS A 190 3.59 -33.90 30.79
CA CYS A 190 4.46 -32.77 31.09
C CYS A 190 4.29 -31.61 30.10
N ILE A 191 3.05 -31.30 29.71
CA ILE A 191 2.77 -30.15 28.85
C ILE A 191 1.84 -29.16 29.56
N ASP A 192 0.83 -29.66 30.26
CA ASP A 192 -0.10 -28.78 30.96
C ASP A 192 -0.02 -28.93 32.48
N THR A 193 0.54 -30.03 32.98
CA THR A 193 0.75 -30.17 34.42
C THR A 193 1.90 -31.14 34.64
N CYS A 194 3.05 -30.60 35.07
CA CYS A 194 4.21 -31.40 35.42
C CYS A 194 4.52 -31.35 36.91
N GLU A 195 3.83 -30.52 37.68
CA GLU A 195 3.94 -30.33 39.11
C GLU A 195 5.18 -29.50 39.48
N LYS A 196 6.05 -29.17 38.53
CA LYS A 196 7.15 -28.25 38.78
C LYS A 196 7.09 -27.02 37.86
N ASN A 197 7.06 -27.23 36.55
CA ASN A 197 6.85 -26.15 35.60
C ASN A 197 6.50 -26.71 34.23
N SER A 198 5.29 -26.43 33.74
CA SER A 198 4.85 -26.97 32.47
C SER A 198 5.30 -26.06 31.33
N VAL A 199 5.15 -26.57 30.10
CA VAL A 199 5.48 -25.78 28.93
C VAL A 199 4.56 -24.57 28.83
N LEU A 200 3.25 -24.78 29.01
CA LEU A 200 2.31 -23.67 28.91
C LEU A 200 2.59 -22.62 29.97
N GLU A 201 2.85 -23.05 31.20
CA GLU A 201 3.13 -22.09 32.27
C GLU A 201 4.39 -21.28 31.97
N VAL A 202 5.44 -21.95 31.48
CA VAL A 202 6.68 -21.25 31.20
C VAL A 202 6.49 -20.24 30.07
N ILE A 203 5.76 -20.62 29.01
CA ILE A 203 5.56 -19.71 27.90
C ILE A 203 4.69 -18.53 28.33
N ALA A 204 3.70 -18.77 29.18
CA ALA A 204 2.74 -17.72 29.52
C ALA A 204 3.38 -16.65 30.39
N TYR A 205 4.19 -17.04 31.37
CA TYR A 205 4.72 -16.11 32.35
C TYR A 205 6.13 -15.60 32.00
N SER A 206 6.63 -15.90 30.81
CA SER A 206 7.98 -15.47 30.45
C SER A 206 8.03 -13.95 30.32
N SER A 207 9.21 -13.40 30.59
CA SER A 207 9.40 -11.96 30.50
C SER A 207 9.45 -11.52 29.03
N SER A 208 9.18 -10.24 28.81
CA SER A 208 8.94 -9.74 27.46
C SER A 208 10.19 -9.76 26.58
N GLU A 209 11.39 -9.78 27.17
CA GLU A 209 12.60 -9.78 26.35
C GLU A 209 12.83 -11.11 25.65
N THR A 210 12.07 -12.15 25.97
CA THR A 210 12.24 -13.43 25.29
C THR A 210 11.94 -13.25 23.81
N PRO A 211 12.72 -13.89 22.93
CA PRO A 211 12.56 -13.59 21.49
C PRO A 211 11.17 -13.85 20.93
N ASN A 212 10.63 -15.06 21.11
CA ASN A 212 9.49 -15.50 20.31
C ASN A 212 8.29 -15.92 21.14
N ARG A 213 7.88 -15.10 22.11
CA ARG A 213 6.72 -15.44 22.92
C ARG A 213 5.47 -15.57 22.08
N HIS A 214 5.22 -14.60 21.20
CA HIS A 214 3.96 -14.56 20.47
C HIS A 214 3.84 -15.75 19.51
N ASP A 215 4.92 -16.07 18.80
CA ASP A 215 4.88 -17.02 17.70
C ASP A 215 5.11 -18.46 18.16
N MET A 216 5.34 -18.69 19.45
CA MET A 216 5.65 -20.02 19.93
C MET A 216 4.39 -20.83 20.28
N LEU A 217 3.21 -20.22 20.21
CA LEU A 217 1.97 -20.92 20.46
C LEU A 217 1.30 -21.43 19.18
N LEU A 218 1.94 -21.24 18.03
CA LEU A 218 1.39 -21.75 16.77
C LEU A 218 1.73 -23.21 16.53
N VAL A 219 2.55 -23.83 17.39
CA VAL A 219 2.86 -25.24 17.23
C VAL A 219 1.56 -26.04 17.36
N GLU A 220 1.55 -27.24 16.76
CA GLU A 220 0.30 -27.94 16.46
C GLU A 220 -0.57 -28.20 17.69
N PRO A 221 -0.15 -29.05 18.62
CA PRO A 221 -1.09 -29.47 19.68
C PRO A 221 -1.59 -28.33 20.56
N LEU A 222 -0.76 -27.32 20.81
CA LEU A 222 -1.08 -26.33 21.84
C LEU A 222 -2.32 -25.52 21.47
N ASN A 223 -2.43 -25.11 20.21
CA ASN A 223 -3.58 -24.29 19.80
C ASN A 223 -4.89 -25.04 20.03
N ARG A 224 -4.96 -26.28 19.57
CA ARG A 224 -6.17 -27.06 19.73
C ARG A 224 -6.46 -27.33 21.21
N LEU A 225 -5.41 -27.59 22.00
CA LEU A 225 -5.62 -27.84 23.42
C LEU A 225 -6.24 -26.62 24.10
N LEU A 226 -5.72 -25.43 23.81
CA LEU A 226 -6.25 -24.21 24.41
C LEU A 226 -7.68 -23.97 23.97
N GLN A 227 -7.96 -24.17 22.67
CA GLN A 227 -9.33 -23.99 22.19
C GLN A 227 -10.28 -24.95 22.89
N ASP A 228 -9.86 -26.20 23.09
CA ASP A 228 -10.70 -27.16 23.78
C ASP A 228 -11.01 -26.71 25.20
N LYS A 229 -9.98 -26.35 25.97
CA LYS A 229 -10.20 -25.93 27.35
C LYS A 229 -11.17 -24.76 27.40
N TRP A 230 -10.92 -23.74 26.58
CA TRP A 230 -11.79 -22.58 26.51
C TRP A 230 -13.23 -23.02 26.30
N ASP A 231 -13.48 -23.68 25.16
CA ASP A 231 -14.85 -24.00 24.75
C ASP A 231 -15.54 -24.91 25.76
N ARG A 232 -14.78 -25.66 26.56
CA ARG A 232 -15.41 -26.48 27.58
C ARG A 232 -15.95 -25.62 28.73
N PHE A 233 -15.08 -24.85 29.39
CA PHE A 233 -15.60 -24.13 30.57
C PHE A 233 -15.17 -22.68 30.76
N VAL A 234 -14.13 -22.20 30.09
CA VAL A 234 -13.68 -20.85 30.37
C VAL A 234 -14.70 -19.85 29.86
N LYS A 235 -15.44 -20.21 28.82
CA LYS A 235 -16.45 -19.31 28.27
C LYS A 235 -17.50 -18.96 29.34
N ARG A 236 -18.05 -19.98 29.98
CA ARG A 236 -19.07 -19.73 31.00
C ARG A 236 -18.49 -18.94 32.17
N ILE A 237 -17.30 -19.32 32.62
CA ILE A 237 -16.71 -18.57 33.75
C ILE A 237 -16.57 -17.09 33.37
N PHE A 238 -16.04 -16.82 32.18
CA PHE A 238 -15.80 -15.45 31.75
C PHE A 238 -17.10 -14.65 31.66
N TYR A 239 -18.15 -15.26 31.09
CA TYR A 239 -19.41 -14.54 30.95
C TYR A 239 -20.01 -14.20 32.30
N PHE A 240 -19.93 -15.14 33.26
CA PHE A 240 -20.43 -14.83 34.60
C PHE A 240 -19.68 -13.65 35.21
N ASN A 241 -18.35 -13.65 35.07
CA ASN A 241 -17.57 -12.54 35.63
C ASN A 241 -17.95 -11.22 34.99
N PHE A 242 -18.13 -11.21 33.67
CA PHE A 242 -18.50 -9.98 32.97
C PHE A 242 -19.84 -9.44 33.47
N PHE A 243 -20.82 -10.33 33.62
CA PHE A 243 -22.12 -9.90 34.12
C PHE A 243 -22.01 -9.29 35.50
N VAL A 244 -21.26 -9.93 36.40
CA VAL A 244 -21.13 -9.41 37.75
C VAL A 244 -20.50 -8.02 37.74
N TYR A 245 -19.44 -7.85 36.95
CA TYR A 245 -18.79 -6.54 36.90
C TYR A 245 -19.73 -5.46 36.40
N CYS A 246 -20.50 -5.76 35.34
CA CYS A 246 -21.44 -4.76 34.83
C CYS A 246 -22.45 -4.37 35.90
N LEU A 247 -22.98 -5.35 36.62
CA LEU A 247 -23.95 -5.04 37.67
C LEU A 247 -23.34 -4.14 38.74
N TYR A 248 -22.13 -4.47 39.18
CA TYR A 248 -21.49 -3.66 40.22
C TYR A 248 -21.27 -2.24 39.75
N MET A 249 -20.84 -2.06 38.50
CA MET A 249 -20.56 -0.72 38.00
C MET A 249 -21.85 0.09 37.89
N ILE A 250 -22.94 -0.53 37.45
CA ILE A 250 -24.22 0.16 37.37
C ILE A 250 -24.64 0.63 38.76
N ILE A 251 -24.51 -0.24 39.76
CA ILE A 251 -24.90 0.15 41.12
C ILE A 251 -24.07 1.32 41.60
N PHE A 252 -22.76 1.28 41.35
CA PHE A 252 -21.88 2.36 41.81
C PHE A 252 -22.27 3.68 41.16
N THR A 253 -22.52 3.66 39.84
CA THR A 253 -22.92 4.89 39.16
C THR A 253 -24.21 5.44 39.74
N ALA A 254 -25.22 4.59 39.91
CA ALA A 254 -26.51 5.07 40.42
C ALA A 254 -26.36 5.64 41.82
N ALA A 255 -25.57 4.99 42.67
CA ALA A 255 -25.36 5.51 44.02
C ALA A 255 -24.68 6.87 44.00
N ALA A 256 -23.68 7.04 43.13
CA ALA A 256 -22.94 8.30 43.11
C ALA A 256 -23.76 9.43 42.51
N TYR A 257 -24.72 9.12 41.63
CA TYR A 257 -25.48 10.18 40.97
C TYR A 257 -26.40 10.95 41.91
N TYR A 258 -26.76 10.39 43.06
CA TYR A 258 -27.78 10.96 43.94
C TYR A 258 -27.19 11.48 45.25
N ARG A 259 -25.92 11.86 45.26
CA ARG A 259 -25.29 12.28 46.50
C ARG A 259 -26.01 13.52 47.05
N PRO A 260 -26.07 13.68 48.37
CA PRO A 260 -26.71 14.88 48.93
C PRO A 260 -25.81 16.11 48.78
N VAL A 261 -26.43 17.29 48.87
CA VAL A 261 -25.73 18.59 48.69
C VAL A 261 -26.07 19.51 49.86
N GLU A 262 -25.52 19.26 51.06
CA GLU A 262 -25.80 20.05 52.25
C GLU A 262 -24.55 20.71 52.83
N GLY A 263 -23.41 20.04 52.78
CA GLY A 263 -22.17 20.62 53.26
C GLY A 263 -21.60 19.90 54.48
N LEU A 264 -20.27 19.80 54.53
CA LEU A 264 -19.56 19.25 55.69
C LEU A 264 -20.09 17.86 56.06
N PRO A 265 -19.76 16.82 55.30
CA PRO A 265 -20.15 15.46 55.66
C PRO A 265 -19.56 15.07 57.00
N PRO A 266 -19.98 13.93 57.58
CA PRO A 266 -20.99 12.98 57.09
C PRO A 266 -22.41 13.51 57.21
N TYR A 267 -23.35 12.84 56.56
CA TYR A 267 -24.74 13.26 56.51
C TYR A 267 -25.62 12.27 57.26
N LYS A 268 -26.52 12.80 58.07
CA LYS A 268 -27.42 11.97 58.86
C LYS A 268 -28.59 11.50 58.00
N LEU A 269 -28.76 10.18 57.92
CA LEU A 269 -29.80 9.61 57.09
C LEU A 269 -31.19 9.94 57.66
N LYS A 270 -32.19 9.84 56.80
CA LYS A 270 -33.57 10.14 57.15
C LYS A 270 -34.43 8.89 56.99
N ASN A 271 -35.63 8.94 57.56
CA ASN A 271 -36.54 7.79 57.54
C ASN A 271 -37.32 7.77 56.23
N THR A 272 -36.65 7.28 55.19
CA THR A 272 -37.25 7.12 53.88
C THR A 272 -36.50 6.04 53.11
N VAL A 273 -37.15 5.50 52.08
CA VAL A 273 -36.57 4.40 51.31
C VAL A 273 -35.28 4.84 50.62
N GLY A 274 -35.29 6.06 50.04
CA GLY A 274 -34.14 6.49 49.26
C GLY A 274 -32.85 6.47 50.06
N ASP A 275 -32.92 6.89 51.33
CA ASP A 275 -31.73 6.89 52.16
C ASP A 275 -31.19 5.48 52.35
N TYR A 276 -32.07 4.51 52.62
CA TYR A 276 -31.64 3.14 52.80
C TYR A 276 -30.98 2.61 51.53
N PHE A 277 -31.60 2.86 50.38
CA PHE A 277 -31.02 2.39 49.12
C PHE A 277 -29.66 3.01 48.87
N ARG A 278 -29.53 4.31 49.12
CA ARG A 278 -28.28 5.00 48.91
C ARG A 278 -27.18 4.45 49.81
N VAL A 279 -27.51 4.20 51.08
CA VAL A 279 -26.52 3.68 52.01
C VAL A 279 -26.08 2.28 51.57
N THR A 280 -27.02 1.44 51.15
CA THR A 280 -26.66 0.12 50.67
C THR A 280 -25.73 0.20 49.46
N GLY A 281 -26.04 1.09 48.53
CA GLY A 281 -25.19 1.24 47.36
C GLY A 281 -23.78 1.68 47.72
N GLU A 282 -23.66 2.64 48.65
CA GLU A 282 -22.34 3.10 49.06
C GLU A 282 -21.56 1.97 49.72
N ILE A 283 -22.22 1.18 50.57
CA ILE A 283 -21.54 0.06 51.22
C ILE A 283 -21.04 -0.94 50.20
N LEU A 284 -21.89 -1.26 49.21
CA LEU A 284 -21.47 -2.20 48.17
C LEU A 284 -20.26 -1.68 47.40
N SER A 285 -20.28 -0.39 47.08
CA SER A 285 -19.15 0.20 46.36
C SER A 285 -17.86 0.09 47.16
N VAL A 286 -17.91 0.40 48.45
CA VAL A 286 -16.71 0.31 49.27
C VAL A 286 -16.21 -1.13 49.33
N SER A 287 -17.13 -2.09 49.48
CA SER A 287 -16.72 -3.49 49.52
C SER A 287 -16.02 -3.91 48.24
N GLY A 288 -16.57 -3.52 47.09
CA GLY A 288 -15.92 -3.84 45.83
C GLY A 288 -14.53 -3.23 45.74
N GLY A 289 -14.40 -1.98 46.18
CA GLY A 289 -13.09 -1.34 46.14
C GLY A 289 -12.05 -2.08 46.95
N VAL A 290 -12.41 -2.47 48.18
CA VAL A 290 -11.44 -3.17 49.02
C VAL A 290 -11.11 -4.54 48.43
N TYR A 291 -12.10 -5.21 47.84
CA TYR A 291 -11.83 -6.50 47.19
C TYR A 291 -10.80 -6.36 46.10
N PHE A 292 -10.98 -5.37 45.22
CA PHE A 292 -10.01 -5.16 44.15
C PHE A 292 -8.64 -4.82 44.69
N PHE A 293 -8.59 -3.99 45.74
CA PHE A 293 -7.31 -3.64 46.34
C PHE A 293 -6.55 -4.89 46.79
N PHE A 294 -7.23 -5.77 47.53
CA PHE A 294 -6.55 -6.95 48.05
C PHE A 294 -6.13 -7.90 46.92
N ARG A 295 -6.98 -8.09 45.91
CA ARG A 295 -6.59 -8.96 44.80
C ARG A 295 -5.35 -8.42 44.10
N GLY A 296 -5.31 -7.10 43.87
CA GLY A 296 -4.15 -6.53 43.19
C GLY A 296 -2.88 -6.68 44.00
N ILE A 297 -2.95 -6.43 45.31
CA ILE A 297 -1.75 -6.56 46.12
C ILE A 297 -1.27 -8.01 46.15
N GLN A 298 -2.21 -8.97 46.19
CA GLN A 298 -1.83 -10.37 46.15
C GLN A 298 -1.09 -10.71 44.86
N TYR A 299 -1.62 -10.24 43.73
CA TYR A 299 -0.97 -10.53 42.45
C TYR A 299 0.44 -9.93 42.42
N PHE A 300 0.56 -8.66 42.83
CA PHE A 300 1.87 -8.01 42.80
C PHE A 300 2.84 -8.71 43.73
N LEU A 301 2.35 -9.28 44.83
CA LEU A 301 3.22 -10.02 45.73
C LEU A 301 3.70 -11.31 45.09
N GLN A 302 2.79 -12.09 44.50
CA GLN A 302 3.18 -13.39 43.96
C GLN A 302 4.11 -13.23 42.76
N ARG A 303 3.74 -12.41 41.77
CA ARG A 303 4.56 -12.33 40.56
C ARG A 303 5.92 -11.69 40.84
N ARG A 304 5.95 -10.53 41.49
CA ARG A 304 7.20 -9.84 41.72
C ARG A 304 7.96 -9.62 40.42
N PRO A 305 7.42 -8.84 39.49
CA PRO A 305 8.09 -8.62 38.21
C PRO A 305 9.12 -7.50 38.32
N SER A 306 9.82 -7.26 37.21
CA SER A 306 10.84 -6.22 37.14
C SER A 306 10.17 -4.86 36.96
N LEU A 307 10.97 -3.83 36.69
CA LEU A 307 10.44 -2.48 36.54
C LEU A 307 10.06 -2.15 35.10
N LYS A 308 10.92 -2.47 34.14
CA LYS A 308 10.65 -2.17 32.75
C LYS A 308 9.46 -2.95 32.19
N SER A 309 9.05 -4.03 32.84
CA SER A 309 7.93 -4.85 32.40
C SER A 309 6.62 -4.45 33.08
N LEU A 310 6.62 -3.41 33.90
CA LEU A 310 5.44 -3.00 34.65
C LEU A 310 4.43 -2.27 33.78
N PHE A 311 4.78 -1.90 32.56
CA PHE A 311 3.86 -1.19 31.67
C PHE A 311 3.69 -1.95 30.36
N VAL A 312 4.76 -2.61 29.89
CA VAL A 312 4.62 -3.49 28.75
C VAL A 312 3.81 -4.72 29.13
N ASP A 313 4.01 -5.22 30.34
CA ASP A 313 3.21 -6.30 30.91
C ASP A 313 2.46 -5.77 32.13
N SER A 314 1.37 -6.47 32.48
CA SER A 314 0.51 -6.06 33.59
C SER A 314 -0.06 -4.67 33.34
N TYR A 315 -0.47 -4.42 32.10
CA TYR A 315 -1.00 -3.11 31.72
C TYR A 315 -2.38 -2.86 32.32
N SER A 316 -3.03 -3.86 32.90
CA SER A 316 -4.38 -3.74 33.43
C SER A 316 -4.46 -3.88 34.95
N GLU A 317 -3.53 -4.69 35.48
CA GLU A 317 -3.44 -4.93 36.93
C GLU A 317 -3.08 -3.64 37.64
N ILE A 318 -2.32 -2.74 37.03
CA ILE A 318 -1.97 -1.43 37.56
C ILE A 318 -3.20 -0.51 37.53
N LEU A 319 -3.98 -0.56 36.44
CA LEU A 319 -5.15 0.30 36.33
C LEU A 319 -6.19 -0.05 37.39
N PHE A 320 -6.48 -1.34 37.56
CA PHE A 320 -7.45 -1.72 38.58
C PHE A 320 -6.96 -1.32 39.97
N PHE A 321 -5.67 -1.51 40.24
CA PHE A 321 -5.12 -1.13 41.53
C PHE A 321 -5.25 0.37 41.76
N VAL A 322 -4.99 1.18 40.73
CA VAL A 322 -5.10 2.63 40.87
C VAL A 322 -6.54 3.03 41.17
N GLN A 323 -7.50 2.40 40.50
CA GLN A 323 -8.90 2.69 40.78
C GLN A 323 -9.23 2.39 42.24
N SER A 324 -8.76 1.24 42.74
CA SER A 324 -9.00 0.90 44.13
C SER A 324 -8.39 1.92 45.08
N LEU A 325 -7.16 2.37 44.76
CA LEU A 325 -6.50 3.37 45.60
C LEU A 325 -7.31 4.66 45.65
N PHE A 326 -7.83 5.10 44.50
CA PHE A 326 -8.67 6.30 44.49
C PHE A 326 -9.89 6.11 45.37
N MET A 327 -10.54 4.95 45.29
CA MET A 327 -11.72 4.71 46.13
C MET A 327 -11.37 4.79 47.61
N LEU A 328 -10.27 4.14 48.01
CA LEU A 328 -9.92 4.13 49.43
C LEU A 328 -9.55 5.53 49.93
N VAL A 329 -8.80 6.29 49.13
CA VAL A 329 -8.48 7.65 49.53
C VAL A 329 -9.76 8.48 49.65
N SER A 330 -10.72 8.25 48.76
CA SER A 330 -11.99 8.95 48.85
C SER A 330 -12.68 8.65 50.17
N VAL A 331 -12.69 7.38 50.58
CA VAL A 331 -13.33 7.03 51.85
C VAL A 331 -12.62 7.73 53.01
N VAL A 332 -11.29 7.69 53.00
CA VAL A 332 -10.52 8.30 54.09
C VAL A 332 -10.84 9.78 54.21
N LEU A 333 -10.87 10.48 53.06
CA LEU A 333 -11.23 11.90 53.09
C LEU A 333 -12.67 12.10 53.56
N TYR A 334 -13.58 11.23 53.14
CA TYR A 334 -14.98 11.40 53.50
C TYR A 334 -15.16 11.35 55.01
N PHE A 335 -14.50 10.41 55.68
CA PHE A 335 -14.66 10.32 57.13
C PHE A 335 -13.80 11.32 57.90
N SER A 336 -13.13 12.24 57.21
CA SER A 336 -12.33 13.28 57.86
C SER A 336 -12.98 14.66 57.77
N GLN A 337 -14.23 14.74 57.34
CA GLN A 337 -14.99 16.00 57.29
C GLN A 337 -14.38 17.00 56.31
N ARG A 338 -14.11 16.53 55.09
CA ARG A 338 -13.63 17.41 54.02
C ARG A 338 -14.51 17.29 52.79
N LYS A 339 -14.09 17.89 51.67
CA LYS A 339 -14.92 17.95 50.47
C LYS A 339 -14.20 17.48 49.21
N GLU A 340 -13.00 16.99 49.35
CA GLU A 340 -12.25 16.52 48.18
C GLU A 340 -12.64 15.08 47.88
N TYR A 341 -13.40 14.39 48.72
CA TYR A 341 -13.87 13.05 48.42
C TYR A 341 -14.69 13.04 47.14
N VAL A 342 -15.31 14.18 46.79
CA VAL A 342 -16.05 14.26 45.54
C VAL A 342 -15.10 14.16 44.35
N ALA A 343 -13.98 14.88 44.40
CA ALA A 343 -13.01 14.81 43.31
C ALA A 343 -12.46 13.40 43.18
N SER A 344 -12.10 12.79 44.32
CA SER A 344 -11.59 11.42 44.28
C SER A 344 -12.62 10.48 43.69
N MET A 345 -13.87 10.62 44.10
CA MET A 345 -14.93 9.74 43.63
C MET A 345 -15.16 9.87 42.14
N VAL A 346 -15.11 11.10 41.61
CA VAL A 346 -15.34 11.27 40.17
C VAL A 346 -14.17 10.68 39.38
N PHE A 347 -12.94 10.88 39.85
CA PHE A 347 -11.82 10.24 39.17
C PHE A 347 -11.99 8.72 39.14
N SER A 348 -12.35 8.14 40.29
CA SER A 348 -12.53 6.69 40.35
C SER A 348 -13.65 6.24 39.42
N LEU A 349 -14.77 6.97 39.39
CA LEU A 349 -15.90 6.58 38.56
C LEU A 349 -15.53 6.60 37.09
N ALA A 350 -14.91 7.67 36.62
CA ALA A 350 -14.54 7.76 35.22
C ALA A 350 -13.55 6.66 34.84
N MET A 351 -12.54 6.44 35.69
CA MET A 351 -11.54 5.43 35.37
C MET A 351 -12.15 4.04 35.35
N GLY A 352 -13.05 3.75 36.30
CA GLY A 352 -13.71 2.45 36.31
C GLY A 352 -14.57 2.22 35.09
N TRP A 353 -15.31 3.26 34.66
CA TRP A 353 -16.13 3.10 33.47
C TRP A 353 -15.28 2.86 32.23
N THR A 354 -14.17 3.59 32.09
CA THR A 354 -13.30 3.35 30.94
C THR A 354 -12.48 2.08 31.05
N ASN A 355 -12.43 1.46 32.23
CA ASN A 355 -11.65 0.25 32.46
C ASN A 355 -12.37 -1.02 32.02
N MET A 356 -13.37 -0.90 31.15
CA MET A 356 -14.20 -2.04 30.75
C MET A 356 -13.76 -2.65 29.43
N LEU A 357 -12.73 -2.12 28.78
CA LEU A 357 -12.23 -2.75 27.56
C LEU A 357 -11.51 -4.05 27.84
N TYR A 358 -11.22 -4.36 29.11
CA TYR A 358 -10.56 -5.61 29.44
C TYR A 358 -11.35 -6.82 29.01
N TYR A 359 -12.68 -6.71 28.96
CA TYR A 359 -13.54 -7.85 28.67
C TYR A 359 -13.81 -8.04 27.19
N THR A 360 -13.19 -7.23 26.33
CA THR A 360 -13.35 -7.42 24.89
C THR A 360 -12.56 -8.64 24.42
N ARG A 361 -11.56 -9.07 25.17
CA ARG A 361 -10.92 -10.35 24.89
C ARG A 361 -11.90 -11.47 25.20
N GLY A 362 -11.92 -12.49 24.36
CA GLY A 362 -13.00 -13.46 24.30
C GLY A 362 -13.90 -13.26 23.11
N PHE A 363 -13.82 -12.10 22.46
CA PHE A 363 -14.42 -11.85 21.16
C PHE A 363 -13.30 -11.44 20.22
N GLN A 364 -13.23 -12.09 19.06
CA GLN A 364 -12.05 -11.99 18.20
C GLN A 364 -11.83 -10.57 17.71
N GLN A 365 -12.77 -10.03 16.94
CA GLN A 365 -12.56 -8.76 16.26
C GLN A 365 -12.42 -7.62 17.27
N MET A 366 -13.27 -7.62 18.31
CA MET A 366 -13.17 -6.59 19.35
C MET A 366 -11.82 -6.67 20.06
N GLY A 367 -11.35 -7.89 20.34
CA GLY A 367 -10.06 -8.05 20.97
C GLY A 367 -8.93 -7.49 20.12
N ILE A 368 -8.97 -7.75 18.81
CA ILE A 368 -7.94 -7.21 17.92
C ILE A 368 -8.00 -5.69 17.92
N TYR A 369 -9.20 -5.13 17.89
CA TYR A 369 -9.35 -3.68 17.93
C TYR A 369 -8.72 -3.10 19.19
N ALA A 370 -9.00 -3.71 20.34
CA ALA A 370 -8.44 -3.21 21.59
C ALA A 370 -6.92 -3.34 21.61
N VAL A 371 -6.39 -4.42 21.04
CA VAL A 371 -4.94 -4.60 20.98
C VAL A 371 -4.31 -3.47 20.18
N MET A 372 -4.89 -3.16 19.02
CA MET A 372 -4.35 -2.03 18.24
C MET A 372 -4.42 -0.73 19.02
N ILE A 373 -5.54 -0.51 19.73
CA ILE A 373 -5.66 0.72 20.51
C ILE A 373 -4.53 0.84 21.52
N GLU A 374 -4.28 -0.22 22.30
CA GLU A 374 -3.27 -0.12 23.34
C GLU A 374 -1.88 0.00 22.75
N LYS A 375 -1.60 -0.71 21.66
CA LYS A 375 -0.31 -0.56 21.01
C LYS A 375 -0.07 0.87 20.57
N MET A 376 -1.08 1.50 19.96
CA MET A 376 -0.91 2.88 19.52
C MET A 376 -0.69 3.81 20.71
N ILE A 377 -1.47 3.63 21.78
CA ILE A 377 -1.27 4.46 22.97
C ILE A 377 0.18 4.35 23.45
N LEU A 378 0.70 3.13 23.54
CA LEU A 378 2.03 2.95 24.12
C LEU A 378 3.15 3.29 23.14
N ARG A 379 2.86 3.41 21.85
CA ARG A 379 3.91 3.59 20.86
C ARG A 379 3.93 4.96 20.18
N ASP A 380 2.90 5.79 20.36
CA ASP A 380 2.86 7.08 19.68
C ASP A 380 2.66 8.29 20.60
N LEU A 381 2.07 8.12 21.78
CA LEU A 381 1.76 9.27 22.62
C LEU A 381 3.02 10.06 22.97
N CYS A 382 4.04 9.38 23.48
CA CYS A 382 5.25 10.06 23.89
C CYS A 382 5.97 10.67 22.70
N ARG A 383 6.01 9.96 21.58
CA ARG A 383 6.77 10.45 20.43
C ARG A 383 6.05 11.58 19.70
N PHE A 384 4.76 11.79 19.95
CA PHE A 384 4.02 12.79 19.21
C PHE A 384 3.50 13.94 20.04
N MET A 385 3.53 13.85 21.37
CA MET A 385 3.13 14.99 22.20
C MET A 385 4.27 15.94 22.52
N PHE A 386 5.52 15.47 22.47
CA PHE A 386 6.65 16.29 22.83
C PHE A 386 6.75 17.52 21.92
N VAL A 387 6.74 17.31 20.61
CA VAL A 387 6.88 18.40 19.66
C VAL A 387 5.72 19.37 19.79
N TYR A 388 4.49 18.84 19.90
CA TYR A 388 3.33 19.72 20.00
C TYR A 388 3.39 20.59 21.24
N LEU A 389 3.78 20.01 22.38
CA LEU A 389 3.87 20.80 23.61
C LEU A 389 4.96 21.86 23.49
N VAL A 390 6.08 21.51 22.86
CA VAL A 390 7.15 22.50 22.67
C VAL A 390 6.63 23.69 21.88
N PHE A 391 5.99 23.41 20.73
CA PHE A 391 5.49 24.49 19.89
C PHE A 391 4.47 25.34 20.65
N LEU A 392 3.54 24.68 21.33
CA LEU A 392 2.49 25.41 22.05
C LEU A 392 3.10 26.33 23.10
N PHE A 393 4.02 25.82 23.91
CA PHE A 393 4.60 26.65 24.96
C PHE A 393 5.38 27.83 24.36
N GLY A 394 6.18 27.58 23.33
CA GLY A 394 6.96 28.67 22.76
C GLY A 394 6.08 29.80 22.24
N PHE A 395 5.09 29.45 21.41
CA PHE A 395 4.26 30.49 20.82
C PHE A 395 3.38 31.16 21.87
N SER A 396 2.93 30.42 22.88
CA SER A 396 2.14 31.04 23.95
C SER A 396 2.96 32.06 24.71
N THR A 397 4.21 31.72 25.04
CA THR A 397 5.06 32.68 25.75
C THR A 397 5.27 33.93 24.91
N ALA A 398 5.54 33.77 23.61
CA ALA A 398 5.71 34.94 22.76
C ALA A 398 4.46 35.82 22.77
N VAL A 399 3.29 35.22 22.54
CA VAL A 399 2.07 35.99 22.45
C VAL A 399 1.79 36.71 23.77
N VAL A 400 1.96 36.02 24.89
CA VAL A 400 1.72 36.66 26.19
C VAL A 400 2.67 37.83 26.38
N THR A 401 3.95 37.67 26.00
CA THR A 401 4.90 38.75 26.17
C THR A 401 4.51 39.97 25.34
N LEU A 402 3.87 39.74 24.18
CA LEU A 402 3.49 40.88 23.34
C LEU A 402 2.39 41.72 23.99
N ILE A 403 1.46 41.09 24.71
CA ILE A 403 0.29 41.81 25.21
C ILE A 403 0.68 42.76 26.34
N GLU A 404 -0.08 43.85 26.47
CA GLU A 404 0.19 44.89 27.46
C GLU A 404 -0.50 44.61 28.79
N ASP A 405 -1.82 44.52 28.79
CA ASP A 405 -2.57 44.24 30.02
C ASP A 405 -4.00 43.90 29.67
N GLY A 406 -4.70 43.25 30.59
CA GLY A 406 -6.09 42.91 30.36
C GLY A 406 -6.43 41.57 31.00
N LYS A 407 -7.46 40.92 30.43
CA LYS A 407 -7.85 39.61 30.90
C LYS A 407 -6.91 38.51 30.41
N TYR A 408 -6.35 38.66 29.21
CA TYR A 408 -5.48 37.65 28.63
C TYR A 408 -4.01 37.91 28.89
N ASN A 409 -3.68 38.57 30.00
CA ASN A 409 -2.30 38.86 30.34
C ASN A 409 -1.64 37.77 31.17
N SER A 410 -2.32 36.65 31.38
CA SER A 410 -1.74 35.51 32.08
C SER A 410 -1.17 34.53 31.07
N LEU A 411 -0.68 33.38 31.54
CA LEU A 411 -0.17 32.33 30.68
C LEU A 411 -1.19 31.21 30.47
N TYR A 412 -1.95 30.89 31.52
CA TYR A 412 -2.99 29.87 31.40
C TYR A 412 -4.05 30.28 30.38
N SER A 413 -4.49 31.54 30.42
CA SER A 413 -5.52 31.99 29.50
C SER A 413 -5.05 31.92 28.06
N THR A 414 -3.84 32.39 27.78
CA THR A 414 -3.34 32.37 26.40
C THR A 414 -3.09 30.95 25.92
N CYS A 415 -2.59 30.08 26.80
CA CYS A 415 -2.41 28.69 26.41
C CYS A 415 -3.74 28.05 26.05
N LEU A 416 -4.79 28.32 26.83
CA LEU A 416 -6.11 27.77 26.51
C LEU A 416 -6.63 28.33 25.19
N GLU A 417 -6.43 29.63 24.97
CA GLU A 417 -6.90 30.25 23.73
C GLU A 417 -6.21 29.66 22.52
N LEU A 418 -4.91 29.40 22.60
CA LEU A 418 -4.20 28.80 21.47
C LEU A 418 -4.49 27.32 21.34
N PHE A 419 -4.87 26.65 22.42
CA PHE A 419 -5.30 25.26 22.30
C PHE A 419 -6.64 25.15 21.60
N LYS A 420 -7.51 26.14 21.78
CA LYS A 420 -8.81 26.11 21.11
C LYS A 420 -8.68 25.96 19.59
N PHE A 421 -7.60 26.45 18.98
CA PHE A 421 -7.42 26.37 17.54
C PHE A 421 -7.41 24.93 17.02
N THR A 422 -6.98 23.97 17.82
CA THR A 422 -6.80 22.60 17.36
C THR A 422 -8.11 21.83 17.28
N ILE A 423 -9.18 22.31 17.91
CA ILE A 423 -10.44 21.60 17.94
C ILE A 423 -11.50 22.38 17.17
N GLY A 424 -11.08 23.34 16.36
CA GLY A 424 -12.01 24.06 15.49
C GLY A 424 -12.71 25.27 16.09
N MET A 425 -12.12 25.91 17.06
CA MET A 425 -12.70 27.12 17.64
C MET A 425 -11.70 28.31 17.64
N GLY A 426 -10.74 28.45 16.69
CA GLY A 426 -9.86 29.60 16.62
C GLY A 426 -10.64 30.89 16.48
N ASP A 427 -10.10 31.96 17.08
CA ASP A 427 -10.74 33.26 17.07
C ASP A 427 -10.03 34.29 16.19
N LEU A 428 -8.71 34.41 16.32
CA LEU A 428 -7.89 35.30 15.51
C LEU A 428 -8.09 36.76 15.87
N GLU A 429 -9.08 37.06 16.72
CA GLU A 429 -9.30 38.42 17.20
C GLU A 429 -9.73 38.40 18.66
N PHE A 430 -9.15 37.53 19.46
CA PHE A 430 -9.61 37.35 20.83
C PHE A 430 -9.16 38.46 21.76
N THR A 431 -8.26 39.34 21.32
CA THR A 431 -7.84 40.48 22.13
C THR A 431 -7.45 41.61 21.19
N GLU A 432 -7.50 42.83 21.73
CA GLU A 432 -7.21 44.02 20.92
C GLU A 432 -6.32 45.02 21.64
N ASN A 433 -5.91 44.71 22.88
CA ASN A 433 -5.09 45.60 23.73
C ASN A 433 -3.64 45.22 23.53
N TYR A 434 -2.98 45.90 22.63
CA TYR A 434 -1.60 45.59 22.28
C TYR A 434 -1.14 46.62 21.27
N ASP A 435 0.06 46.44 20.73
CA ASP A 435 0.59 47.24 19.64
C ASP A 435 1.12 46.32 18.55
N PHE A 436 1.32 46.88 17.36
CA PHE A 436 1.93 46.15 16.24
C PHE A 436 1.10 44.92 15.87
N LYS A 437 -0.10 45.22 15.38
CA LYS A 437 -1.04 44.16 14.99
C LYS A 437 -0.44 43.19 13.97
N ALA A 438 0.47 43.67 13.12
CA ALA A 438 1.06 42.80 12.12
C ALA A 438 1.82 41.65 12.77
N VAL A 439 2.54 41.93 13.85
CA VAL A 439 3.28 40.89 14.56
C VAL A 439 2.32 39.84 15.10
N PHE A 440 1.22 40.30 15.71
CA PHE A 440 0.22 39.38 16.25
C PHE A 440 -0.29 38.45 15.15
N ILE A 441 -0.70 39.02 14.02
CA ILE A 441 -1.25 38.21 12.94
C ILE A 441 -0.22 37.23 12.41
N ILE A 442 1.01 37.69 12.23
CA ILE A 442 2.06 36.81 11.70
C ILE A 442 2.29 35.63 12.64
N LEU A 443 2.37 35.90 13.94
CA LEU A 443 2.59 34.83 14.91
C LEU A 443 1.47 33.80 14.84
N LEU A 444 0.22 34.27 14.82
CA LEU A 444 -0.90 33.34 14.80
C LEU A 444 -0.90 32.49 13.53
N LEU A 445 -0.65 33.11 12.38
CA LEU A 445 -0.65 32.36 11.13
C LEU A 445 0.46 31.31 11.12
N ALA A 446 1.66 31.69 11.57
CA ALA A 446 2.75 30.72 11.62
C ALA A 446 2.40 29.54 12.51
N TYR A 447 1.83 29.82 13.69
CA TYR A 447 1.43 28.74 14.58
C TYR A 447 0.44 27.80 13.91
N VAL A 448 -0.57 28.35 13.25
CA VAL A 448 -1.59 27.51 12.62
C VAL A 448 -0.97 26.62 11.56
N ILE A 449 -0.13 27.20 10.70
CA ILE A 449 0.45 26.42 9.61
C ILE A 449 1.33 25.30 10.16
N LEU A 450 2.16 25.61 11.15
CA LEU A 450 3.05 24.59 11.70
C LEU A 450 2.26 23.46 12.34
N THR A 451 1.21 23.80 13.10
CA THR A 451 0.42 22.77 13.75
C THR A 451 -0.26 21.85 12.74
N TYR A 452 -0.80 22.42 11.66
CA TYR A 452 -1.47 21.57 10.68
C TYR A 452 -0.48 20.68 9.94
N ILE A 453 0.70 21.21 9.60
CA ILE A 453 1.73 20.37 9.01
C ILE A 453 2.07 19.23 9.95
N LEU A 454 2.17 19.52 11.24
CA LEU A 454 2.54 18.49 12.21
C LEU A 454 1.48 17.40 12.28
N LEU A 455 0.20 17.77 12.29
CA LEU A 455 -0.86 16.76 12.31
C LEU A 455 -0.82 15.90 11.05
N LEU A 456 -0.63 16.52 9.89
CA LEU A 456 -0.53 15.75 8.65
C LEU A 456 0.61 14.75 8.74
N ASN A 457 1.78 15.20 9.20
CA ASN A 457 2.92 14.30 9.32
C ASN A 457 2.64 13.16 10.29
N MET A 458 1.95 13.46 11.40
CA MET A 458 1.63 12.41 12.36
C MET A 458 0.77 11.34 11.71
N LEU A 459 -0.30 11.67 10.96
CA LEU A 459 -1.20 10.62 10.35
C LEU A 459 -0.50 9.93 9.18
N ILE A 460 0.41 10.58 8.45
CA ILE A 460 1.12 9.81 7.43
C ILE A 460 2.10 8.83 8.06
N ALA A 461 2.85 9.29 9.07
CA ALA A 461 3.81 8.39 9.73
C ALA A 461 3.09 7.25 10.42
N LEU A 462 1.93 7.53 11.04
CA LEU A 462 1.17 6.46 11.67
C LEU A 462 0.76 5.41 10.66
N MET A 463 0.32 5.71 9.45
CA MET A 463 -0.07 4.56 8.57
C MET A 463 1.19 4.01 7.93
N GLY A 464 2.31 4.75 7.88
CA GLY A 464 3.44 4.14 7.20
C GLY A 464 3.82 2.78 7.77
N GLU A 465 3.78 2.65 9.10
CA GLU A 465 4.21 1.39 9.73
C GLU A 465 3.37 0.21 9.28
N THR A 466 2.10 0.42 8.95
CA THR A 466 1.21 -0.68 8.55
C THR A 466 1.41 -0.95 7.06
N VAL A 467 2.30 -1.90 6.78
CA VAL A 467 2.54 -2.37 5.42
C VAL A 467 1.77 -3.67 5.26
N ASN A 468 0.70 -3.82 6.04
CA ASN A 468 -0.04 -5.04 6.34
C ASN A 468 0.65 -5.81 7.46
N LYS A 469 1.76 -5.31 8.01
CA LYS A 469 2.43 -5.95 9.14
C LYS A 469 1.92 -5.39 10.47
N ILE A 470 0.60 -5.34 10.63
CA ILE A 470 0.00 -4.95 11.90
C ILE A 470 -1.10 -5.88 12.36
N ALA A 471 -1.76 -6.62 11.46
CA ALA A 471 -2.84 -7.51 11.86
C ALA A 471 -2.33 -8.87 12.32
N GLN A 472 -1.32 -9.42 11.64
CA GLN A 472 -0.80 -10.73 12.00
C GLN A 472 -0.19 -10.72 13.40
N GLU A 473 0.43 -9.61 13.80
CA GLU A 473 0.93 -9.48 15.17
C GLU A 473 -0.20 -9.27 16.16
N SER A 474 -1.23 -8.52 15.78
CA SER A 474 -2.35 -8.27 16.68
C SER A 474 -3.08 -9.57 17.01
N LYS A 475 -3.29 -10.42 16.01
CA LYS A 475 -3.97 -11.69 16.27
C LYS A 475 -3.17 -12.55 17.24
N ASN A 476 -1.85 -12.62 17.06
CA ASN A 476 -1.02 -13.41 17.95
C ASN A 476 -1.03 -12.85 19.37
N ILE A 477 -0.99 -11.52 19.51
CA ILE A 477 -1.03 -10.92 20.84
C ILE A 477 -2.36 -11.24 21.51
N TRP A 478 -3.46 -11.15 20.77
CA TRP A 478 -4.76 -11.49 21.34
C TRP A 478 -4.81 -12.95 21.78
N LYS A 479 -4.24 -13.85 20.97
CA LYS A 479 -4.22 -15.25 21.35
C LYS A 479 -3.43 -15.47 22.63
N LEU A 480 -2.28 -14.79 22.76
CA LEU A 480 -1.50 -14.90 23.98
C LEU A 480 -2.27 -14.39 25.19
N GLN A 481 -2.98 -13.27 25.02
CA GLN A 481 -3.78 -12.74 26.12
C GLN A 481 -4.85 -13.73 26.56
N ARG A 482 -5.56 -14.33 25.60
CA ARG A 482 -6.58 -15.30 25.95
C ARG A 482 -5.97 -16.53 26.61
N ALA A 483 -4.79 -16.95 26.17
CA ALA A 483 -4.12 -18.08 26.81
C ALA A 483 -3.80 -17.77 28.26
N ILE A 484 -3.30 -16.57 28.53
CA ILE A 484 -3.02 -16.17 29.91
C ILE A 484 -4.30 -16.21 30.74
N THR A 485 -5.40 -15.70 30.18
CA THR A 485 -6.67 -15.74 30.91
C THR A 485 -7.10 -17.17 31.22
N ILE A 486 -6.96 -18.07 30.24
CA ILE A 486 -7.36 -19.46 30.45
C ILE A 486 -6.52 -20.08 31.55
N LEU A 487 -5.21 -19.87 31.52
CA LEU A 487 -4.35 -20.45 32.54
C LEU A 487 -4.69 -19.92 33.92
N ASP A 488 -4.92 -18.61 34.04
CA ASP A 488 -5.26 -18.05 35.34
C ASP A 488 -6.57 -18.60 35.86
N THR A 489 -7.58 -18.68 34.99
CA THR A 489 -8.87 -19.21 35.42
C THR A 489 -8.76 -20.66 35.86
N GLU A 490 -7.99 -21.46 35.11
CA GLU A 490 -7.81 -22.86 35.50
C GLU A 490 -7.12 -22.97 36.86
N LYS A 491 -6.06 -22.16 37.06
CA LYS A 491 -5.37 -22.20 38.35
C LYS A 491 -6.31 -21.83 39.49
N SER A 492 -7.11 -20.80 39.31
CA SER A 492 -8.10 -20.39 40.31
C SER A 492 -9.34 -21.25 40.11
N PHE A 493 -9.39 -22.38 40.81
CA PHE A 493 -10.50 -23.32 40.66
C PHE A 493 -11.83 -22.61 40.90
N LEU A 494 -12.80 -22.86 40.03
CA LEU A 494 -14.14 -22.32 40.24
C LEU A 494 -14.74 -22.92 41.50
N LYS A 495 -15.13 -22.07 42.44
CA LYS A 495 -15.63 -22.53 43.73
C LYS A 495 -14.70 -23.59 44.30
N CYS A 496 -15.25 -24.67 44.86
CA CYS A 496 -14.45 -25.76 45.39
C CYS A 496 -14.43 -26.98 44.47
N MET A 497 -15.13 -26.92 43.34
CA MET A 497 -15.20 -28.05 42.41
C MET A 497 -13.95 -28.12 41.55
N ARG A 498 -13.72 -29.30 40.98
CA ARG A 498 -12.53 -29.54 40.15
C ARG A 498 -12.89 -30.61 39.13
N LYS A 499 -13.19 -30.19 37.90
CA LYS A 499 -13.54 -31.11 36.83
C LYS A 499 -12.61 -31.05 35.63
N ALA A 500 -11.81 -30.00 35.47
CA ALA A 500 -10.98 -29.86 34.28
C ALA A 500 -9.92 -30.95 34.22
N PHE A 501 -9.68 -31.46 33.01
CA PHE A 501 -8.59 -32.38 32.77
C PHE A 501 -8.35 -32.49 31.27
N ARG A 502 -7.10 -32.77 30.91
CA ARG A 502 -6.67 -32.64 29.52
C ARG A 502 -7.50 -33.48 28.55
N SER A 503 -7.44 -34.81 28.68
CA SER A 503 -8.05 -35.70 27.71
C SER A 503 -8.13 -37.10 28.33
N GLY A 504 -8.47 -38.08 27.51
CA GLY A 504 -8.77 -39.43 28.00
C GLY A 504 -7.55 -40.34 28.05
N LYS A 505 -7.60 -41.28 28.99
CA LYS A 505 -6.55 -42.29 29.12
C LYS A 505 -6.66 -43.29 27.98
N LEU A 506 -5.51 -43.75 27.49
CA LEU A 506 -5.51 -44.60 26.30
C LEU A 506 -4.23 -45.42 26.25
N LEU A 507 -4.30 -46.54 25.54
CA LEU A 507 -3.17 -47.43 25.28
C LEU A 507 -2.79 -47.30 23.81
N GLN A 508 -1.56 -46.88 23.55
CA GLN A 508 -1.10 -46.64 22.19
C GLN A 508 0.08 -47.50 21.79
N VAL A 509 1.13 -47.57 22.63
CA VAL A 509 2.32 -48.33 22.27
C VAL A 509 2.25 -49.78 22.70
N GLY A 510 1.36 -50.11 23.63
CA GLY A 510 1.23 -51.48 24.09
C GLY A 510 2.20 -51.86 25.18
N PHE A 511 3.48 -52.01 24.84
CA PHE A 511 4.46 -52.51 25.78
C PHE A 511 5.78 -51.78 25.62
N THR A 512 6.41 -51.47 26.75
CA THR A 512 7.73 -50.84 26.80
C THR A 512 8.78 -51.92 26.59
N PRO A 513 10.07 -51.60 26.60
CA PRO A 513 11.07 -52.67 26.61
C PRO A 513 10.86 -53.65 27.76
N ASP A 514 10.36 -53.17 28.89
CA ASP A 514 9.91 -54.07 29.94
C ASP A 514 8.53 -54.61 29.61
N GLY A 515 8.14 -55.68 30.31
CA GLY A 515 6.89 -56.34 30.01
C GLY A 515 5.68 -55.46 30.26
N LYS A 516 5.74 -54.63 31.29
CA LYS A 516 4.58 -53.85 31.71
C LYS A 516 4.15 -52.88 30.61
N ASP A 517 2.85 -52.69 30.50
CA ASP A 517 2.25 -51.78 29.54
C ASP A 517 2.33 -50.35 30.07
N ASP A 518 1.71 -49.39 29.38
CA ASP A 518 1.76 -48.00 29.83
C ASP A 518 0.60 -47.22 29.26
N TYR A 519 0.28 -46.10 29.92
CA TYR A 519 -0.77 -45.18 29.50
C TYR A 519 -0.19 -43.78 29.49
N ARG A 520 -0.58 -42.96 28.49
CA ARG A 520 0.08 -41.68 28.32
C ARG A 520 -0.86 -40.55 27.92
N TRP A 521 -2.12 -40.59 28.35
CA TRP A 521 -3.00 -39.41 28.30
C TRP A 521 -2.94 -38.70 26.94
N CYS A 522 -3.39 -39.40 25.90
CA CYS A 522 -3.29 -38.86 24.56
C CYS A 522 -4.42 -37.88 24.26
N PHE A 523 -4.34 -37.26 23.08
CA PHE A 523 -5.29 -36.24 22.61
C PHE A 523 -5.44 -36.42 21.10
N ARG A 524 -6.51 -37.09 20.68
CA ARG A 524 -6.64 -37.50 19.29
C ARG A 524 -7.00 -36.33 18.39
N VAL A 525 -6.51 -36.39 17.14
CA VAL A 525 -6.78 -35.39 16.11
C VAL A 525 -7.07 -36.14 14.81
N ASP A 526 -8.14 -35.74 14.13
CA ASP A 526 -8.53 -36.36 12.87
C ASP A 526 -8.13 -35.45 11.71
N GLU A 527 -7.47 -36.02 10.71
CA GLU A 527 -7.00 -35.27 9.56
C GLU A 527 -7.21 -36.10 8.30
N VAL A 528 -7.43 -35.42 7.18
CA VAL A 528 -7.73 -36.06 5.90
C VAL A 528 -6.65 -35.69 4.91
N ASN A 529 -6.01 -36.70 4.32
CA ASN A 529 -4.96 -36.51 3.33
C ASN A 529 -5.41 -37.11 2.00
N TRP A 530 -5.30 -36.34 0.93
CA TRP A 530 -5.70 -36.76 -0.41
C TRP A 530 -4.50 -37.01 -1.31
N THR A 531 -3.46 -36.19 -1.21
CA THR A 531 -2.27 -36.32 -2.02
C THR A 531 -1.17 -37.05 -1.25
N THR A 532 -0.02 -37.22 -1.89
CA THR A 532 1.14 -37.88 -1.28
C THR A 532 0.75 -39.21 -0.66
N TRP A 533 0.26 -40.10 -1.51
CA TRP A 533 -0.15 -41.43 -1.07
C TRP A 533 1.06 -42.36 -0.95
N SER B 1 -22.71 -51.06 15.84
CA SER B 1 -23.47 -50.07 15.01
C SER B 1 -22.51 -49.17 14.23
N TYR B 2 -21.28 -49.03 14.73
CA TYR B 2 -20.31 -48.12 14.14
C TYR B 2 -19.61 -48.75 12.94
N TYR B 3 -19.18 -50.00 13.07
CA TYR B 3 -18.56 -50.74 11.97
C TYR B 3 -19.52 -51.74 11.32
N LYS B 4 -20.80 -51.68 11.67
CA LYS B 4 -21.76 -52.65 11.20
C LYS B 4 -21.96 -52.54 9.68
N GLY B 5 -22.22 -53.69 9.05
CA GLY B 5 -22.55 -53.74 7.64
C GLY B 5 -21.39 -53.98 6.70
N GLN B 6 -20.15 -53.91 7.20
CA GLN B 6 -19.00 -54.09 6.32
C GLN B 6 -18.95 -55.51 5.76
N THR B 7 -18.40 -55.65 4.56
CA THR B 7 -18.34 -56.92 3.86
C THR B 7 -16.95 -57.10 3.27
N ALA B 8 -16.58 -58.36 3.04
CA ALA B 8 -15.22 -58.67 2.62
C ALA B 8 -14.84 -57.96 1.32
N LEU B 9 -15.81 -57.77 0.42
CA LEU B 9 -15.51 -57.09 -0.84
C LEU B 9 -14.94 -55.71 -0.60
N HIS B 10 -15.47 -54.99 0.38
CA HIS B 10 -14.99 -53.64 0.65
C HIS B 10 -13.53 -53.65 1.08
N ILE B 11 -13.17 -54.53 2.01
CA ILE B 11 -11.77 -54.65 2.42
C ILE B 11 -10.90 -55.00 1.20
N ALA B 12 -11.30 -56.02 0.45
CA ALA B 12 -10.51 -56.41 -0.72
C ALA B 12 -10.28 -55.22 -1.64
N ILE B 13 -11.33 -54.42 -1.87
CA ILE B 13 -11.19 -53.27 -2.76
C ILE B 13 -10.23 -52.25 -2.19
N GLU B 14 -10.32 -51.96 -0.89
CA GLU B 14 -9.61 -50.84 -0.31
C GLU B 14 -8.22 -51.20 0.23
N ARG B 15 -7.73 -52.42 -0.07
CA ARG B 15 -6.36 -52.78 0.26
C ARG B 15 -5.41 -52.74 -0.92
N ARG B 16 -5.91 -52.51 -2.14
CA ARG B 16 -5.07 -52.39 -3.32
C ARG B 16 -4.50 -53.74 -3.77
N ASN B 17 -5.23 -54.83 -3.51
CA ASN B 17 -4.78 -56.17 -3.89
C ASN B 17 -5.68 -56.67 -5.01
N MET B 18 -5.21 -56.52 -6.25
CA MET B 18 -5.99 -56.95 -7.40
C MET B 18 -6.20 -58.46 -7.40
N THR B 19 -5.15 -59.23 -7.13
CA THR B 19 -5.26 -60.69 -7.19
C THR B 19 -6.23 -61.21 -6.14
N LEU B 20 -6.15 -60.69 -4.92
CA LEU B 20 -7.07 -61.12 -3.88
C LEU B 20 -8.51 -60.75 -4.24
N VAL B 21 -8.70 -59.57 -4.81
CA VAL B 21 -10.03 -59.15 -5.22
C VAL B 21 -10.58 -60.11 -6.26
N THR B 22 -9.77 -60.46 -7.26
CA THR B 22 -10.21 -61.39 -8.30
C THR B 22 -10.56 -62.74 -7.71
N LEU B 23 -9.70 -63.26 -6.83
CA LEU B 23 -9.96 -64.57 -6.23
C LEU B 23 -11.23 -64.56 -5.41
N LEU B 24 -11.47 -63.49 -4.65
CA LEU B 24 -12.70 -63.40 -3.87
C LEU B 24 -13.91 -63.29 -4.78
N VAL B 25 -13.78 -62.56 -5.91
CA VAL B 25 -14.90 -62.43 -6.84
C VAL B 25 -15.23 -63.78 -7.46
N GLU B 26 -14.21 -64.61 -7.70
CA GLU B 26 -14.44 -65.92 -8.32
C GLU B 26 -15.37 -66.79 -7.49
N ASN B 27 -15.49 -66.54 -6.19
CA ASN B 27 -16.33 -67.39 -5.32
C ASN B 27 -17.79 -67.23 -5.73
N GLY B 28 -18.23 -66.02 -6.10
CA GLY B 28 -19.63 -65.75 -6.39
C GLY B 28 -20.34 -64.87 -5.39
N ALA B 29 -19.61 -64.15 -4.55
CA ALA B 29 -20.24 -63.29 -3.56
C ALA B 29 -20.99 -62.16 -4.24
N ASP B 30 -22.10 -61.76 -3.63
CA ASP B 30 -22.92 -60.69 -4.18
C ASP B 30 -22.14 -59.39 -4.26
N VAL B 31 -22.33 -58.65 -5.35
CA VAL B 31 -21.67 -57.37 -5.56
C VAL B 31 -22.64 -56.21 -5.40
N GLN B 32 -23.73 -56.42 -4.67
CA GLN B 32 -24.70 -55.37 -4.38
C GLN B 32 -24.92 -55.20 -2.88
N ALA B 33 -23.99 -55.65 -2.06
CA ALA B 33 -24.12 -55.48 -0.62
C ALA B 33 -23.91 -54.03 -0.23
N ALA B 34 -24.74 -53.55 0.69
CA ALA B 34 -24.69 -52.17 1.15
C ALA B 34 -24.46 -52.14 2.65
N ALA B 35 -23.51 -51.30 3.09
CA ALA B 35 -23.17 -51.16 4.50
C ALA B 35 -23.92 -49.96 5.06
N ASN B 36 -24.71 -50.21 6.10
CA ASN B 36 -25.51 -49.16 6.75
C ASN B 36 -24.90 -48.68 8.06
N GLY B 37 -23.63 -49.01 8.31
CA GLY B 37 -23.01 -48.60 9.56
C GLY B 37 -22.92 -47.10 9.69
N ASP B 38 -22.93 -46.63 10.94
CA ASP B 38 -22.85 -45.20 11.20
C ASP B 38 -21.52 -44.59 10.76
N PHE B 39 -20.48 -45.41 10.62
CA PHE B 39 -19.18 -44.91 10.20
C PHE B 39 -19.23 -44.34 8.79
N PHE B 40 -20.26 -44.69 8.02
CA PHE B 40 -20.42 -44.22 6.65
C PHE B 40 -21.51 -43.17 6.50
N LYS B 41 -21.97 -42.60 7.62
CA LYS B 41 -23.04 -41.62 7.58
C LYS B 41 -22.51 -40.26 7.10
N LYS B 42 -23.45 -39.37 6.77
CA LYS B 42 -23.08 -38.07 6.20
C LYS B 42 -22.25 -37.26 7.18
N THR B 43 -22.85 -36.81 8.28
CA THR B 43 -22.17 -35.95 9.25
C THR B 43 -22.53 -36.37 10.67
N LYS B 44 -22.77 -37.67 10.87
CA LYS B 44 -23.05 -38.20 12.21
C LYS B 44 -21.73 -38.54 12.87
N GLY B 45 -21.19 -37.56 13.59
CA GLY B 45 -19.87 -37.68 14.18
C GLY B 45 -18.79 -37.29 13.19
N ARG B 46 -17.82 -36.51 13.64
CA ARG B 46 -16.78 -36.04 12.73
C ARG B 46 -16.09 -37.17 11.98
N PRO B 47 -15.71 -38.28 12.61
CA PRO B 47 -15.10 -39.38 11.86
C PRO B 47 -16.08 -39.97 10.84
N GLY B 48 -15.53 -40.44 9.72
CA GLY B 48 -16.34 -41.06 8.69
C GLY B 48 -15.80 -40.81 7.29
N PHE B 49 -16.12 -41.72 6.37
CA PHE B 49 -15.71 -41.60 4.96
C PHE B 49 -16.89 -42.02 4.09
N TYR B 50 -17.66 -41.05 3.60
CA TYR B 50 -18.75 -41.35 2.70
C TYR B 50 -18.21 -41.66 1.31
N PHE B 51 -18.65 -42.79 0.75
CA PHE B 51 -18.13 -43.22 -0.55
C PHE B 51 -19.22 -43.80 -1.45
N GLY B 52 -20.49 -43.58 -1.13
CA GLY B 52 -21.59 -44.03 -1.97
C GLY B 52 -22.26 -45.30 -1.52
N GLU B 53 -21.66 -46.05 -0.60
CA GLU B 53 -22.24 -47.25 0.00
C GLU B 53 -22.23 -48.46 -0.93
N LEU B 54 -21.63 -48.37 -2.11
CA LEU B 54 -21.58 -49.47 -3.06
C LEU B 54 -20.13 -49.79 -3.41
N PRO B 55 -19.80 -51.06 -3.64
CA PRO B 55 -18.40 -51.39 -3.98
C PRO B 55 -17.91 -50.69 -5.23
N LEU B 56 -18.77 -50.52 -6.23
CA LEU B 56 -18.37 -49.82 -7.45
C LEU B 56 -17.99 -48.38 -7.13
N SER B 57 -18.79 -47.71 -6.31
CA SER B 57 -18.45 -46.35 -5.90
C SER B 57 -17.17 -46.33 -5.09
N LEU B 58 -16.97 -47.32 -4.22
CA LEU B 58 -15.74 -47.38 -3.44
C LEU B 58 -14.52 -47.46 -4.35
N ALA B 59 -14.59 -48.31 -5.36
CA ALA B 59 -13.50 -48.42 -6.32
C ALA B 59 -13.31 -47.10 -7.08
N ALA B 60 -14.41 -46.48 -7.49
CA ALA B 60 -14.33 -45.25 -8.27
C ALA B 60 -13.66 -44.13 -7.49
N CYS B 61 -14.00 -43.98 -6.21
CA CYS B 61 -13.57 -42.83 -5.42
C CYS B 61 -12.21 -43.02 -4.78
N THR B 62 -11.53 -44.13 -4.99
CA THR B 62 -10.26 -44.44 -4.34
C THR B 62 -9.14 -44.68 -5.34
N ASN B 63 -9.14 -43.94 -6.45
CA ASN B 63 -8.07 -43.97 -7.45
C ASN B 63 -8.00 -45.30 -8.21
N GLN B 64 -8.96 -46.19 -8.01
CA GLN B 64 -8.91 -47.53 -8.63
C GLN B 64 -9.49 -47.45 -10.03
N LEU B 65 -8.66 -47.73 -11.03
CA LEU B 65 -9.08 -47.71 -12.43
C LEU B 65 -9.13 -49.11 -13.03
N ALA B 66 -8.02 -49.86 -12.96
CA ALA B 66 -8.05 -51.23 -13.45
C ALA B 66 -9.05 -52.09 -12.69
N ILE B 67 -9.14 -51.88 -11.37
CA ILE B 67 -10.06 -52.67 -10.57
C ILE B 67 -11.50 -52.38 -10.97
N VAL B 68 -11.84 -51.11 -11.16
CA VAL B 68 -13.22 -50.77 -11.54
C VAL B 68 -13.52 -51.31 -12.94
N LYS B 69 -12.55 -51.22 -13.85
CA LYS B 69 -12.74 -51.82 -15.18
C LYS B 69 -13.01 -53.31 -15.06
N PHE B 70 -12.24 -54.02 -14.22
CA PHE B 70 -12.45 -55.45 -14.05
C PHE B 70 -13.83 -55.75 -13.49
N LEU B 71 -14.25 -54.99 -12.46
CA LEU B 71 -15.58 -55.21 -11.89
C LEU B 71 -16.66 -54.98 -12.93
N LEU B 72 -16.51 -53.97 -13.77
CA LEU B 72 -17.54 -53.64 -14.75
C LEU B 72 -17.47 -54.50 -16.01
N GLN B 73 -16.39 -55.26 -16.19
CA GLN B 73 -16.18 -56.04 -17.42
C GLN B 73 -15.98 -57.53 -17.16
N ASN B 74 -16.62 -58.09 -16.13
CA ASN B 74 -16.50 -59.51 -15.83
C ASN B 74 -17.63 -60.28 -16.51
N SER B 75 -17.33 -61.50 -16.95
CA SER B 75 -18.34 -62.35 -17.55
C SER B 75 -19.20 -63.08 -16.52
N TRP B 76 -18.76 -63.13 -15.26
CA TRP B 76 -19.51 -63.85 -14.24
C TRP B 76 -20.79 -63.09 -13.86
N GLN B 77 -20.63 -61.86 -13.38
CA GLN B 77 -21.78 -61.07 -12.94
C GLN B 77 -21.44 -59.58 -12.97
N PRO B 78 -21.64 -58.91 -14.10
CA PRO B 78 -21.32 -57.48 -14.15
C PRO B 78 -22.21 -56.68 -13.19
N ALA B 79 -21.62 -55.62 -12.62
CA ALA B 79 -22.35 -54.79 -11.68
C ALA B 79 -23.13 -53.72 -12.42
N ASP B 80 -24.42 -53.58 -12.10
CA ASP B 80 -25.25 -52.58 -12.73
C ASP B 80 -24.80 -51.17 -12.33
N ILE B 81 -24.97 -50.23 -13.25
CA ILE B 81 -24.56 -48.85 -13.01
C ILE B 81 -25.69 -48.04 -12.40
N SER B 82 -26.92 -48.39 -12.71
CA SER B 82 -28.08 -47.60 -12.23
C SER B 82 -28.38 -47.91 -10.75
N ALA B 83 -27.50 -48.57 -10.00
CA ALA B 83 -27.77 -48.85 -8.59
C ALA B 83 -27.85 -47.56 -7.79
N ARG B 84 -28.69 -47.57 -6.77
CA ARG B 84 -28.85 -46.43 -5.87
C ARG B 84 -28.86 -46.93 -4.43
N ASP B 85 -28.20 -46.18 -3.54
CA ASP B 85 -28.09 -46.57 -2.14
C ASP B 85 -29.30 -46.05 -1.37
N SER B 86 -29.23 -46.11 -0.04
CA SER B 86 -30.35 -45.67 0.79
C SER B 86 -30.68 -44.20 0.53
N VAL B 87 -29.65 -43.35 0.43
CA VAL B 87 -29.87 -41.93 0.14
C VAL B 87 -30.22 -41.69 -1.32
N GLY B 88 -29.90 -42.63 -2.21
CA GLY B 88 -30.23 -42.49 -3.62
C GLY B 88 -29.08 -42.04 -4.49
N ASN B 89 -27.95 -41.65 -3.91
CA ASN B 89 -26.83 -41.19 -4.71
C ASN B 89 -26.29 -42.30 -5.58
N THR B 90 -25.82 -41.94 -6.77
CA THR B 90 -25.21 -42.86 -7.71
C THR B 90 -23.69 -42.68 -7.66
N VAL B 91 -22.97 -43.45 -8.47
CA VAL B 91 -21.52 -43.29 -8.54
C VAL B 91 -21.15 -41.87 -8.95
N LEU B 92 -21.90 -41.30 -9.90
CA LEU B 92 -21.64 -39.93 -10.33
C LEU B 92 -21.90 -38.94 -9.20
N HIS B 93 -23.01 -39.11 -8.48
CA HIS B 93 -23.30 -38.23 -7.36
C HIS B 93 -22.21 -38.32 -6.29
N ALA B 94 -21.76 -39.54 -5.98
CA ALA B 94 -20.68 -39.69 -5.01
C ALA B 94 -19.40 -39.03 -5.49
N LEU B 95 -19.07 -39.19 -6.77
CA LEU B 95 -17.90 -38.52 -7.32
C LEU B 95 -18.00 -37.01 -7.16
N VAL B 96 -19.18 -36.45 -7.42
CA VAL B 96 -19.37 -35.02 -7.25
C VAL B 96 -19.20 -34.62 -5.79
N GLU B 97 -19.76 -35.43 -4.89
CA GLU B 97 -19.80 -35.05 -3.47
C GLU B 97 -18.43 -35.16 -2.82
N VAL B 98 -17.57 -36.04 -3.34
CA VAL B 98 -16.25 -36.22 -2.75
C VAL B 98 -15.32 -35.04 -2.99
N ALA B 99 -15.59 -34.25 -4.03
CA ALA B 99 -14.67 -33.16 -4.39
C ALA B 99 -14.60 -32.11 -3.28
N ASP B 100 -13.41 -31.54 -3.10
CA ASP B 100 -13.22 -30.50 -2.10
C ASP B 100 -12.36 -29.34 -2.61
N ASN B 101 -12.37 -29.05 -3.91
CA ASN B 101 -11.72 -27.87 -4.47
C ASN B 101 -10.21 -27.88 -4.21
N THR B 102 -9.53 -28.89 -4.75
CA THR B 102 -8.08 -28.92 -4.79
C THR B 102 -7.63 -29.39 -6.18
N VAL B 103 -6.56 -28.78 -6.68
CA VAL B 103 -6.19 -28.95 -8.08
C VAL B 103 -5.97 -30.42 -8.40
N ASP B 104 -5.18 -31.12 -7.58
CA ASP B 104 -4.95 -32.54 -7.82
C ASP B 104 -6.25 -33.32 -7.68
N ASN B 105 -7.04 -33.01 -6.65
CA ASN B 105 -8.32 -33.66 -6.47
C ASN B 105 -9.25 -33.38 -7.66
N THR B 106 -9.25 -32.14 -8.15
CA THR B 106 -10.12 -31.80 -9.28
C THR B 106 -9.74 -32.57 -10.53
N LYS B 107 -8.43 -32.64 -10.84
CA LYS B 107 -8.02 -33.38 -12.03
C LYS B 107 -8.33 -34.87 -11.89
N PHE B 108 -8.08 -35.43 -10.72
CA PHE B 108 -8.46 -36.82 -10.48
C PHE B 108 -9.94 -37.04 -10.72
N VAL B 109 -10.78 -36.19 -10.14
CA VAL B 109 -12.22 -36.38 -10.22
C VAL B 109 -12.69 -36.27 -11.66
N THR B 110 -12.19 -35.27 -12.39
CA THR B 110 -12.63 -35.10 -13.77
C THR B 110 -12.18 -36.25 -14.65
N SER B 111 -10.94 -36.72 -14.47
CA SER B 111 -10.47 -37.85 -15.26
C SER B 111 -11.32 -39.09 -15.00
N MET B 112 -11.57 -39.39 -13.72
CA MET B 112 -12.38 -40.57 -13.40
C MET B 112 -13.80 -40.42 -13.94
N TYR B 113 -14.38 -39.22 -13.83
CA TYR B 113 -15.71 -38.96 -14.36
C TYR B 113 -15.77 -39.25 -15.85
N ASN B 114 -14.80 -38.70 -16.60
CA ASN B 114 -14.80 -38.91 -18.04
C ASN B 114 -14.67 -40.39 -18.38
N GLU B 115 -13.76 -41.09 -17.70
CA GLU B 115 -13.55 -42.51 -18.03
C GLU B 115 -14.82 -43.32 -17.76
N ILE B 116 -15.42 -43.14 -16.58
CA ILE B 116 -16.61 -43.93 -16.25
C ILE B 116 -17.74 -43.60 -17.22
N LEU B 117 -17.88 -42.32 -17.58
CA LEU B 117 -18.96 -41.93 -18.47
C LEU B 117 -18.79 -42.56 -19.85
N ILE B 118 -17.57 -42.55 -20.38
CA ILE B 118 -17.35 -43.12 -21.71
C ILE B 118 -17.56 -44.63 -21.68
N LEU B 119 -17.10 -45.30 -20.61
CA LEU B 119 -17.35 -46.73 -20.51
C LEU B 119 -18.84 -47.03 -20.44
N GLY B 120 -19.58 -46.26 -19.65
CA GLY B 120 -21.02 -46.48 -19.56
C GLY B 120 -21.71 -46.26 -20.89
N ALA B 121 -21.30 -45.23 -21.63
CA ALA B 121 -21.87 -45.01 -22.96
C ALA B 121 -21.55 -46.17 -23.89
N LYS B 122 -20.31 -46.67 -23.84
CA LYS B 122 -19.91 -47.75 -24.73
C LYS B 122 -20.71 -49.03 -24.45
N LEU B 123 -20.87 -49.37 -23.16
CA LEU B 123 -21.49 -50.65 -22.83
C LEU B 123 -22.99 -50.64 -23.13
N HIS B 124 -23.70 -49.58 -22.72
CA HIS B 124 -25.14 -49.47 -22.90
C HIS B 124 -25.46 -48.10 -23.51
N PRO B 125 -25.29 -47.96 -24.82
CA PRO B 125 -25.54 -46.65 -25.45
C PRO B 125 -26.98 -46.18 -25.35
N THR B 126 -27.94 -47.09 -25.13
CA THR B 126 -29.34 -46.69 -25.12
C THR B 126 -29.68 -45.81 -23.92
N LEU B 127 -29.07 -46.09 -22.76
CA LEU B 127 -29.42 -45.40 -21.52
C LEU B 127 -28.53 -44.17 -21.34
N LYS B 128 -29.05 -43.19 -20.61
CA LYS B 128 -28.32 -41.97 -20.27
C LYS B 128 -28.27 -41.83 -18.76
N LEU B 129 -27.08 -41.52 -18.24
CA LEU B 129 -26.87 -41.48 -16.80
C LEU B 129 -27.17 -40.13 -16.19
N GLU B 130 -26.88 -39.04 -16.89
CA GLU B 130 -26.94 -37.71 -16.29
C GLU B 130 -28.34 -37.26 -15.91
N GLU B 131 -29.39 -37.95 -16.37
CA GLU B 131 -30.75 -37.55 -16.08
C GLU B 131 -31.37 -38.30 -14.91
N ILE B 132 -30.61 -39.17 -14.24
CA ILE B 132 -31.11 -39.89 -13.07
C ILE B 132 -30.97 -38.99 -11.85
N THR B 133 -32.05 -38.87 -11.08
CA THR B 133 -32.10 -37.95 -9.95
C THR B 133 -32.33 -38.71 -8.65
N ASN B 134 -31.78 -38.17 -7.57
CA ASN B 134 -31.95 -38.76 -6.25
C ASN B 134 -33.28 -38.28 -5.66
N ARG B 135 -33.49 -38.53 -4.37
CA ARG B 135 -34.77 -38.20 -3.75
C ARG B 135 -35.03 -36.69 -3.78
N LYS B 136 -34.00 -35.90 -3.51
CA LYS B 136 -34.17 -34.44 -3.49
C LYS B 136 -34.40 -33.84 -4.87
N GLY B 137 -34.48 -34.67 -5.91
CA GLY B 137 -34.68 -34.15 -7.26
C GLY B 137 -33.50 -33.36 -7.79
N LEU B 138 -32.28 -33.80 -7.48
CA LEU B 138 -31.06 -33.13 -7.90
C LEU B 138 -30.27 -34.06 -8.80
N THR B 139 -29.91 -33.57 -9.98
CA THR B 139 -29.00 -34.28 -10.87
C THR B 139 -27.56 -33.96 -10.49
N PRO B 140 -26.59 -34.69 -11.05
CA PRO B 140 -25.19 -34.37 -10.73
C PRO B 140 -24.81 -32.93 -11.01
N LEU B 141 -25.34 -32.35 -12.10
CA LEU B 141 -25.05 -30.95 -12.39
C LEU B 141 -25.67 -30.02 -11.36
N ALA B 142 -26.94 -30.26 -11.03
CA ALA B 142 -27.59 -29.44 -10.01
C ALA B 142 -26.92 -29.60 -8.65
N LEU B 143 -26.53 -30.84 -8.31
CA LEU B 143 -25.84 -31.06 -7.04
C LEU B 143 -24.50 -30.33 -7.01
N ALA B 144 -23.76 -30.37 -8.12
CA ALA B 144 -22.50 -29.64 -8.18
C ALA B 144 -22.71 -28.14 -8.02
N ALA B 145 -23.74 -27.60 -8.69
CA ALA B 145 -23.99 -26.17 -8.59
C ALA B 145 -24.40 -25.77 -7.18
N SER B 146 -25.24 -26.58 -6.53
CA SER B 146 -25.77 -26.21 -5.22
C SER B 146 -24.68 -26.12 -4.16
N SER B 147 -23.73 -27.06 -4.18
CA SER B 147 -22.75 -27.16 -3.11
C SER B 147 -21.47 -26.37 -3.39
N GLY B 148 -21.42 -25.61 -4.48
CA GLY B 148 -20.27 -24.76 -4.72
C GLY B 148 -18.99 -25.51 -5.07
N LYS B 149 -19.06 -26.47 -5.99
CA LYS B 149 -17.88 -27.17 -6.47
C LYS B 149 -17.47 -26.55 -7.81
N ILE B 150 -16.52 -25.62 -7.75
CA ILE B 150 -16.16 -24.85 -8.95
C ILE B 150 -15.59 -25.76 -10.03
N GLY B 151 -14.67 -26.65 -9.66
CA GLY B 151 -13.97 -27.44 -10.67
C GLY B 151 -14.90 -28.36 -11.44
N VAL B 152 -15.76 -29.07 -10.72
CA VAL B 152 -16.66 -30.03 -11.38
C VAL B 152 -17.62 -29.29 -12.31
N LEU B 153 -18.19 -28.17 -11.83
CA LEU B 153 -19.11 -27.40 -12.66
C LEU B 153 -18.41 -26.89 -13.91
N ALA B 154 -17.20 -26.33 -13.75
CA ALA B 154 -16.47 -25.81 -14.89
C ALA B 154 -16.16 -26.89 -15.89
N TYR B 155 -15.76 -28.08 -15.42
CA TYR B 155 -15.48 -29.17 -16.34
C TYR B 155 -16.74 -29.61 -17.07
N ILE B 156 -17.85 -29.75 -16.35
CA ILE B 156 -19.06 -30.29 -16.95
C ILE B 156 -19.62 -29.33 -17.99
N LEU B 157 -19.58 -28.02 -17.70
CA LEU B 157 -20.27 -27.06 -18.57
C LEU B 157 -19.65 -27.03 -19.97
N GLN B 158 -18.33 -27.15 -20.07
CA GLN B 158 -17.62 -27.06 -21.33
C GLN B 158 -16.92 -28.38 -21.68
N ARG B 159 -17.60 -29.50 -21.47
CA ARG B 159 -17.01 -30.80 -21.74
C ARG B 159 -16.82 -31.01 -23.23
N GLU B 160 -15.67 -31.60 -23.60
CA GLU B 160 -15.31 -31.81 -25.00
C GLU B 160 -14.77 -33.22 -25.18
N ILE B 161 -15.37 -33.97 -26.10
CA ILE B 161 -14.93 -35.33 -26.42
C ILE B 161 -14.59 -35.38 -27.91
N HIS B 162 -13.42 -35.91 -28.22
CA HIS B 162 -12.87 -35.91 -29.58
C HIS B 162 -12.69 -37.34 -30.09
N GLU B 163 -13.67 -38.21 -29.88
CA GLU B 163 -13.57 -39.60 -30.26
C GLU B 163 -14.81 -40.03 -31.03
N PRO B 164 -14.67 -40.89 -32.05
CA PRO B 164 -15.86 -41.38 -32.76
C PRO B 164 -16.78 -42.18 -31.84
N GLU B 165 -18.07 -42.11 -32.13
CA GLU B 165 -19.12 -42.78 -31.37
C GLU B 165 -19.28 -42.21 -29.97
N CYS B 166 -18.69 -41.03 -29.69
CA CYS B 166 -18.85 -40.40 -28.39
C CYS B 166 -19.07 -38.90 -28.51
N ARG B 167 -19.27 -38.37 -29.73
CA ARG B 167 -19.48 -36.93 -29.88
C ARG B 167 -20.78 -36.50 -29.22
N HIS B 168 -21.81 -37.35 -29.26
CA HIS B 168 -23.11 -36.95 -28.73
C HIS B 168 -23.08 -36.73 -27.22
N LEU B 169 -22.02 -37.16 -26.54
CA LEU B 169 -21.89 -36.90 -25.12
C LEU B 169 -21.32 -35.52 -24.81
N SER B 170 -20.86 -34.79 -25.82
CA SER B 170 -20.21 -33.50 -25.61
C SER B 170 -21.24 -32.39 -25.46
N ARG B 171 -20.76 -31.27 -24.91
CA ARG B 171 -21.57 -30.06 -24.78
C ARG B 171 -21.01 -28.88 -25.56
N LYS B 172 -19.72 -28.87 -25.84
CA LYS B 172 -19.10 -27.83 -26.65
C LYS B 172 -18.68 -28.41 -28.00
N PHE B 173 -18.95 -27.66 -29.06
CA PHE B 173 -18.69 -28.13 -30.41
C PHE B 173 -17.95 -27.04 -31.17
N THR B 174 -17.77 -27.24 -32.47
CA THR B 174 -17.09 -26.29 -33.34
C THR B 174 -17.81 -26.28 -34.68
N GLU B 175 -18.53 -25.20 -34.98
CA GLU B 175 -19.39 -25.14 -36.19
C GLU B 175 -18.51 -25.04 -37.43
N TRP B 176 -17.49 -24.19 -37.41
CA TRP B 176 -16.57 -24.09 -38.53
C TRP B 176 -15.34 -23.32 -38.09
N ALA B 177 -14.27 -23.45 -38.87
CA ALA B 177 -13.03 -22.75 -38.61
C ALA B 177 -12.47 -22.23 -39.92
N TYR B 178 -11.71 -21.13 -39.83
CA TYR B 178 -11.12 -20.53 -41.02
C TYR B 178 -9.96 -19.66 -40.56
N GLY B 179 -8.74 -20.03 -40.95
CA GLY B 179 -7.57 -19.29 -40.56
C GLY B 179 -7.44 -19.16 -39.05
N PRO B 180 -7.10 -17.96 -38.57
CA PRO B 180 -6.97 -17.75 -37.11
C PRO B 180 -8.27 -17.63 -36.34
N VAL B 181 -9.43 -17.84 -36.96
CA VAL B 181 -10.72 -17.62 -36.32
C VAL B 181 -11.54 -18.90 -36.41
N HIS B 182 -12.23 -19.24 -35.33
CA HIS B 182 -13.18 -20.34 -35.30
C HIS B 182 -14.27 -20.03 -34.29
N SER B 183 -15.49 -20.46 -34.60
CA SER B 183 -16.65 -20.19 -33.77
C SER B 183 -17.11 -21.48 -33.09
N SER B 184 -17.39 -21.39 -31.79
CA SER B 184 -17.82 -22.53 -30.99
C SER B 184 -19.31 -22.46 -30.70
N LEU B 185 -19.84 -23.54 -30.13
CA LEU B 185 -21.23 -23.61 -29.71
C LEU B 185 -21.30 -24.19 -28.31
N TYR B 186 -22.25 -23.70 -27.52
CA TYR B 186 -22.45 -24.16 -26.15
C TYR B 186 -23.88 -24.65 -25.99
N ASP B 187 -24.05 -25.78 -25.31
CA ASP B 187 -25.36 -26.36 -25.09
C ASP B 187 -26.01 -25.68 -23.89
N LEU B 188 -27.25 -25.20 -24.07
CA LEU B 188 -28.00 -24.51 -23.03
C LEU B 188 -29.14 -25.33 -22.46
N SER B 189 -29.21 -26.62 -22.78
CA SER B 189 -30.27 -27.44 -22.21
C SER B 189 -30.06 -27.59 -20.70
N CYS B 190 -31.11 -27.29 -19.94
CA CYS B 190 -31.11 -27.39 -18.48
C CYS B 190 -30.13 -26.44 -17.82
N ILE B 191 -30.03 -25.20 -18.31
CA ILE B 191 -29.19 -24.16 -17.70
C ILE B 191 -30.04 -22.96 -17.26
N ASP B 192 -30.98 -22.55 -18.09
CA ASP B 192 -31.83 -21.41 -17.75
C ASP B 192 -33.29 -21.80 -17.54
N THR B 193 -33.71 -22.96 -18.04
CA THR B 193 -35.06 -23.44 -17.77
C THR B 193 -35.07 -24.97 -17.88
N CYS B 194 -35.17 -25.65 -16.75
CA CYS B 194 -35.29 -27.10 -16.70
C CYS B 194 -36.65 -27.57 -16.21
N GLU B 195 -37.51 -26.64 -15.76
CA GLU B 195 -38.86 -26.86 -15.27
C GLU B 195 -38.87 -27.43 -13.86
N LYS B 196 -37.73 -27.79 -13.28
CA LYS B 196 -37.64 -28.18 -11.88
C LYS B 196 -36.70 -27.28 -11.09
N ASN B 197 -35.44 -27.16 -11.52
CA ASN B 197 -34.50 -26.22 -10.93
C ASN B 197 -33.29 -26.05 -11.84
N SER B 198 -33.10 -24.85 -12.36
CA SER B 198 -32.00 -24.59 -13.28
C SER B 198 -30.73 -24.25 -12.51
N VAL B 199 -29.61 -24.22 -13.24
CA VAL B 199 -28.34 -23.84 -12.63
C VAL B 199 -28.39 -22.39 -12.16
N LEU B 200 -28.89 -21.49 -13.02
CA LEU B 200 -28.95 -20.08 -12.65
C LEU B 200 -29.84 -19.87 -11.43
N GLU B 201 -31.00 -20.53 -11.41
CA GLU B 201 -31.91 -20.38 -10.27
C GLU B 201 -31.27 -20.87 -8.99
N VAL B 202 -30.59 -22.02 -9.05
CA VAL B 202 -29.97 -22.57 -7.85
C VAL B 202 -28.86 -21.65 -7.35
N ILE B 203 -28.03 -21.13 -8.25
CA ILE B 203 -26.94 -20.25 -7.82
C ILE B 203 -27.49 -18.95 -7.25
N ALA B 204 -28.57 -18.43 -7.84
CA ALA B 204 -29.07 -17.11 -7.44
C ALA B 204 -29.69 -17.15 -6.05
N TYR B 205 -30.47 -18.18 -5.74
CA TYR B 205 -31.24 -18.24 -4.50
C TYR B 205 -30.53 -19.01 -3.39
N SER B 206 -29.27 -19.41 -3.59
CA SER B 206 -28.58 -20.17 -2.57
C SER B 206 -28.34 -19.33 -1.33
N SER B 207 -28.28 -19.99 -0.17
CA SER B 207 -28.06 -19.31 1.09
C SER B 207 -26.60 -18.86 1.19
N SER B 208 -26.36 -17.87 2.06
CA SER B 208 -25.09 -17.18 2.08
C SER B 208 -23.94 -18.05 2.57
N GLU B 209 -24.22 -19.11 3.33
CA GLU B 209 -23.14 -19.96 3.83
C GLU B 209 -22.49 -20.79 2.75
N THR B 210 -23.05 -20.83 1.54
CA THR B 210 -22.44 -21.59 0.46
C THR B 210 -21.06 -21.02 0.17
N PRO B 211 -20.05 -21.86 -0.09
CA PRO B 211 -18.68 -21.33 -0.20
C PRO B 211 -18.49 -20.28 -1.28
N ASN B 212 -18.87 -20.57 -2.53
CA ASN B 212 -18.38 -19.78 -3.66
C ASN B 212 -19.50 -19.19 -4.51
N ARG B 213 -20.48 -18.55 -3.88
CA ARG B 213 -21.58 -17.94 -4.64
C ARG B 213 -21.07 -16.87 -5.59
N HIS B 214 -20.22 -15.97 -5.10
CA HIS B 214 -19.80 -14.83 -5.89
C HIS B 214 -18.97 -15.25 -7.10
N ASP B 215 -18.05 -16.19 -6.91
CA ASP B 215 -17.05 -16.53 -7.91
C ASP B 215 -17.53 -17.61 -8.87
N MET B 216 -18.75 -18.14 -8.70
CA MET B 216 -19.22 -19.22 -9.53
C MET B 216 -19.90 -18.75 -10.81
N LEU B 217 -20.09 -17.43 -10.96
CA LEU B 217 -20.67 -16.87 -12.17
C LEU B 217 -19.62 -16.43 -13.19
N LEU B 218 -18.34 -16.65 -12.90
CA LEU B 218 -17.29 -16.30 -13.85
C LEU B 218 -17.06 -17.37 -14.91
N VAL B 219 -17.73 -18.52 -14.80
CA VAL B 219 -17.60 -19.55 -15.82
C VAL B 219 -18.08 -18.99 -17.16
N GLU B 220 -17.58 -19.57 -18.25
CA GLU B 220 -17.63 -18.92 -19.56
C GLU B 220 -19.05 -18.57 -20.02
N PRO B 221 -19.90 -19.54 -20.31
CA PRO B 221 -21.18 -19.20 -20.97
C PRO B 221 -22.09 -18.29 -20.15
N LEU B 222 -22.06 -18.41 -18.82
CA LEU B 222 -23.07 -17.75 -18.00
C LEU B 222 -22.96 -16.24 -18.08
N ASN B 223 -21.73 -15.71 -18.04
CA ASN B 223 -21.56 -14.26 -18.08
C ASN B 223 -22.15 -13.68 -19.36
N ARG B 224 -21.79 -14.25 -20.51
CA ARG B 224 -22.29 -13.75 -21.77
C ARG B 224 -23.80 -13.91 -21.87
N LEU B 225 -24.34 -15.02 -21.36
CA LEU B 225 -25.78 -15.23 -21.41
C LEU B 225 -26.51 -14.14 -20.62
N LEU B 226 -26.03 -13.84 -19.42
CA LEU B 226 -26.66 -12.81 -18.60
C LEU B 226 -26.56 -11.44 -19.28
N GLN B 227 -25.39 -11.12 -19.83
CA GLN B 227 -25.23 -9.85 -20.53
C GLN B 227 -26.20 -9.74 -21.69
N ASP B 228 -26.38 -10.83 -22.45
CA ASP B 228 -27.30 -10.82 -23.56
C ASP B 228 -28.72 -10.54 -23.10
N LYS B 229 -29.19 -11.29 -22.10
CA LYS B 229 -30.56 -11.09 -21.62
C LYS B 229 -30.78 -9.64 -21.19
N TRP B 230 -29.85 -9.13 -20.36
CA TRP B 230 -29.92 -7.75 -19.91
C TRP B 230 -30.09 -6.81 -21.10
N ASP B 231 -29.09 -6.81 -21.99
CA ASP B 231 -29.04 -5.83 -23.07
C ASP B 231 -30.23 -5.96 -24.00
N ARG B 232 -30.86 -7.14 -24.05
CA ARG B 232 -32.07 -7.26 -24.87
C ARG B 232 -33.25 -6.53 -24.25
N PHE B 233 -33.64 -6.88 -23.01
CA PHE B 233 -34.87 -6.23 -22.50
C PHE B 233 -34.85 -5.77 -21.04
N VAL B 234 -33.92 -6.24 -20.21
CA VAL B 234 -34.01 -5.86 -18.81
C VAL B 234 -33.69 -4.39 -18.64
N LYS B 235 -32.88 -3.83 -19.54
CA LYS B 235 -32.54 -2.42 -19.46
C LYS B 235 -33.79 -1.55 -19.54
N ARG B 236 -34.63 -1.79 -20.56
CA ARG B 236 -35.83 -0.99 -20.72
C ARG B 236 -36.78 -1.19 -19.55
N ILE B 237 -36.95 -2.44 -19.10
CA ILE B 237 -37.85 -2.66 -17.97
C ILE B 237 -37.37 -1.87 -16.75
N PHE B 238 -36.07 -1.94 -16.47
CA PHE B 238 -35.50 -1.28 -15.30
C PHE B 238 -35.67 0.23 -15.38
N TYR B 239 -35.41 0.81 -16.55
CA TYR B 239 -35.54 2.27 -16.68
C TYR B 239 -36.97 2.72 -16.48
N PHE B 240 -37.94 1.97 -17.02
CA PHE B 240 -39.33 2.34 -16.79
C PHE B 240 -39.67 2.31 -15.29
N ASN B 241 -39.22 1.27 -14.60
CA ASN B 241 -39.50 1.18 -13.17
C ASN B 241 -38.89 2.35 -12.41
N PHE B 242 -37.66 2.71 -12.74
CA PHE B 242 -36.98 3.82 -12.08
C PHE B 242 -37.76 5.12 -12.27
N PHE B 243 -38.19 5.39 -13.51
CA PHE B 243 -38.96 6.60 -13.78
C PHE B 243 -40.24 6.64 -12.95
N VAL B 244 -40.97 5.52 -12.91
CA VAL B 244 -42.22 5.51 -12.16
C VAL B 244 -41.98 5.79 -10.68
N TYR B 245 -40.93 5.17 -10.10
CA TYR B 245 -40.65 5.41 -8.69
C TYR B 245 -40.32 6.86 -8.42
N CYS B 246 -39.50 7.48 -9.29
CA CYS B 246 -39.17 8.89 -9.08
C CYS B 246 -40.42 9.76 -9.11
N LEU B 247 -41.31 9.50 -10.07
CA LEU B 247 -42.54 10.29 -10.15
C LEU B 247 -43.37 10.15 -8.88
N TYR B 248 -43.53 8.92 -8.40
CA TYR B 248 -44.34 8.70 -7.20
C TYR B 248 -43.74 9.42 -6.00
N MET B 249 -42.41 9.36 -5.86
CA MET B 249 -41.78 9.99 -4.71
C MET B 249 -41.92 11.52 -4.76
N ILE B 250 -41.80 12.09 -5.96
CA ILE B 250 -41.99 13.54 -6.09
C ILE B 250 -43.41 13.93 -5.69
N ILE B 251 -44.40 13.16 -6.15
CA ILE B 251 -45.78 13.48 -5.78
C ILE B 251 -45.98 13.40 -4.28
N PHE B 252 -45.42 12.37 -3.65
CA PHE B 252 -45.59 12.21 -2.20
C PHE B 252 -44.97 13.39 -1.46
N THR B 253 -43.75 13.79 -1.85
CA THR B 253 -43.12 14.93 -1.20
C THR B 253 -43.95 16.18 -1.35
N ALA B 254 -44.41 16.48 -2.56
CA ALA B 254 -45.18 17.71 -2.78
C ALA B 254 -46.47 17.69 -1.97
N ALA B 255 -47.14 16.54 -1.91
CA ALA B 255 -48.36 16.46 -1.11
C ALA B 255 -48.09 16.70 0.37
N ALA B 256 -47.00 16.13 0.89
CA ALA B 256 -46.73 16.27 2.32
C ALA B 256 -46.27 17.67 2.68
N TYR B 257 -45.68 18.41 1.73
CA TYR B 257 -45.14 19.73 2.06
C TYR B 257 -46.22 20.76 2.37
N TYR B 258 -47.46 20.54 1.93
CA TYR B 258 -48.52 21.55 2.00
C TYR B 258 -49.61 21.16 2.99
N ARG B 259 -49.30 20.35 3.99
CA ARG B 259 -50.33 19.90 4.92
C ARG B 259 -50.95 21.09 5.64
N PRO B 260 -52.24 21.03 5.99
CA PRO B 260 -52.85 22.14 6.72
C PRO B 260 -52.43 22.15 8.18
N VAL B 261 -52.58 23.30 8.83
CA VAL B 261 -52.15 23.51 10.24
C VAL B 261 -53.32 24.13 11.03
N GLU B 262 -54.36 23.35 11.34
CA GLU B 262 -55.53 23.84 12.07
C GLU B 262 -55.75 23.13 13.39
N GLY B 263 -55.48 21.83 13.45
CA GLY B 263 -55.62 21.09 14.69
C GLY B 263 -56.69 20.02 14.66
N LEU B 264 -56.43 18.88 15.30
CA LEU B 264 -57.42 17.82 15.45
C LEU B 264 -58.00 17.39 14.11
N PRO B 265 -57.24 16.65 13.30
CA PRO B 265 -57.78 16.13 12.03
C PRO B 265 -58.96 15.21 12.29
N PRO B 266 -59.70 14.80 11.24
CA PRO B 266 -59.51 15.14 9.82
C PRO B 266 -59.94 16.57 9.50
N TYR B 267 -59.57 17.04 8.31
CA TYR B 267 -59.83 18.41 7.90
C TYR B 267 -60.83 18.43 6.74
N LYS B 268 -61.80 19.33 6.84
CA LYS B 268 -62.84 19.45 5.81
C LYS B 268 -62.31 20.24 4.63
N LEU B 269 -62.35 19.64 3.45
CA LEU B 269 -61.84 20.29 2.25
C LEU B 269 -62.70 21.49 1.87
N LYS B 270 -62.12 22.37 1.08
CA LYS B 270 -62.76 23.60 0.63
C LYS B 270 -62.88 23.59 -0.88
N ASN B 271 -63.72 24.49 -1.39
CA ASN B 271 -63.99 24.57 -2.83
C ASN B 271 -62.91 25.40 -3.51
N THR B 272 -61.77 24.74 -3.74
CA THR B 272 -60.66 25.34 -4.45
C THR B 272 -59.79 24.25 -5.06
N VAL B 273 -58.99 24.63 -6.05
CA VAL B 273 -58.17 23.65 -6.78
C VAL B 273 -57.17 22.99 -5.84
N GLY B 274 -56.54 23.78 -4.97
CA GLY B 274 -55.48 23.23 -4.13
C GLY B 274 -55.94 22.05 -3.29
N ASP B 275 -57.16 22.15 -2.75
CA ASP B 275 -57.68 21.04 -1.94
C ASP B 275 -57.84 19.78 -2.76
N TYR B 276 -58.36 19.90 -3.98
CA TYR B 276 -58.51 18.72 -4.83
C TYR B 276 -57.16 18.09 -5.15
N PHE B 277 -56.18 18.92 -5.49
CA PHE B 277 -54.86 18.39 -5.81
C PHE B 277 -54.25 17.70 -4.60
N ARG B 278 -54.38 18.31 -3.42
CA ARG B 278 -53.82 17.72 -2.20
C ARG B 278 -54.48 16.38 -1.88
N VAL B 279 -55.81 16.30 -2.02
CA VAL B 279 -56.50 15.05 -1.75
C VAL B 279 -56.05 13.96 -2.72
N THR B 280 -55.92 14.32 -4.00
CA THR B 280 -55.46 13.34 -4.98
C THR B 280 -54.06 12.84 -4.63
N GLY B 281 -53.17 13.75 -4.24
CA GLY B 281 -51.83 13.33 -3.87
C GLY B 281 -51.82 12.39 -2.68
N GLU B 282 -52.62 12.71 -1.67
CA GLU B 282 -52.68 11.84 -0.49
C GLU B 282 -53.20 10.46 -0.85
N ILE B 283 -54.23 10.40 -1.70
CA ILE B 283 -54.78 9.11 -2.11
C ILE B 283 -53.72 8.29 -2.87
N LEU B 284 -52.99 8.95 -3.77
CA LEU B 284 -51.94 8.24 -4.51
C LEU B 284 -50.87 7.70 -3.56
N SER B 285 -50.49 8.50 -2.57
CA SER B 285 -49.47 8.05 -1.62
C SER B 285 -49.95 6.82 -0.85
N VAL B 286 -51.20 6.84 -0.39
CA VAL B 286 -51.71 5.69 0.35
C VAL B 286 -51.74 4.44 -0.53
N SER B 287 -52.16 4.62 -1.79
CA SER B 287 -52.20 3.47 -2.70
C SER B 287 -50.82 2.87 -2.90
N GLY B 288 -49.81 3.73 -3.11
CA GLY B 288 -48.45 3.22 -3.25
C GLY B 288 -47.99 2.47 -2.01
N GLY B 289 -48.32 3.01 -0.83
CA GLY B 289 -47.92 2.34 0.40
C GLY B 289 -48.50 0.94 0.52
N VAL B 290 -49.80 0.82 0.23
CA VAL B 290 -50.43 -0.50 0.34
C VAL B 290 -49.87 -1.47 -0.70
N TYR B 291 -49.57 -0.96 -1.91
CA TYR B 291 -48.97 -1.80 -2.93
C TYR B 291 -47.65 -2.38 -2.45
N PHE B 292 -46.78 -1.53 -1.90
CA PHE B 292 -45.49 -2.01 -1.42
C PHE B 292 -45.68 -3.01 -0.28
N PHE B 293 -46.62 -2.73 0.62
CA PHE B 293 -46.88 -3.66 1.72
C PHE B 293 -47.22 -5.05 1.20
N PHE B 294 -48.14 -5.13 0.25
CA PHE B 294 -48.56 -6.44 -0.25
C PHE B 294 -47.43 -7.14 -1.01
N ARG B 295 -46.66 -6.40 -1.82
CA ARG B 295 -45.56 -7.05 -2.51
C ARG B 295 -44.54 -7.62 -1.54
N GLY B 296 -44.22 -6.86 -0.49
CA GLY B 296 -43.26 -7.34 0.50
C GLY B 296 -43.75 -8.58 1.21
N ILE B 297 -45.02 -8.59 1.62
CA ILE B 297 -45.53 -9.76 2.34
C ILE B 297 -45.53 -10.98 1.42
N GLN B 298 -45.85 -10.78 0.12
CA GLN B 298 -45.81 -11.90 -0.81
C GLN B 298 -44.40 -12.46 -0.93
N TYR B 299 -43.40 -11.60 -1.06
CA TYR B 299 -42.03 -12.08 -1.16
C TYR B 299 -41.62 -12.86 0.08
N PHE B 300 -41.90 -12.29 1.26
CA PHE B 300 -41.53 -12.97 2.50
C PHE B 300 -42.24 -14.31 2.63
N LEU B 301 -43.47 -14.40 2.11
CA LEU B 301 -44.18 -15.68 2.15
C LEU B 301 -43.52 -16.70 1.24
N GLN B 302 -43.22 -16.32 0.00
CA GLN B 302 -42.67 -17.29 -0.95
C GLN B 302 -41.29 -17.77 -0.54
N ARG B 303 -40.37 -16.83 -0.27
CA ARG B 303 -39.00 -17.24 0.02
C ARG B 303 -38.89 -18.02 1.34
N ARG B 304 -39.45 -17.48 2.42
CA ARG B 304 -39.33 -18.12 3.72
C ARG B 304 -37.87 -18.39 4.07
N PRO B 305 -37.05 -17.37 4.24
CA PRO B 305 -35.63 -17.58 4.55
C PRO B 305 -35.42 -17.77 6.05
N SER B 306 -34.17 -18.02 6.41
CA SER B 306 -33.79 -18.23 7.81
C SER B 306 -33.69 -16.88 8.51
N LEU B 307 -33.18 -16.89 9.74
CA LEU B 307 -33.07 -15.67 10.53
C LEU B 307 -31.75 -14.94 10.31
N LYS B 308 -30.63 -15.66 10.34
CA LYS B 308 -29.32 -15.04 10.18
C LYS B 308 -29.12 -14.45 8.79
N SER B 309 -29.92 -14.85 7.80
CA SER B 309 -29.81 -14.35 6.45
C SER B 309 -30.75 -13.19 6.17
N LEU B 310 -31.48 -12.71 7.19
CA LEU B 310 -32.46 -11.65 7.01
C LEU B 310 -31.83 -10.28 6.89
N PHE B 311 -30.52 -10.15 7.16
CA PHE B 311 -29.85 -8.87 7.07
C PHE B 311 -28.66 -8.95 6.11
N VAL B 312 -27.99 -10.11 6.08
CA VAL B 312 -26.97 -10.32 5.06
C VAL B 312 -27.62 -10.44 3.68
N ASP B 313 -28.78 -11.08 3.61
CA ASP B 313 -29.58 -11.15 2.41
C ASP B 313 -30.91 -10.45 2.65
N SER B 314 -31.55 -10.03 1.55
CA SER B 314 -32.80 -9.29 1.62
C SER B 314 -32.62 -7.99 2.40
N TYR B 315 -31.49 -7.31 2.15
CA TYR B 315 -31.17 -6.07 2.85
C TYR B 315 -32.06 -4.91 2.42
N SER B 316 -32.84 -5.07 1.35
CA SER B 316 -33.68 -3.99 0.82
C SER B 316 -35.17 -4.27 0.94
N GLU B 317 -35.52 -5.55 0.89
CA GLU B 317 -36.92 -5.99 1.01
C GLU B 317 -37.44 -5.65 2.40
N ILE B 318 -36.61 -5.65 3.43
CA ILE B 318 -36.95 -5.26 4.79
C ILE B 318 -37.16 -3.75 4.86
N LEU B 319 -36.30 -2.98 4.19
CA LEU B 319 -36.41 -1.52 4.24
C LEU B 319 -37.70 -1.05 3.59
N PHE B 320 -38.02 -1.59 2.40
CA PHE B 320 -39.27 -1.20 1.75
C PHE B 320 -40.48 -1.58 2.61
N PHE B 321 -40.44 -2.77 3.21
CA PHE B 321 -41.54 -3.20 4.06
C PHE B 321 -41.70 -2.27 5.26
N VAL B 322 -40.58 -1.85 5.87
CA VAL B 322 -40.66 -0.95 7.01
C VAL B 322 -41.27 0.38 6.62
N GLN B 323 -40.88 0.90 5.45
CA GLN B 323 -41.47 2.15 4.97
C GLN B 323 -42.98 2.00 4.82
N SER B 324 -43.43 0.89 4.23
CA SER B 324 -44.86 0.66 4.08
C SER B 324 -45.56 0.60 5.44
N LEU B 325 -44.94 -0.07 6.41
CA LEU B 325 -45.53 -0.16 7.74
C LEU B 325 -45.69 1.22 8.36
N PHE B 326 -44.67 2.08 8.22
CA PHE B 326 -44.78 3.44 8.74
C PHE B 326 -45.95 4.17 8.09
N MET B 327 -46.09 4.04 6.76
CA MET B 327 -47.20 4.71 6.08
C MET B 327 -48.55 4.24 6.62
N LEU B 328 -48.72 2.92 6.77
CA LEU B 328 -50.01 2.41 7.21
C LEU B 328 -50.32 2.84 8.65
N VAL B 329 -49.32 2.79 9.53
CA VAL B 329 -49.54 3.26 10.90
C VAL B 329 -49.91 4.74 10.89
N SER B 330 -49.29 5.52 10.01
CA SER B 330 -49.64 6.93 9.91
C SER B 330 -51.10 7.09 9.53
N VAL B 331 -51.58 6.31 8.56
CA VAL B 331 -52.98 6.41 8.17
C VAL B 331 -53.89 6.05 9.34
N VAL B 332 -53.57 4.97 10.05
CA VAL B 332 -54.41 4.53 11.16
C VAL B 332 -54.50 5.63 12.22
N LEU B 333 -53.36 6.23 12.56
CA LEU B 333 -53.38 7.33 13.52
C LEU B 333 -54.17 8.52 13.00
N TYR B 334 -54.02 8.83 11.70
CA TYR B 334 -54.71 9.99 11.14
C TYR B 334 -56.21 9.86 11.28
N PHE B 335 -56.77 8.68 11.02
CA PHE B 335 -58.21 8.53 11.12
C PHE B 335 -58.69 8.29 12.55
N SER B 336 -57.81 8.39 13.54
CA SER B 336 -58.18 8.24 14.94
C SER B 336 -58.16 9.57 15.70
N GLN B 337 -58.02 10.69 15.00
CA GLN B 337 -58.09 12.03 15.60
C GLN B 337 -56.94 12.27 16.57
N ARG B 338 -55.71 11.98 16.10
CA ARG B 338 -54.51 12.26 16.89
C ARG B 338 -53.53 13.10 16.07
N LYS B 339 -52.32 13.29 16.58
CA LYS B 339 -51.35 14.18 15.95
C LYS B 339 -49.98 13.54 15.73
N GLU B 340 -49.86 12.27 16.01
CA GLU B 340 -48.58 11.59 15.82
C GLU B 340 -48.47 11.13 14.38
N TYR B 341 -49.51 11.19 13.56
CA TYR B 341 -49.41 10.86 12.15
C TYR B 341 -48.36 11.72 11.45
N VAL B 342 -48.11 12.92 11.97
CA VAL B 342 -47.07 13.77 11.40
C VAL B 342 -45.69 13.13 11.61
N ALA B 343 -45.42 12.65 12.83
CA ALA B 343 -44.15 12.00 13.09
C ALA B 343 -43.97 10.76 12.22
N SER B 344 -45.03 9.95 12.13
CA SER B 344 -44.95 8.76 11.29
C SER B 344 -44.69 9.13 9.84
N MET B 345 -45.38 10.16 9.35
CA MET B 345 -45.24 10.58 7.97
C MET B 345 -43.83 11.08 7.67
N VAL B 346 -43.23 11.83 8.60
CA VAL B 346 -41.88 12.33 8.34
C VAL B 346 -40.87 11.19 8.36
N PHE B 347 -41.02 10.24 9.27
CA PHE B 347 -40.13 9.08 9.24
C PHE B 347 -40.25 8.36 7.90
N SER B 348 -41.48 8.12 7.44
CA SER B 348 -41.68 7.43 6.17
C SER B 348 -41.07 8.22 5.02
N LEU B 349 -41.26 9.54 5.00
CA LEU B 349 -40.75 10.35 3.91
C LEU B 349 -39.24 10.31 3.85
N ALA B 350 -38.57 10.50 4.98
CA ALA B 350 -37.11 10.48 4.99
C ALA B 350 -36.58 9.12 4.56
N MET B 351 -37.18 8.04 5.09
CA MET B 351 -36.69 6.71 4.75
C MET B 351 -36.90 6.41 3.28
N GLY B 352 -38.05 6.81 2.73
CA GLY B 352 -38.30 6.59 1.31
C GLY B 352 -37.34 7.35 0.43
N TRP B 353 -37.03 8.60 0.78
CA TRP B 353 -36.09 9.36 -0.02
C TRP B 353 -34.70 8.74 0.02
N THR B 354 -34.26 8.29 1.20
CA THR B 354 -32.94 7.64 1.27
C THR B 354 -32.94 6.23 0.69
N ASN B 355 -34.11 5.65 0.44
CA ASN B 355 -34.22 4.29 -0.08
C ASN B 355 -34.04 4.21 -1.59
N MET B 356 -33.43 5.22 -2.20
CA MET B 356 -33.31 5.30 -3.66
C MET B 356 -31.97 4.81 -4.17
N LEU B 357 -31.06 4.39 -3.29
CA LEU B 357 -29.80 3.82 -3.76
C LEU B 357 -29.98 2.45 -4.38
N TYR B 358 -31.16 1.84 -4.24
CA TYR B 358 -31.40 0.53 -4.83
C TYR B 358 -31.25 0.54 -6.34
N TYR B 359 -31.51 1.68 -6.98
CA TYR B 359 -31.52 1.76 -8.44
C TYR B 359 -30.15 2.10 -9.01
N THR B 360 -29.12 2.21 -8.18
CA THR B 360 -27.78 2.46 -8.69
C THR B 360 -27.20 1.21 -9.34
N ARG B 361 -27.72 0.03 -9.01
CA ARG B 361 -27.37 -1.17 -9.76
C ARG B 361 -27.99 -1.08 -11.15
N GLY B 362 -27.23 -1.52 -12.15
CA GLY B 362 -27.50 -1.19 -13.54
C GLY B 362 -26.54 -0.16 -14.09
N PHE B 363 -25.82 0.54 -13.22
CA PHE B 363 -24.69 1.38 -13.59
C PHE B 363 -23.48 0.87 -12.81
N GLN B 364 -22.38 0.62 -13.53
CA GLN B 364 -21.27 -0.13 -12.96
C GLN B 364 -20.65 0.59 -11.77
N GLN B 365 -20.09 1.78 -11.99
CA GLN B 365 -19.30 2.45 -10.96
C GLN B 365 -20.18 2.82 -9.77
N MET B 366 -21.38 3.34 -10.04
CA MET B 366 -22.30 3.68 -8.96
C MET B 366 -22.68 2.44 -8.15
N GLY B 367 -22.91 1.32 -8.83
CA GLY B 367 -23.22 0.09 -8.14
C GLY B 367 -22.10 -0.35 -7.22
N ILE B 368 -20.86 -0.27 -7.70
CA ILE B 368 -19.72 -0.64 -6.87
C ILE B 368 -19.63 0.28 -5.66
N TYR B 369 -19.85 1.57 -5.86
CA TYR B 369 -19.84 2.52 -4.76
C TYR B 369 -20.87 2.15 -3.70
N ALA B 370 -22.09 1.83 -4.13
CA ALA B 370 -23.14 1.47 -3.18
C ALA B 370 -22.80 0.17 -2.46
N VAL B 371 -22.20 -0.78 -3.17
CA VAL B 371 -21.80 -2.04 -2.53
C VAL B 371 -20.80 -1.77 -1.41
N MET B 372 -19.80 -0.94 -1.68
CA MET B 372 -18.84 -0.60 -0.62
C MET B 372 -19.54 0.08 0.55
N ILE B 373 -20.48 0.99 0.26
CA ILE B 373 -21.18 1.67 1.33
C ILE B 373 -21.87 0.67 2.24
N GLU B 374 -22.64 -0.26 1.65
CA GLU B 374 -23.41 -1.19 2.49
C GLU B 374 -22.50 -2.14 3.24
N LYS B 375 -21.41 -2.60 2.60
CA LYS B 375 -20.47 -3.45 3.31
C LYS B 375 -19.90 -2.74 4.52
N MET B 376 -19.51 -1.47 4.38
CA MET B 376 -18.95 -0.74 5.51
C MET B 376 -19.99 -0.58 6.61
N ILE B 377 -21.23 -0.23 6.24
CA ILE B 377 -22.28 -0.11 7.25
C ILE B 377 -22.41 -1.40 8.03
N LEU B 378 -22.45 -2.54 7.34
CA LEU B 378 -22.71 -3.80 8.03
C LEU B 378 -21.47 -4.36 8.74
N ARG B 379 -20.28 -3.84 8.44
CA ARG B 379 -19.05 -4.42 8.98
C ARG B 379 -18.31 -3.54 9.98
N ASP B 380 -18.68 -2.27 10.13
CA ASP B 380 -17.94 -1.39 11.03
C ASP B 380 -18.81 -0.68 12.08
N LEU B 381 -20.11 -0.49 11.84
CA LEU B 381 -20.92 0.28 12.77
C LEU B 381 -20.89 -0.32 14.16
N CYS B 382 -21.21 -1.62 14.26
CA CYS B 382 -21.27 -2.27 15.56
C CYS B 382 -19.90 -2.30 16.23
N ARG B 383 -18.84 -2.57 15.46
CA ARG B 383 -17.52 -2.72 16.05
C ARG B 383 -16.92 -1.37 16.45
N PHE B 384 -17.46 -0.26 15.96
CA PHE B 384 -16.84 1.04 16.23
C PHE B 384 -17.71 1.98 17.05
N MET B 385 -19.00 1.69 17.24
CA MET B 385 -19.83 2.54 18.10
C MET B 385 -19.80 2.11 19.56
N PHE B 386 -19.48 0.85 19.84
CA PHE B 386 -19.50 0.36 21.22
C PHE B 386 -18.53 1.12 22.10
N VAL B 387 -17.28 1.22 21.67
CA VAL B 387 -16.25 1.89 22.46
C VAL B 387 -16.59 3.36 22.64
N TYR B 388 -17.04 4.02 21.56
CA TYR B 388 -17.35 5.44 21.66
C TYR B 388 -18.48 5.69 22.64
N LEU B 389 -19.53 4.87 22.58
CA LEU B 389 -20.65 5.06 23.50
C LEU B 389 -20.21 4.81 24.94
N VAL B 390 -19.36 3.80 25.17
CA VAL B 390 -18.85 3.54 26.51
C VAL B 390 -18.12 4.77 27.06
N PHE B 391 -17.19 5.31 26.27
CA PHE B 391 -16.43 6.47 26.71
C PHE B 391 -17.35 7.65 27.00
N LEU B 392 -18.28 7.91 26.07
CA LEU B 392 -19.18 9.05 26.23
C LEU B 392 -19.98 8.94 27.51
N PHE B 393 -20.59 7.77 27.75
CA PHE B 393 -21.41 7.61 28.95
C PHE B 393 -20.58 7.76 30.21
N GLY B 394 -19.40 7.13 30.27
CA GLY B 394 -18.59 7.23 31.47
C GLY B 394 -18.23 8.67 31.81
N PHE B 395 -17.68 9.40 30.83
CA PHE B 395 -17.25 10.76 31.13
C PHE B 395 -18.44 11.68 31.38
N SER B 396 -19.57 11.45 30.71
CA SER B 396 -20.75 12.27 30.99
C SER B 396 -21.23 12.06 32.41
N THR B 397 -21.27 10.82 32.89
CA THR B 397 -21.69 10.58 34.26
C THR B 397 -20.75 11.25 35.25
N ALA B 398 -19.44 11.16 35.02
CA ALA B 398 -18.50 11.83 35.90
C ALA B 398 -18.75 13.33 35.95
N VAL B 399 -18.84 13.96 34.77
CA VAL B 399 -19.01 15.42 34.71
C VAL B 399 -20.30 15.83 35.39
N VAL B 400 -21.40 15.11 35.14
CA VAL B 400 -22.66 15.46 35.78
C VAL B 400 -22.55 15.34 37.29
N THR B 401 -21.89 14.30 37.77
CA THR B 401 -21.75 14.13 39.21
C THR B 401 -20.97 15.27 39.83
N LEU B 402 -20.01 15.84 39.08
CA LEU B 402 -19.22 16.93 39.64
C LEU B 402 -20.05 18.19 39.87
N ILE B 403 -21.01 18.46 38.97
CA ILE B 403 -21.74 19.73 39.00
C ILE B 403 -22.67 19.78 40.22
N GLU B 404 -22.92 21.01 40.71
CA GLU B 404 -23.76 21.22 41.89
C GLU B 404 -25.23 21.40 41.53
N ASP B 405 -25.54 22.41 40.74
CA ASP B 405 -26.92 22.65 40.33
C ASP B 405 -26.94 23.67 39.20
N GLY B 406 -28.05 23.70 38.47
CA GLY B 406 -28.19 24.66 37.38
C GLY B 406 -28.96 24.07 36.22
N LYS B 407 -28.70 24.60 35.03
CA LYS B 407 -29.33 24.09 33.83
C LYS B 407 -28.71 22.79 33.36
N TYR B 408 -27.39 22.61 33.56
CA TYR B 408 -26.69 21.43 33.10
C TYR B 408 -26.57 20.35 34.17
N ASN B 409 -27.53 20.29 35.09
CA ASN B 409 -27.51 19.29 36.15
C ASN B 409 -28.23 18.01 35.77
N SER B 410 -28.66 17.87 34.52
CA SER B 410 -29.27 16.65 34.04
C SER B 410 -28.22 15.78 33.36
N LEU B 411 -28.63 14.66 32.79
CA LEU B 411 -27.74 13.78 32.04
C LEU B 411 -27.86 13.99 30.54
N TYR B 412 -29.07 14.25 30.04
CA TYR B 412 -29.27 14.52 28.63
C TYR B 412 -28.50 15.77 28.19
N SER B 413 -28.58 16.83 28.99
CA SER B 413 -27.90 18.07 28.63
C SER B 413 -26.39 17.88 28.55
N THR B 414 -25.80 17.22 29.55
CA THR B 414 -24.36 17.04 29.55
C THR B 414 -23.92 16.09 28.43
N CYS B 415 -24.70 15.05 28.16
CA CYS B 415 -24.37 14.17 27.05
C CYS B 415 -24.37 14.94 25.73
N LEU B 416 -25.37 15.81 25.52
CA LEU B 416 -25.41 16.59 24.30
C LEU B 416 -24.21 17.55 24.22
N GLU B 417 -23.87 18.18 25.34
CA GLU B 417 -22.75 19.11 25.36
C GLU B 417 -21.43 18.41 25.03
N LEU B 418 -21.22 17.20 25.56
CA LEU B 418 -20.00 16.46 25.24
C LEU B 418 -20.04 15.87 23.83
N PHE B 419 -21.22 15.62 23.29
CA PHE B 419 -21.29 15.18 21.90
C PHE B 419 -20.94 16.31 20.94
N LYS B 420 -21.25 17.55 21.31
CA LYS B 420 -20.92 18.68 20.45
C LYS B 420 -19.42 18.74 20.11
N PHE B 421 -18.55 18.25 20.99
CA PHE B 421 -17.11 18.29 20.75
C PHE B 421 -16.70 17.53 19.49
N THR B 422 -17.44 16.51 19.09
CA THR B 422 -17.03 15.66 17.98
C THR B 422 -17.31 16.27 16.63
N ILE B 423 -18.14 17.30 16.56
CA ILE B 423 -18.52 17.91 15.28
C ILE B 423 -17.98 19.34 15.19
N GLY B 424 -17.03 19.68 16.05
CA GLY B 424 -16.37 20.97 15.97
C GLY B 424 -17.04 22.13 16.70
N MET B 425 -17.80 21.87 17.72
CA MET B 425 -18.42 22.94 18.51
C MET B 425 -18.11 22.82 20.02
N GLY B 426 -16.95 22.29 20.48
CA GLY B 426 -16.61 22.26 21.89
C GLY B 426 -16.57 23.64 22.49
N ASP B 427 -16.95 23.72 23.76
CA ASP B 427 -17.02 24.99 24.47
C ASP B 427 -15.93 25.15 25.53
N LEU B 428 -15.73 24.14 26.38
CA LEU B 428 -14.69 24.12 27.40
C LEU B 428 -15.00 25.06 28.56
N GLU B 429 -16.04 25.89 28.42
CA GLU B 429 -16.47 26.77 29.50
C GLU B 429 -18.00 26.88 29.52
N PHE B 430 -18.70 25.77 29.28
CA PHE B 430 -20.14 25.82 29.13
C PHE B 430 -20.86 25.95 30.46
N THR B 431 -20.16 25.80 31.59
CA THR B 431 -20.77 25.99 32.89
C THR B 431 -19.71 26.48 33.87
N GLU B 432 -20.16 27.12 34.94
CA GLU B 432 -19.23 27.71 35.91
C GLU B 432 -19.65 27.46 37.35
N ASN B 433 -20.78 26.75 37.54
CA ASN B 433 -21.35 26.46 38.88
C ASN B 433 -20.84 25.12 39.32
N TYR B 434 -19.75 25.12 40.08
CA TYR B 434 -19.10 23.89 40.51
C TYR B 434 -17.94 24.28 41.42
N ASP B 435 -17.16 23.29 41.83
CA ASP B 435 -15.92 23.51 42.57
C ASP B 435 -14.80 22.72 41.90
N PHE B 436 -13.57 23.07 42.24
CA PHE B 436 -12.39 22.34 41.77
C PHE B 436 -12.29 22.37 40.24
N LYS B 437 -12.09 23.58 39.73
CA LYS B 437 -12.00 23.79 38.29
C LYS B 437 -10.93 22.92 37.64
N ALA B 438 -9.86 22.60 38.36
CA ALA B 438 -8.79 21.79 37.79
C ALA B 438 -9.32 20.41 37.38
N VAL B 439 -10.18 19.82 38.21
CA VAL B 439 -10.75 18.51 37.89
C VAL B 439 -11.58 18.60 36.62
N PHE B 440 -12.40 19.64 36.50
CA PHE B 440 -13.21 19.84 35.31
C PHE B 440 -12.34 19.89 34.06
N ILE B 441 -11.30 20.72 34.09
CA ILE B 441 -10.44 20.88 32.92
C ILE B 441 -9.75 19.58 32.59
N ILE B 442 -9.25 18.86 33.61
CA ILE B 442 -8.54 17.61 33.37
C ILE B 442 -9.46 16.60 32.70
N LEU B 443 -10.69 16.49 33.21
CA LEU B 443 -11.64 15.53 32.63
C LEU B 443 -11.92 15.86 31.17
N LEU B 444 -12.16 17.13 30.87
CA LEU B 444 -12.47 17.50 29.48
C LEU B 444 -11.29 17.21 28.56
N LEU B 445 -10.07 17.56 28.99
CA LEU B 445 -8.91 17.32 28.15
C LEU B 445 -8.69 15.84 27.89
N ALA B 446 -8.83 15.01 28.93
CA ALA B 446 -8.66 13.57 28.75
C ALA B 446 -9.70 13.03 27.77
N TYR B 447 -10.95 13.47 27.90
CA TYR B 447 -11.99 13.01 26.97
C TYR B 447 -11.63 13.38 25.53
N VAL B 448 -11.20 14.62 25.31
CA VAL B 448 -10.89 15.07 23.95
C VAL B 448 -9.76 14.21 23.36
N ILE B 449 -8.69 14.01 24.13
CA ILE B 449 -7.54 13.27 23.61
C ILE B 449 -7.95 11.84 23.27
N LEU B 450 -8.67 11.19 24.18
CA LEU B 450 -9.06 9.80 23.93
C LEU B 450 -9.95 9.69 22.70
N THR B 451 -10.91 10.60 22.54
CA THR B 451 -11.80 10.53 21.39
C THR B 451 -11.04 10.71 20.08
N TYR B 452 -10.09 11.66 20.04
CA TYR B 452 -9.35 11.86 18.80
C TYR B 452 -8.45 10.66 18.48
N ILE B 453 -7.80 10.10 19.50
CA ILE B 453 -7.04 8.87 19.25
C ILE B 453 -7.94 7.79 18.68
N LEU B 454 -9.15 7.66 19.23
CA LEU B 454 -10.07 6.62 18.77
C LEU B 454 -10.46 6.83 17.31
N LEU B 455 -10.74 8.08 16.91
CA LEU B 455 -11.08 8.34 15.52
C LEU B 455 -9.90 8.02 14.59
N LEU B 456 -8.70 8.41 14.99
CA LEU B 456 -7.52 8.08 14.19
C LEU B 456 -7.39 6.58 14.00
N ASN B 457 -7.54 5.83 15.09
CA ASN B 457 -7.44 4.37 15.01
C ASN B 457 -8.51 3.79 14.11
N MET B 458 -9.73 4.33 14.19
CA MET B 458 -10.80 3.84 13.33
C MET B 458 -10.45 4.03 11.86
N LEU B 459 -9.96 5.18 11.41
CA LEU B 459 -9.65 5.40 9.95
C LEU B 459 -8.39 4.63 9.55
N ILE B 460 -7.42 4.39 10.44
CA ILE B 460 -6.31 3.56 10.01
C ILE B 460 -6.76 2.10 9.86
N ALA B 461 -7.52 1.59 10.83
CA ALA B 461 -7.98 0.21 10.75
C ALA B 461 -8.90 0.01 9.55
N LEU B 462 -9.77 1.00 9.27
CA LEU B 462 -10.63 0.90 8.10
C LEU B 462 -9.81 0.79 6.83
N MET B 463 -8.72 1.50 6.61
CA MET B 463 -8.03 1.30 5.29
C MET B 463 -7.15 0.08 5.40
N GLY B 464 -6.79 -0.39 6.61
CA GLY B 464 -5.89 -1.54 6.60
C GLY B 464 -6.44 -2.72 5.81
N GLU B 465 -7.75 -2.97 5.92
CA GLU B 465 -8.32 -4.13 5.26
C GLU B 465 -8.17 -4.07 3.75
N THR B 466 -8.14 -2.87 3.16
CA THR B 466 -8.04 -2.73 1.71
C THR B 466 -6.57 -2.81 1.32
N VAL B 467 -6.13 -4.02 0.97
CA VAL B 467 -4.79 -4.26 0.46
C VAL B 467 -4.90 -4.37 -1.05
N ASN B 468 -5.92 -3.72 -1.61
CA ASN B 468 -6.47 -3.88 -2.95
C ASN B 468 -7.44 -5.06 -2.99
N LYS B 469 -7.67 -5.74 -1.88
CA LYS B 469 -8.65 -6.83 -1.82
C LYS B 469 -10.02 -6.32 -1.39
N ILE B 470 -10.49 -5.25 -2.05
CA ILE B 470 -11.84 -4.75 -1.81
C ILE B 470 -12.61 -4.48 -3.09
N ALA B 471 -11.94 -4.22 -4.22
CA ALA B 471 -12.64 -3.93 -5.46
C ALA B 471 -13.05 -5.20 -6.21
N GLN B 472 -12.19 -6.21 -6.23
CA GLN B 472 -12.50 -7.44 -6.95
C GLN B 472 -13.69 -8.15 -6.34
N GLU B 473 -13.87 -8.08 -5.02
CA GLU B 473 -15.07 -8.62 -4.39
C GLU B 473 -16.29 -7.76 -4.65
N SER B 474 -16.12 -6.43 -4.67
CA SER B 474 -17.25 -5.54 -4.91
C SER B 474 -17.82 -5.75 -6.31
N LYS B 475 -16.96 -5.92 -7.31
CA LYS B 475 -17.45 -6.14 -8.67
C LYS B 475 -18.25 -7.43 -8.75
N ASN B 476 -17.76 -8.50 -8.11
CA ASN B 476 -18.48 -9.76 -8.14
C ASN B 476 -19.82 -9.66 -7.43
N ILE B 477 -19.86 -8.95 -6.30
CA ILE B 477 -21.12 -8.78 -5.58
C ILE B 477 -22.12 -8.01 -6.44
N TRP B 478 -21.65 -6.95 -7.11
CA TRP B 478 -22.54 -6.20 -7.98
C TRP B 478 -23.07 -7.06 -9.12
N LYS B 479 -22.21 -7.91 -9.69
CA LYS B 479 -22.65 -8.79 -10.76
C LYS B 479 -23.72 -9.76 -10.26
N LEU B 480 -23.52 -10.31 -9.06
CA LEU B 480 -24.53 -11.20 -8.49
C LEU B 480 -25.85 -10.48 -8.27
N GLN B 481 -25.79 -9.24 -7.78
CA GLN B 481 -27.02 -8.47 -7.57
C GLN B 481 -27.76 -8.25 -8.89
N ARG B 482 -27.03 -7.87 -9.93
CA ARG B 482 -27.67 -7.67 -11.23
C ARG B 482 -28.25 -8.97 -11.77
N ALA B 483 -27.56 -10.09 -11.54
CA ALA B 483 -28.10 -11.37 -11.99
C ALA B 483 -29.41 -11.69 -11.29
N ILE B 484 -29.47 -11.44 -9.98
CA ILE B 484 -30.72 -11.66 -9.25
C ILE B 484 -31.83 -10.79 -9.82
N THR B 485 -31.52 -9.52 -10.12
CA THR B 485 -32.53 -8.64 -10.70
C THR B 485 -33.02 -9.17 -12.04
N ILE B 486 -32.10 -9.64 -12.89
CA ILE B 486 -32.48 -10.15 -14.20
C ILE B 486 -33.39 -11.35 -14.04
N LEU B 487 -33.03 -12.29 -13.16
CA LEU B 487 -33.85 -13.49 -12.97
C LEU B 487 -35.24 -13.11 -12.47
N ASP B 488 -35.32 -12.20 -11.51
CA ASP B 488 -36.63 -11.81 -10.98
C ASP B 488 -37.48 -11.16 -12.06
N THR B 489 -36.88 -10.25 -12.84
CA THR B 489 -37.65 -9.59 -13.89
C THR B 489 -38.13 -10.59 -14.94
N GLU B 490 -37.28 -11.54 -15.31
CA GLU B 490 -37.70 -12.55 -16.27
C GLU B 490 -38.85 -13.38 -15.72
N LYS B 491 -38.76 -13.80 -14.46
CA LYS B 491 -39.84 -14.59 -13.87
C LYS B 491 -41.14 -13.81 -13.88
N SER B 492 -41.09 -12.53 -13.50
CA SER B 492 -42.27 -11.67 -13.52
C SER B 492 -42.43 -11.14 -14.94
N PHE B 493 -43.19 -11.86 -15.76
CA PHE B 493 -43.36 -11.48 -17.16
C PHE B 493 -43.87 -10.06 -17.26
N LEU B 494 -43.28 -9.28 -18.16
CA LEU B 494 -43.77 -7.92 -18.41
C LEU B 494 -45.17 -8.00 -18.99
N LYS B 495 -46.13 -7.33 -18.33
CA LYS B 495 -47.52 -7.40 -18.74
C LYS B 495 -47.91 -8.86 -18.99
N CYS B 496 -48.66 -9.12 -20.06
CA CYS B 496 -49.05 -10.48 -20.42
C CYS B 496 -48.23 -11.04 -21.58
N MET B 497 -47.30 -10.27 -22.12
CA MET B 497 -46.49 -10.71 -23.25
C MET B 497 -45.36 -11.62 -22.78
N ARG B 498 -44.82 -12.39 -23.74
CA ARG B 498 -43.76 -13.34 -23.43
C ARG B 498 -42.92 -13.51 -24.69
N LYS B 499 -41.77 -12.83 -24.75
CA LYS B 499 -40.87 -12.90 -25.89
C LYS B 499 -39.48 -13.43 -25.57
N ALA B 500 -39.07 -13.43 -24.30
CA ALA B 500 -37.72 -13.82 -23.95
C ALA B 500 -37.47 -15.30 -24.27
N PHE B 501 -36.27 -15.59 -24.78
CA PHE B 501 -35.84 -16.96 -24.98
C PHE B 501 -34.34 -16.96 -25.22
N ARG B 502 -33.70 -18.07 -24.84
CA ARG B 502 -32.24 -18.12 -24.76
C ARG B 502 -31.56 -17.79 -26.08
N SER B 503 -31.75 -18.62 -27.10
CA SER B 503 -31.01 -18.48 -28.35
C SER B 503 -31.72 -19.32 -29.42
N GLY B 504 -31.07 -19.48 -30.57
CA GLY B 504 -31.70 -20.09 -31.72
C GLY B 504 -31.51 -21.60 -31.80
N LYS B 505 -32.50 -22.26 -32.41
CA LYS B 505 -32.44 -23.69 -32.65
C LYS B 505 -31.41 -24.00 -33.74
N LEU B 506 -30.69 -25.12 -33.57
CA LEU B 506 -29.60 -25.41 -34.48
C LEU B 506 -29.29 -26.90 -34.46
N LEU B 507 -28.69 -27.38 -35.56
CA LEU B 507 -28.23 -28.75 -35.70
C LEU B 507 -26.71 -28.74 -35.68
N GLN B 508 -26.14 -29.45 -34.71
CA GLN B 508 -24.69 -29.46 -34.52
C GLN B 508 -24.08 -30.84 -34.64
N VAL B 509 -24.65 -31.85 -33.98
CA VAL B 509 -24.06 -33.20 -34.01
C VAL B 509 -24.58 -34.04 -35.16
N GLY B 510 -25.72 -33.67 -35.73
CA GLY B 510 -26.27 -34.41 -36.84
C GLY B 510 -27.14 -35.59 -36.41
N PHE B 511 -26.51 -36.65 -35.91
CA PHE B 511 -27.21 -37.88 -35.60
C PHE B 511 -26.69 -38.49 -34.31
N THR B 512 -27.62 -38.99 -33.50
CA THR B 512 -27.32 -39.70 -32.26
C THR B 512 -26.93 -41.13 -32.61
N PRO B 513 -26.61 -41.98 -31.63
CA PRO B 513 -26.46 -43.41 -31.96
C PRO B 513 -27.67 -43.99 -32.66
N ASP B 514 -28.86 -43.49 -32.33
CA ASP B 514 -30.05 -43.81 -33.11
C ASP B 514 -30.09 -42.96 -34.37
N GLY B 515 -30.92 -43.38 -35.32
CA GLY B 515 -30.97 -42.70 -36.61
C GLY B 515 -31.45 -41.26 -36.50
N LYS B 516 -32.39 -41.00 -35.59
CA LYS B 516 -33.01 -39.68 -35.52
C LYS B 516 -31.99 -38.61 -35.17
N ASP B 517 -32.18 -37.43 -35.74
CA ASP B 517 -31.33 -36.27 -35.50
C ASP B 517 -31.75 -35.61 -34.19
N ASP B 518 -31.16 -34.46 -33.87
CA ASP B 518 -31.50 -33.76 -32.63
C ASP B 518 -31.17 -32.29 -32.74
N TYR B 519 -31.81 -31.50 -31.88
CA TYR B 519 -31.61 -30.06 -31.78
C TYR B 519 -31.36 -29.72 -30.32
N ARG B 520 -30.44 -28.78 -30.06
CA ARG B 520 -30.05 -28.55 -28.67
C ARG B 520 -29.80 -27.07 -28.34
N TRP B 521 -30.53 -26.15 -28.98
CA TRP B 521 -30.61 -24.76 -28.51
C TRP B 521 -29.24 -24.18 -28.16
N CYS B 522 -28.38 -24.06 -29.17
CA CYS B 522 -27.02 -23.62 -28.93
C CYS B 522 -26.94 -22.10 -28.78
N PHE B 523 -25.74 -21.61 -28.47
CA PHE B 523 -25.45 -20.19 -28.24
C PHE B 523 -24.03 -19.92 -28.75
N ARG B 524 -23.92 -19.38 -29.96
CA ARG B 524 -22.63 -19.30 -30.63
C ARG B 524 -21.76 -18.19 -30.03
N VAL B 525 -20.44 -18.42 -30.05
CA VAL B 525 -19.45 -17.46 -29.58
C VAL B 525 -18.30 -17.46 -30.58
N ASP B 526 -17.87 -16.26 -30.99
CA ASP B 526 -16.78 -16.09 -31.93
C ASP B 526 -15.51 -15.71 -31.19
N GLU B 527 -14.42 -16.40 -31.48
CA GLU B 527 -13.15 -16.17 -30.82
C GLU B 527 -12.02 -16.28 -31.85
N VAL B 528 -10.94 -15.53 -31.63
CA VAL B 528 -9.83 -15.44 -32.55
C VAL B 528 -8.58 -15.94 -31.85
N ASN B 529 -7.92 -16.94 -32.43
CA ASN B 529 -6.70 -17.51 -31.89
C ASN B 529 -5.56 -17.28 -32.88
N TRP B 530 -4.44 -16.75 -32.39
CA TRP B 530 -3.27 -16.47 -33.20
C TRP B 530 -2.12 -17.43 -32.92
N THR B 531 -1.92 -17.80 -31.66
CA THR B 531 -0.86 -18.71 -31.27
C THR B 531 -1.40 -20.13 -31.12
N THR B 532 -0.51 -21.05 -30.75
CA THR B 532 -0.86 -22.45 -30.54
C THR B 532 -1.64 -23.01 -31.72
N TRP B 533 -0.99 -23.00 -32.88
CA TRP B 533 -1.60 -23.49 -34.10
C TRP B 533 -1.49 -25.02 -34.18
N SER C 1 42.97 19.63 -33.79
CA SER C 1 42.98 19.79 -32.31
C SER C 1 42.15 18.70 -31.63
N TYR C 2 41.20 18.15 -32.38
CA TYR C 2 40.26 17.17 -31.82
C TYR C 2 40.88 15.77 -31.77
N TYR C 3 41.51 15.35 -32.86
CA TYR C 3 42.20 14.07 -32.93
C TYR C 3 43.72 14.20 -32.76
N LYS C 4 44.19 15.38 -32.40
CA LYS C 4 45.63 15.64 -32.33
C LYS C 4 46.28 14.82 -31.23
N GLY C 5 47.53 14.42 -31.48
CA GLY C 5 48.34 13.74 -30.50
C GLY C 5 48.31 12.23 -30.55
N GLN C 6 47.41 11.64 -31.33
CA GLN C 6 47.30 10.19 -31.40
C GLN C 6 48.56 9.58 -32.00
N THR C 7 48.88 8.36 -31.57
CA THR C 7 50.09 7.66 -31.99
C THR C 7 49.75 6.22 -32.33
N ALA C 8 50.58 5.61 -33.18
CA ALA C 8 50.28 4.28 -33.69
C ALA C 8 50.11 3.26 -32.58
N LEU C 9 50.85 3.41 -31.47
CA LEU C 9 50.73 2.46 -30.37
C LEU C 9 49.30 2.41 -29.85
N HIS C 10 48.63 3.55 -29.77
CA HIS C 10 47.26 3.57 -29.25
C HIS C 10 46.33 2.76 -30.14
N ILE C 11 46.40 2.97 -31.46
CA ILE C 11 45.58 2.19 -32.38
C ILE C 11 45.90 0.70 -32.22
N ALA C 12 47.19 0.36 -32.24
CA ALA C 12 47.57 -1.05 -32.10
C ALA C 12 46.95 -1.65 -30.84
N ILE C 13 46.99 -0.91 -29.74
CA ILE C 13 46.45 -1.42 -28.48
C ILE C 13 44.94 -1.62 -28.58
N GLU C 14 44.23 -0.65 -29.16
CA GLU C 14 42.78 -0.63 -29.09
C GLU C 14 42.10 -1.36 -30.25
N ARG C 15 42.87 -2.10 -31.07
CA ARG C 15 42.28 -2.94 -32.10
C ARG C 15 42.25 -4.42 -31.73
N ARG C 16 42.86 -4.82 -30.61
CA ARG C 16 42.83 -6.20 -30.14
C ARG C 16 43.72 -7.11 -30.99
N ASN C 17 44.80 -6.57 -31.55
CA ASN C 17 45.72 -7.34 -32.39
C ASN C 17 47.03 -7.48 -31.63
N MET C 18 47.20 -8.63 -30.96
CA MET C 18 48.42 -8.87 -30.19
C MET C 18 49.65 -8.93 -31.10
N THR C 19 49.55 -9.65 -32.21
CA THR C 19 50.71 -9.83 -33.09
C THR C 19 51.16 -8.49 -33.67
N LEU C 20 50.21 -7.68 -34.13
CA LEU C 20 50.57 -6.38 -34.68
C LEU C 20 51.20 -5.49 -33.60
N VAL C 21 50.68 -5.55 -32.38
CA VAL C 21 51.23 -4.76 -31.29
C VAL C 21 52.69 -5.19 -31.03
N THR C 22 52.92 -6.49 -30.99
CA THR C 22 54.28 -6.99 -30.76
C THR C 22 55.21 -6.55 -31.87
N LEU C 23 54.78 -6.68 -33.13
CA LEU C 23 55.63 -6.29 -34.25
C LEU C 23 55.95 -4.80 -34.21
N LEU C 24 54.95 -3.97 -33.89
CA LEU C 24 55.20 -2.54 -33.79
C LEU C 24 56.15 -2.23 -32.63
N VAL C 25 56.01 -2.95 -31.51
CA VAL C 25 56.89 -2.72 -30.37
C VAL C 25 58.33 -3.08 -30.73
N GLU C 26 58.51 -4.12 -31.55
CA GLU C 26 59.86 -4.54 -31.92
C GLU C 26 60.64 -3.44 -32.63
N ASN C 27 59.97 -2.46 -33.22
CA ASN C 27 60.67 -1.39 -33.96
C ASN C 27 61.49 -0.56 -32.99
N GLY C 28 60.98 -0.29 -31.78
CA GLY C 28 61.63 0.58 -30.83
C GLY C 28 60.93 1.90 -30.57
N ALA C 29 59.66 2.02 -30.95
CA ALA C 29 58.94 3.26 -30.73
C ALA C 29 58.78 3.54 -29.24
N ASP C 30 58.80 4.82 -28.89
CA ASP C 30 58.67 5.22 -27.50
C ASP C 30 57.33 4.78 -26.93
N VAL C 31 57.35 4.32 -25.69
CA VAL C 31 56.15 3.88 -24.99
C VAL C 31 55.72 4.87 -23.92
N GLN C 32 56.14 6.13 -24.05
CA GLN C 32 55.75 7.19 -23.14
C GLN C 32 55.11 8.37 -23.86
N ALA C 33 54.60 8.15 -25.07
CA ALA C 33 53.94 9.21 -25.81
C ALA C 33 52.59 9.53 -25.18
N ALA C 34 52.28 10.82 -25.10
CA ALA C 34 51.04 11.29 -24.50
C ALA C 34 50.26 12.11 -25.51
N ALA C 35 48.97 11.82 -25.63
CA ALA C 35 48.09 12.52 -26.57
C ALA C 35 47.35 13.62 -25.83
N ASN C 36 47.50 14.86 -26.30
CA ASN C 36 46.87 16.01 -25.68
C ASN C 36 45.65 16.50 -26.45
N GLY C 37 45.12 15.67 -27.36
CA GLY C 37 43.96 16.09 -28.13
C GLY C 37 42.75 16.33 -27.26
N ASP C 38 41.88 17.23 -27.73
CA ASP C 38 40.67 17.56 -26.99
C ASP C 38 39.71 16.38 -26.89
N PHE C 39 39.84 15.40 -27.78
CA PHE C 39 38.96 14.23 -27.72
C PHE C 39 39.16 13.42 -26.45
N PHE C 40 40.29 13.62 -25.76
CA PHE C 40 40.60 12.91 -24.53
C PHE C 40 40.45 13.79 -23.30
N LYS C 41 39.80 14.94 -23.42
CA LYS C 41 39.65 15.85 -22.29
C LYS C 41 38.57 15.36 -21.33
N LYS C 42 38.54 15.95 -20.14
CA LYS C 42 37.63 15.50 -19.09
C LYS C 42 36.18 15.65 -19.52
N THR C 43 35.70 16.88 -19.66
CA THR C 43 34.30 17.15 -19.99
C THR C 43 34.19 18.28 -21.01
N LYS C 44 35.19 18.39 -21.89
CA LYS C 44 35.18 19.41 -22.94
C LYS C 44 34.45 18.81 -24.14
N GLY C 45 33.14 19.03 -24.18
CA GLY C 45 32.29 18.42 -25.18
C GLY C 45 31.85 17.03 -24.77
N ARG C 46 30.57 16.73 -24.94
CA ARG C 46 30.07 15.43 -24.51
C ARG C 46 30.86 14.26 -25.07
N PRO C 47 31.22 14.23 -26.36
CA PRO C 47 32.03 13.11 -26.86
C PRO C 47 33.41 13.08 -26.19
N GLY C 48 33.94 11.88 -26.05
CA GLY C 48 35.26 11.71 -25.46
C GLY C 48 35.39 10.43 -24.65
N PHE C 49 36.61 9.92 -24.53
CA PHE C 49 36.91 8.71 -23.74
C PHE C 49 38.21 8.95 -22.98
N TYR C 50 38.09 9.34 -21.71
CA TYR C 50 39.27 9.52 -20.88
C TYR C 50 39.80 8.16 -20.44
N PHE C 51 41.11 7.94 -20.65
CA PHE C 51 41.71 6.66 -20.35
C PHE C 51 43.08 6.77 -19.69
N GLY C 52 43.45 7.96 -19.21
CA GLY C 52 44.71 8.15 -18.52
C GLY C 52 45.82 8.76 -19.35
N GLU C 53 45.68 8.80 -20.67
CA GLU C 53 46.60 9.45 -21.59
C GLU C 53 47.89 8.66 -21.81
N LEU C 54 48.00 7.45 -21.26
CA LEU C 54 49.19 6.63 -21.42
C LEU C 54 48.81 5.28 -22.01
N PRO C 55 49.69 4.70 -22.84
CA PRO C 55 49.35 3.39 -23.43
C PRO C 55 49.10 2.30 -22.41
N LEU C 56 49.85 2.31 -21.30
CA LEU C 56 49.64 1.33 -20.26
C LEU C 56 48.23 1.46 -19.67
N SER C 57 47.81 2.70 -19.40
CA SER C 57 46.45 2.91 -18.90
C SER C 57 45.42 2.50 -19.94
N LEU C 58 45.68 2.77 -21.22
CA LEU C 58 44.75 2.37 -22.27
C LEU C 58 44.56 0.85 -22.27
N ALA C 59 45.66 0.12 -22.16
CA ALA C 59 45.57 -1.34 -22.10
C ALA C 59 44.82 -1.77 -20.84
N ALA C 60 45.10 -1.14 -19.71
CA ALA C 60 44.48 -1.53 -18.45
C ALA C 60 42.97 -1.35 -18.49
N CYS C 61 42.50 -0.23 -19.04
CA CYS C 61 41.09 0.14 -18.97
C CYS C 61 40.24 -0.47 -20.07
N THR C 62 40.81 -1.29 -20.95
CA THR C 62 40.09 -1.85 -22.10
C THR C 62 40.11 -3.36 -22.10
N ASN C 63 40.03 -3.98 -20.92
CA ASN C 63 39.92 -5.43 -20.77
C ASN C 63 41.19 -6.18 -21.19
N GLN C 64 42.27 -5.47 -21.50
CA GLN C 64 43.48 -6.11 -22.01
C GLN C 64 44.32 -6.59 -20.84
N LEU C 65 44.52 -7.91 -20.74
CA LEU C 65 45.32 -8.52 -19.68
C LEU C 65 46.63 -9.07 -20.20
N ALA C 66 46.59 -9.95 -21.20
CA ALA C 66 47.82 -10.47 -21.78
C ALA C 66 48.65 -9.35 -22.40
N ILE C 67 47.99 -8.39 -23.05
CA ILE C 67 48.71 -7.29 -23.68
C ILE C 67 49.42 -6.45 -22.63
N VAL C 68 48.74 -6.14 -21.54
CA VAL C 68 49.37 -5.32 -20.50
C VAL C 68 50.51 -6.09 -19.84
N LYS C 69 50.33 -7.39 -19.64
CA LYS C 69 51.43 -8.21 -19.11
C LYS C 69 52.63 -8.16 -20.05
N PHE C 70 52.39 -8.27 -21.36
CA PHE C 70 53.49 -8.22 -22.31
C PHE C 70 54.20 -6.87 -22.29
N LEU C 71 53.43 -5.78 -22.26
CA LEU C 71 54.04 -4.46 -22.19
C LEU C 71 54.88 -4.30 -20.94
N LEU C 72 54.40 -4.82 -19.81
CA LEU C 72 55.11 -4.65 -18.55
C LEU C 72 56.24 -5.65 -18.35
N GLN C 73 56.32 -6.69 -19.19
CA GLN C 73 57.31 -7.76 -19.02
C GLN C 73 58.18 -7.96 -20.25
N ASN C 74 58.50 -6.90 -20.99
CA ASN C 74 59.37 -6.99 -22.16
C ASN C 74 60.81 -6.72 -21.76
N SER C 75 61.75 -7.41 -22.41
CA SER C 75 63.16 -7.18 -22.16
C SER C 75 63.71 -5.98 -22.93
N TRP C 76 62.99 -5.49 -23.93
CA TRP C 76 63.49 -4.36 -24.72
C TRP C 76 63.43 -3.06 -23.93
N GLN C 77 62.24 -2.68 -23.48
CA GLN C 77 62.06 -1.43 -22.76
C GLN C 77 60.80 -1.48 -21.90
N PRO C 78 60.88 -1.97 -20.67
CA PRO C 78 59.67 -2.02 -19.83
C PRO C 78 59.14 -0.63 -19.53
N ALA C 79 57.82 -0.52 -19.45
CA ALA C 79 57.18 0.76 -19.18
C ALA C 79 57.11 1.01 -17.68
N ASP C 80 57.54 2.19 -17.26
CA ASP C 80 57.50 2.54 -15.84
C ASP C 80 56.06 2.68 -15.37
N ILE C 81 55.84 2.34 -14.11
CA ILE C 81 54.50 2.40 -13.52
C ILE C 81 54.23 3.75 -12.89
N SER C 82 55.26 4.41 -12.41
CA SER C 82 55.09 5.70 -11.70
C SER C 82 54.85 6.85 -12.70
N ALA C 83 54.56 6.60 -13.98
CA ALA C 83 54.31 7.68 -14.93
C ALA C 83 53.06 8.45 -14.56
N ARG C 84 53.07 9.74 -14.84
CA ARG C 84 51.94 10.62 -14.58
C ARG C 84 51.70 11.49 -15.81
N ASP C 85 50.43 11.70 -16.15
CA ASP C 85 50.06 12.48 -17.33
C ASP C 85 49.98 13.96 -16.96
N SER C 86 49.43 14.77 -17.87
CA SER C 86 49.34 16.20 -17.62
C SER C 86 48.54 16.50 -16.35
N VAL C 87 47.41 15.80 -16.17
CA VAL C 87 46.60 15.98 -14.96
C VAL C 87 47.22 15.32 -13.74
N GLY C 88 48.13 14.37 -13.94
CA GLY C 88 48.79 13.70 -12.84
C GLY C 88 48.22 12.35 -12.47
N ASN C 89 47.10 11.95 -13.06
CA ASN C 89 46.50 10.66 -12.73
C ASN C 89 47.42 9.52 -13.14
N THR C 90 47.41 8.45 -12.36
CA THR C 90 48.17 7.24 -12.63
C THR C 90 47.22 6.18 -13.18
N VAL C 91 47.76 5.00 -13.48
CA VAL C 91 46.91 3.90 -13.96
C VAL C 91 45.85 3.58 -12.92
N LEU C 92 46.21 3.60 -11.64
CA LEU C 92 45.24 3.32 -10.58
C LEU C 92 44.16 4.40 -10.53
N HIS C 93 44.57 5.66 -10.62
CA HIS C 93 43.59 6.75 -10.62
C HIS C 93 42.64 6.63 -11.81
N ALA C 94 43.17 6.32 -12.99
CA ALA C 94 42.32 6.14 -14.16
C ALA C 94 41.35 4.98 -13.96
N LEU C 95 41.84 3.87 -13.40
CA LEU C 95 40.96 2.73 -13.12
C LEU C 95 39.83 3.14 -12.19
N VAL C 96 40.14 3.92 -11.16
CA VAL C 96 39.11 4.39 -10.24
C VAL C 96 38.12 5.28 -10.97
N GLU C 97 38.63 6.17 -11.83
CA GLU C 97 37.77 7.18 -12.45
C GLU C 97 36.85 6.57 -13.50
N VAL C 98 37.28 5.47 -14.12
CA VAL C 98 36.47 4.85 -15.17
C VAL C 98 35.21 4.18 -14.63
N ALA C 99 35.21 3.81 -13.35
CA ALA C 99 34.08 3.06 -12.80
C ALA C 99 32.79 3.89 -12.84
N ASP C 100 31.66 3.21 -13.08
CA ASP C 100 30.37 3.88 -13.10
C ASP C 100 29.28 3.09 -12.39
N ASN C 101 29.63 2.29 -11.39
CA ASN C 101 28.65 1.61 -10.54
C ASN C 101 27.76 0.66 -11.34
N THR C 102 28.38 -0.35 -11.95
CA THR C 102 27.66 -1.45 -12.56
C THR C 102 28.35 -2.76 -12.18
N VAL C 103 27.55 -3.79 -11.92
CA VAL C 103 28.08 -5.01 -11.32
C VAL C 103 29.20 -5.60 -12.18
N ASP C 104 28.95 -5.75 -13.48
CA ASP C 104 29.98 -6.29 -14.36
C ASP C 104 31.18 -5.35 -14.41
N ASN C 105 30.92 -4.05 -14.52
CA ASN C 105 32.00 -3.08 -14.51
C ASN C 105 32.78 -3.13 -13.20
N THR C 106 32.07 -3.26 -12.07
CA THR C 106 32.75 -3.31 -10.78
C THR C 106 33.65 -4.53 -10.66
N LYS C 107 33.15 -5.71 -11.07
CA LYS C 107 33.99 -6.90 -10.98
C LYS C 107 35.18 -6.80 -11.91
N PHE C 108 34.98 -6.30 -13.13
CA PHE C 108 36.11 -6.07 -14.02
C PHE C 108 37.15 -5.17 -13.38
N VAL C 109 36.71 -4.04 -12.84
CA VAL C 109 37.64 -3.06 -12.30
C VAL C 109 38.41 -3.63 -11.13
N THR C 110 37.72 -4.33 -10.23
CA THR C 110 38.40 -4.89 -9.07
C THR C 110 39.39 -5.97 -9.47
N SER C 111 39.01 -6.84 -10.41
CA SER C 111 39.95 -7.87 -10.85
C SER C 111 41.19 -7.26 -11.47
N MET C 112 41.02 -6.27 -12.36
CA MET C 112 42.16 -5.64 -12.99
C MET C 112 43.03 -4.93 -11.96
N TYR C 113 42.39 -4.24 -11.00
CA TYR C 113 43.12 -3.57 -9.93
C TYR C 113 44.00 -4.55 -9.16
N ASN C 114 43.41 -5.67 -8.74
CA ASN C 114 44.17 -6.65 -7.98
C ASN C 114 45.33 -7.19 -8.79
N GLU C 115 45.09 -7.53 -10.07
CA GLU C 115 46.17 -8.10 -10.88
C GLU C 115 47.32 -7.11 -11.04
N ILE C 116 47.00 -5.86 -11.41
CA ILE C 116 48.07 -4.88 -11.63
C ILE C 116 48.82 -4.63 -10.33
N LEU C 117 48.10 -4.57 -9.20
CA LEU C 117 48.76 -4.30 -7.93
C LEU C 117 49.71 -5.43 -7.56
N ILE C 118 49.29 -6.68 -7.73
CA ILE C 118 50.17 -7.79 -7.37
C ILE C 118 51.38 -7.84 -8.29
N LEU C 119 51.18 -7.58 -9.59
CA LEU C 119 52.33 -7.54 -10.50
C LEU C 119 53.30 -6.44 -10.10
N GLY C 120 52.79 -5.25 -9.78
CA GLY C 120 53.66 -4.17 -9.37
C GLY C 120 54.43 -4.49 -8.10
N ALA C 121 53.76 -5.13 -7.13
CA ALA C 121 54.46 -5.55 -5.92
C ALA C 121 55.54 -6.57 -6.23
N LYS C 122 55.25 -7.53 -7.11
CA LYS C 122 56.21 -8.57 -7.43
C LYS C 122 57.46 -7.98 -8.12
N LEU C 123 57.25 -7.07 -9.06
CA LEU C 123 58.38 -6.58 -9.86
C LEU C 123 59.28 -5.66 -9.03
N HIS C 124 58.70 -4.72 -8.29
CA HIS C 124 59.44 -3.74 -7.49
C HIS C 124 58.85 -3.71 -6.09
N PRO C 125 59.21 -4.68 -5.24
CA PRO C 125 58.64 -4.71 -3.89
C PRO C 125 59.00 -3.50 -3.03
N THR C 126 60.09 -2.79 -3.35
CA THR C 126 60.51 -1.69 -2.51
C THR C 126 59.54 -0.52 -2.55
N LEU C 127 58.94 -0.25 -3.71
CA LEU C 127 58.09 0.92 -3.88
C LEU C 127 56.63 0.57 -3.57
N LYS C 128 55.88 1.58 -3.15
CA LYS C 128 54.45 1.44 -2.87
C LYS C 128 53.68 2.41 -3.75
N LEU C 129 52.61 1.92 -4.38
CA LEU C 129 51.86 2.72 -5.34
C LEU C 129 50.75 3.54 -4.71
N GLU C 130 50.09 3.03 -3.67
CA GLU C 130 48.87 3.66 -3.16
C GLU C 130 49.13 5.01 -2.51
N GLU C 131 50.38 5.38 -2.23
CA GLU C 131 50.67 6.65 -1.57
C GLU C 131 51.06 7.76 -2.54
N ILE C 132 51.02 7.51 -3.85
CA ILE C 132 51.32 8.53 -4.84
C ILE C 132 50.06 9.36 -5.07
N THR C 133 50.21 10.69 -5.01
CA THR C 133 49.08 11.60 -5.10
C THR C 133 49.22 12.52 -6.30
N ASN C 134 48.08 12.90 -6.87
CA ASN C 134 48.04 13.80 -8.01
C ASN C 134 48.13 15.24 -7.50
N ARG C 135 47.88 16.21 -8.38
CA ARG C 135 48.04 17.61 -8.01
C ARG C 135 47.07 18.00 -6.89
N LYS C 136 45.83 17.54 -6.98
CA LYS C 136 44.84 17.89 -5.96
C LYS C 136 45.11 17.25 -4.60
N GLY C 137 46.19 16.50 -4.47
CA GLY C 137 46.47 15.84 -3.19
C GLY C 137 45.50 14.74 -2.84
N LEU C 138 45.07 13.98 -3.85
CA LEU C 138 44.11 12.90 -3.66
C LEU C 138 44.76 11.58 -4.04
N THR C 139 44.71 10.61 -3.13
CA THR C 139 45.14 9.25 -3.43
C THR C 139 43.98 8.48 -4.06
N PRO C 140 44.25 7.28 -4.60
CA PRO C 140 43.15 6.50 -5.19
C PRO C 140 42.01 6.26 -4.22
N LEU C 141 42.31 6.02 -2.94
CA LEU C 141 41.25 5.82 -1.96
C LEU C 141 40.45 7.09 -1.74
N ALA C 142 41.15 8.23 -1.57
CA ALA C 142 40.45 9.49 -1.39
C ALA C 142 39.65 9.85 -2.63
N LEU C 143 40.21 9.62 -3.81
CA LEU C 143 39.48 9.90 -5.05
C LEU C 143 38.23 9.04 -5.15
N ALA C 144 38.33 7.75 -4.79
CA ALA C 144 37.16 6.89 -4.82
C ALA C 144 36.10 7.38 -3.84
N ALA C 145 36.52 7.78 -2.65
CA ALA C 145 35.55 8.24 -1.65
C ALA C 145 34.87 9.53 -2.09
N SER C 146 35.63 10.45 -2.68
CA SER C 146 35.09 11.76 -3.02
C SER C 146 34.00 11.66 -4.10
N SER C 147 34.21 10.81 -5.10
CA SER C 147 33.32 10.76 -6.25
C SER C 147 32.18 9.76 -6.10
N GLY C 148 32.05 9.12 -4.94
CA GLY C 148 30.92 8.23 -4.72
C GLY C 148 30.95 6.95 -5.53
N LYS C 149 32.09 6.25 -5.56
CA LYS C 149 32.20 4.96 -6.22
C LYS C 149 32.09 3.87 -5.14
N ILE C 150 30.88 3.34 -4.97
CA ILE C 150 30.63 2.41 -3.87
C ILE C 150 31.46 1.14 -4.04
N GLY C 151 31.48 0.57 -5.24
CA GLY C 151 32.12 -0.72 -5.42
C GLY C 151 33.62 -0.68 -5.15
N VAL C 152 34.30 0.32 -5.70
CA VAL C 152 35.74 0.42 -5.53
C VAL C 152 36.09 0.63 -4.06
N LEU C 153 35.37 1.53 -3.39
CA LEU C 153 35.63 1.78 -1.98
C LEU C 153 35.40 0.51 -1.16
N ALA C 154 34.30 -0.19 -1.40
CA ALA C 154 34.00 -1.40 -0.65
C ALA C 154 35.08 -2.45 -0.86
N TYR C 155 35.54 -2.61 -2.11
CA TYR C 155 36.59 -3.58 -2.37
C TYR C 155 37.89 -3.20 -1.67
N ILE C 156 38.26 -1.93 -1.74
CA ILE C 156 39.55 -1.51 -1.21
C ILE C 156 39.57 -1.62 0.31
N LEU C 157 38.47 -1.27 0.97
CA LEU C 157 38.47 -1.19 2.43
C LEU C 157 38.72 -2.56 3.07
N GLN C 158 38.16 -3.62 2.49
CA GLN C 158 38.26 -4.96 3.04
C GLN C 158 39.01 -5.91 2.10
N ARG C 159 40.11 -5.43 1.52
CA ARG C 159 40.88 -6.24 0.58
C ARG C 159 41.57 -7.39 1.30
N GLU C 160 41.56 -8.57 0.66
CA GLU C 160 42.12 -9.78 1.25
C GLU C 160 42.95 -10.51 0.20
N ILE C 161 44.21 -10.79 0.54
CA ILE C 161 45.13 -11.52 -0.33
C ILE C 161 45.61 -12.76 0.42
N HIS C 162 45.52 -13.91 -0.23
CA HIS C 162 45.82 -15.20 0.38
C HIS C 162 46.99 -15.88 -0.31
N GLU C 163 48.06 -15.14 -0.60
CA GLU C 163 49.20 -15.68 -1.31
C GLU C 163 50.49 -15.33 -0.59
N PRO C 164 51.48 -16.23 -0.58
CA PRO C 164 52.76 -15.89 0.04
C PRO C 164 53.46 -14.73 -0.66
N GLU C 165 54.20 -13.95 0.11
CA GLU C 165 54.92 -12.77 -0.36
C GLU C 165 53.99 -11.65 -0.80
N CYS C 166 52.70 -11.72 -0.44
CA CYS C 166 51.75 -10.67 -0.77
C CYS C 166 50.82 -10.36 0.38
N ARG C 167 51.05 -10.93 1.57
CA ARG C 167 50.16 -10.65 2.70
C ARG C 167 50.24 -9.20 3.13
N HIS C 168 51.42 -8.59 3.02
CA HIS C 168 51.58 -7.22 3.50
C HIS C 168 50.77 -6.22 2.69
N LEU C 169 50.24 -6.62 1.53
CA LEU C 169 49.38 -5.74 0.75
C LEU C 169 47.93 -5.76 1.23
N SER C 170 47.58 -6.66 2.14
CA SER C 170 46.19 -6.81 2.59
C SER C 170 45.84 -5.78 3.65
N ARG C 171 44.53 -5.61 3.85
CA ARG C 171 44.00 -4.74 4.90
C ARG C 171 43.16 -5.50 5.92
N LYS C 172 42.60 -6.64 5.56
CA LYS C 172 41.85 -7.47 6.48
C LYS C 172 42.63 -8.75 6.78
N PHE C 173 42.67 -9.14 8.04
CA PHE C 173 43.46 -10.29 8.47
C PHE C 173 42.58 -11.17 9.35
N THR C 174 43.18 -12.18 9.96
CA THR C 174 42.49 -13.12 10.83
C THR C 174 43.43 -13.46 11.98
N GLU C 175 43.13 -12.96 13.18
CA GLU C 175 44.05 -13.11 14.34
C GLU C 175 44.03 -14.56 14.80
N TRP C 176 42.87 -15.18 14.92
CA TRP C 176 42.79 -16.58 15.30
C TRP C 176 41.38 -17.08 15.00
N ALA C 177 41.25 -18.41 14.96
CA ALA C 177 39.97 -19.06 14.73
C ALA C 177 39.85 -20.25 15.66
N TYR C 178 38.61 -20.59 16.00
CA TYR C 178 38.35 -21.72 16.89
C TYR C 178 36.91 -22.15 16.68
N GLY C 179 36.70 -23.36 16.16
CA GLY C 179 35.37 -23.87 15.91
C GLY C 179 34.58 -22.95 15.00
N PRO C 180 33.31 -22.70 15.34
CA PRO C 180 32.48 -21.82 14.51
C PRO C 180 32.74 -20.33 14.66
N VAL C 181 33.76 -19.91 15.40
CA VAL C 181 34.00 -18.50 15.69
C VAL C 181 35.42 -18.14 15.25
N HIS C 182 35.57 -16.97 14.64
CA HIS C 182 36.87 -16.41 14.31
C HIS C 182 36.78 -14.90 14.34
N SER C 183 37.87 -14.26 14.76
CA SER C 183 37.93 -12.82 14.91
C SER C 183 38.83 -12.23 13.84
N SER C 184 38.36 -11.15 13.20
CA SER C 184 39.10 -10.48 12.14
C SER C 184 39.70 -9.17 12.63
N LEU C 185 40.54 -8.57 11.79
CA LEU C 185 41.14 -7.27 12.07
C LEU C 185 41.01 -6.39 10.84
N TYR C 186 40.81 -5.10 11.07
CA TYR C 186 40.68 -4.12 9.99
C TYR C 186 41.72 -3.03 10.18
N ASP C 187 42.35 -2.62 9.09
CA ASP C 187 43.37 -1.59 9.12
C ASP C 187 42.71 -0.22 9.09
N LEU C 188 43.08 0.64 10.04
CA LEU C 188 42.52 1.98 10.16
C LEU C 188 43.48 3.08 9.75
N SER C 189 44.61 2.73 9.14
CA SER C 189 45.53 3.77 8.69
C SER C 189 44.89 4.58 7.56
N CYS C 190 44.89 5.90 7.72
CA CYS C 190 44.36 6.84 6.74
C CYS C 190 42.86 6.69 6.54
N ILE C 191 42.09 6.48 7.62
CA ILE C 191 40.63 6.41 7.56
C ILE C 191 40.00 7.50 8.43
N ASP C 192 40.55 7.73 9.63
CA ASP C 192 40.00 8.74 10.52
C ASP C 192 40.97 9.90 10.75
N THR C 193 42.25 9.71 10.47
CA THR C 193 43.20 10.82 10.56
C THR C 193 44.38 10.52 9.63
N CYS C 194 44.46 11.25 8.52
CA CYS C 194 45.57 11.15 7.59
C CYS C 194 46.42 12.41 7.55
N GLU C 195 46.00 13.47 8.24
CA GLU C 195 46.65 14.76 8.36
C GLU C 195 46.49 15.62 7.10
N LYS C 196 45.92 15.09 6.03
CA LYS C 196 45.56 15.89 4.86
C LYS C 196 44.07 15.84 4.56
N ASN C 197 43.51 14.64 4.37
CA ASN C 197 42.07 14.47 4.22
C ASN C 197 41.69 13.01 4.39
N SER C 198 40.92 12.70 5.42
CA SER C 198 40.55 11.33 5.70
C SER C 198 39.31 10.94 4.91
N VAL C 199 39.01 9.64 4.91
CA VAL C 199 37.80 9.15 4.24
C VAL C 199 36.56 9.72 4.93
N LEU C 200 36.52 9.66 6.25
CA LEU C 200 35.35 10.15 6.97
C LEU C 200 35.15 11.64 6.73
N GLU C 201 36.23 12.42 6.77
CA GLU C 201 36.12 13.86 6.55
C GLU C 201 35.60 14.16 5.15
N VAL C 202 36.12 13.44 4.15
CA VAL C 202 35.70 13.69 2.77
C VAL C 202 34.23 13.34 2.59
N ILE C 203 33.79 12.21 3.14
CA ILE C 203 32.39 11.81 2.99
C ILE C 203 31.46 12.78 3.73
N ALA C 204 31.90 13.27 4.90
CA ALA C 204 31.02 14.10 5.72
C ALA C 204 30.77 15.46 5.09
N TYR C 205 31.82 16.09 4.55
CA TYR C 205 31.74 17.46 4.06
C TYR C 205 31.47 17.55 2.56
N SER C 206 31.19 16.43 1.89
CA SER C 206 30.96 16.47 0.46
C SER C 206 29.69 17.24 0.12
N SER C 207 29.67 17.86 -1.06
CA SER C 207 28.51 18.62 -1.48
C SER C 207 27.37 17.68 -1.87
N SER C 208 26.15 18.22 -1.86
CA SER C 208 24.95 17.39 -1.96
C SER C 208 24.79 16.73 -3.33
N GLU C 209 25.40 17.28 -4.38
CA GLU C 209 25.26 16.69 -5.71
C GLU C 209 25.98 15.36 -5.85
N THR C 210 26.83 14.99 -4.89
CA THR C 210 27.52 13.71 -4.97
C THR C 210 26.50 12.58 -4.99
N PRO C 211 26.71 11.54 -5.81
CA PRO C 211 25.65 10.53 -5.97
C PRO C 211 25.22 9.84 -4.68
N ASN C 212 26.16 9.26 -3.93
CA ASN C 212 25.80 8.27 -2.91
C ASN C 212 26.31 8.64 -1.52
N ARG C 213 26.08 9.87 -1.08
CA ARG C 213 26.52 10.27 0.26
C ARG C 213 25.87 9.43 1.34
N HIS C 214 24.55 9.26 1.25
CA HIS C 214 23.82 8.59 2.33
C HIS C 214 24.21 7.13 2.45
N ASP C 215 24.35 6.43 1.33
CA ASP C 215 24.50 4.98 1.31
C ASP C 215 25.96 4.55 1.41
N MET C 216 26.90 5.48 1.47
CA MET C 216 28.31 5.13 1.47
C MET C 216 28.85 4.87 2.88
N LEU C 217 28.04 5.09 3.91
CA LEU C 217 28.44 4.81 5.28
C LEU C 217 28.00 3.44 5.76
N LEU C 218 27.37 2.64 4.90
CA LEU C 218 26.96 1.29 5.28
C LEU C 218 28.08 0.27 5.14
N VAL C 219 29.23 0.67 4.60
CA VAL C 219 30.36 -0.24 4.51
C VAL C 219 30.75 -0.69 5.92
N GLU C 220 31.39 -1.86 6.01
CA GLU C 220 31.49 -2.58 7.27
C GLU C 220 32.17 -1.78 8.38
N PRO C 221 33.46 -1.49 8.30
CA PRO C 221 34.16 -0.92 9.47
C PRO C 221 33.60 0.42 9.94
N LEU C 222 33.12 1.25 9.02
CA LEU C 222 32.82 2.65 9.36
C LEU C 222 31.67 2.73 10.36
N ASN C 223 30.62 1.93 10.17
CA ASN C 223 29.47 1.99 11.06
C ASN C 223 29.89 1.67 12.50
N ARG C 224 30.61 0.56 12.68
CA ARG C 224 31.04 0.18 14.02
C ARG C 224 31.99 1.21 14.61
N LEU C 225 32.88 1.78 13.79
CA LEU C 225 33.80 2.78 14.30
C LEU C 225 33.05 4.00 14.82
N LEU C 226 32.06 4.48 14.07
CA LEU C 226 31.29 5.63 14.51
C LEU C 226 30.51 5.32 15.78
N GLN C 227 29.89 4.13 15.84
CA GLN C 227 29.16 3.75 17.05
C GLN C 227 30.08 3.72 18.26
N ASP C 228 31.30 3.19 18.09
CA ASP C 228 32.25 3.15 19.18
C ASP C 228 32.58 4.55 19.68
N LYS C 229 32.97 5.44 18.76
CA LYS C 229 33.33 6.80 19.17
C LYS C 229 32.18 7.45 19.93
N TRP C 230 30.98 7.39 19.37
CA TRP C 230 29.80 7.93 20.02
C TRP C 230 29.70 7.42 21.44
N ASP C 231 29.55 6.10 21.58
CA ASP C 231 29.26 5.50 22.88
C ASP C 231 30.37 5.75 23.87
N ARG C 232 31.59 6.01 23.41
CA ARG C 232 32.66 6.34 24.35
C ARG C 232 32.47 7.74 24.94
N PHE C 233 32.41 8.78 24.10
CA PHE C 233 32.36 10.13 24.72
C PHE C 233 31.39 11.14 24.10
N VAL C 234 30.90 10.92 22.89
CA VAL C 234 30.08 11.97 22.29
C VAL C 234 28.75 12.06 23.02
N LYS C 235 28.29 10.96 23.60
CA LYS C 235 27.04 10.97 24.34
C LYS C 235 27.08 11.96 25.49
N ARG C 236 28.11 11.88 26.32
CA ARG C 236 28.23 12.78 27.45
C ARG C 236 28.37 14.22 26.99
N ILE C 237 29.21 14.46 25.96
CA ILE C 237 29.36 15.83 25.49
C ILE C 237 28.01 16.40 25.05
N PHE C 238 27.26 15.61 24.27
CA PHE C 238 25.98 16.05 23.74
C PHE C 238 24.99 16.35 24.85
N TYR C 239 24.91 15.48 25.85
CA TYR C 239 23.95 15.70 26.94
C TYR C 239 24.29 16.96 27.72
N PHE C 240 25.57 17.21 27.97
CA PHE C 240 25.93 18.45 28.65
C PHE C 240 25.50 19.67 27.85
N ASN C 241 25.74 19.64 26.54
CA ASN C 241 25.35 20.78 25.71
C ASN C 241 23.84 21.00 25.75
N PHE C 242 23.07 19.92 25.66
CA PHE C 242 21.61 20.02 25.70
C PHE C 242 21.15 20.66 27.00
N PHE C 243 21.70 20.21 28.13
CA PHE C 243 21.32 20.78 29.42
C PHE C 243 21.61 22.28 29.46
N VAL C 244 22.79 22.68 29.01
CA VAL C 244 23.14 24.09 29.06
C VAL C 244 22.18 24.92 28.22
N TYR C 245 21.85 24.44 27.02
CA TYR C 245 20.93 25.19 26.17
C TYR C 245 19.57 25.34 26.82
N CYS C 246 19.04 24.26 27.41
CA CYS C 246 17.74 24.36 28.07
C CYS C 246 17.77 25.38 29.19
N LEU C 247 18.83 25.38 29.99
CA LEU C 247 18.92 26.35 31.08
C LEU C 247 18.92 27.78 30.54
N TYR C 248 19.72 28.04 29.50
CA TYR C 248 19.79 29.38 28.95
C TYR C 248 18.44 29.83 28.42
N MET C 249 17.73 28.93 27.73
CA MET C 249 16.44 29.32 27.16
C MET C 249 15.41 29.61 28.25
N ILE C 250 15.43 28.82 29.33
CA ILE C 250 14.52 29.09 30.44
C ILE C 250 14.80 30.46 31.04
N ILE C 251 16.08 30.78 31.25
CA ILE C 251 16.41 32.09 31.81
C ILE C 251 15.94 33.21 30.90
N PHE C 252 16.15 33.07 29.59
CA PHE C 252 15.73 34.11 28.66
C PHE C 252 14.22 34.31 28.71
N THR C 253 13.46 33.22 28.70
CA THR C 253 12.01 33.34 28.77
C THR C 253 11.58 34.05 30.04
N ALA C 254 12.11 33.63 31.19
CA ALA C 254 11.69 34.24 32.45
C ALA C 254 12.04 35.73 32.48
N ALA C 255 13.21 36.10 31.97
CA ALA C 255 13.58 37.51 31.94
C ALA C 255 12.64 38.31 31.05
N ALA C 256 12.27 37.76 29.89
CA ALA C 256 11.42 38.52 28.97
C ALA C 256 9.99 38.63 29.47
N TYR C 257 9.53 37.68 30.30
CA TYR C 257 8.13 37.69 30.73
C TYR C 257 7.81 38.85 31.66
N TYR C 258 8.80 39.44 32.33
CA TYR C 258 8.58 40.42 33.39
C TYR C 258 9.03 41.82 32.99
N ARG C 259 9.03 42.13 31.70
CA ARG C 259 9.52 43.43 31.26
C ARG C 259 8.65 44.54 31.85
N PRO C 260 9.22 45.71 32.13
CA PRO C 260 8.41 46.82 32.65
C PRO C 260 7.57 47.46 31.57
N VAL C 261 6.52 48.17 32.00
CA VAL C 261 5.54 48.80 31.07
C VAL C 261 5.36 50.28 31.47
N GLU C 262 6.36 51.14 31.21
CA GLU C 262 6.30 52.55 31.57
C GLU C 262 6.38 53.48 30.37
N GLY C 263 7.17 53.12 29.36
CA GLY C 263 7.27 53.93 28.15
C GLY C 263 8.64 54.54 27.93
N LEU C 264 9.07 54.60 26.67
CA LEU C 264 10.31 55.28 26.30
C LEU C 264 11.49 54.76 27.10
N PRO C 265 11.99 53.56 26.80
CA PRO C 265 13.19 53.05 27.48
C PRO C 265 14.38 53.96 27.21
N PRO C 266 15.51 53.75 27.92
CA PRO C 266 15.77 52.74 28.95
C PRO C 266 15.07 53.05 30.26
N TYR C 267 15.03 52.07 31.16
CA TYR C 267 14.33 52.19 32.43
C TYR C 267 15.32 52.18 33.58
N LYS C 268 15.12 53.09 34.53
CA LYS C 268 16.01 53.20 35.68
C LYS C 268 15.65 52.16 36.72
N LEU C 269 16.61 51.33 37.09
CA LEU C 269 16.37 50.26 38.04
C LEU C 269 16.09 50.82 39.43
N LYS C 270 15.47 50.00 40.26
CA LYS C 270 15.09 50.37 41.62
C LYS C 270 15.80 49.47 42.60
N ASN C 271 15.78 49.88 43.88
CA ASN C 271 16.47 49.16 44.93
C ASN C 271 15.58 48.02 45.45
N THR C 272 15.57 46.94 44.68
CA THR C 272 14.85 45.73 45.05
C THR C 272 15.46 44.53 44.35
N VAL C 273 15.18 43.34 44.88
CA VAL C 273 15.78 42.12 44.34
C VAL C 273 15.35 41.89 42.90
N GLY C 274 14.07 42.12 42.60
CA GLY C 274 13.57 41.80 41.27
C GLY C 274 14.33 42.52 40.18
N ASP C 275 14.66 43.79 40.41
CA ASP C 275 15.41 44.54 39.40
C ASP C 275 16.78 43.93 39.15
N TYR C 276 17.48 43.53 40.22
CA TYR C 276 18.79 42.91 40.03
C TYR C 276 18.68 41.61 39.25
N PHE C 277 17.70 40.79 39.59
CA PHE C 277 17.53 39.53 38.89
C PHE C 277 17.21 39.76 37.42
N ARG C 278 16.33 40.72 37.13
CA ARG C 278 15.97 41.02 35.75
C ARG C 278 17.16 41.52 34.95
N VAL C 279 17.98 42.39 35.55
CA VAL C 279 19.15 42.90 34.85
C VAL C 279 20.13 41.77 34.56
N THR C 280 20.34 40.89 35.54
CA THR C 280 21.24 39.76 35.31
C THR C 280 20.73 38.88 34.17
N GLY C 281 19.42 38.61 34.15
CA GLY C 281 18.87 37.80 33.08
C GLY C 281 19.06 38.43 31.71
N GLU C 282 18.82 39.74 31.62
CA GLU C 282 19.00 40.43 30.35
C GLU C 282 20.45 40.37 29.88
N ILE C 283 21.38 40.56 30.81
CA ILE C 283 22.80 40.51 30.45
C ILE C 283 23.17 39.11 29.94
N LEU C 284 22.69 38.08 30.63
CA LEU C 284 22.97 36.71 30.18
C LEU C 284 22.42 36.46 28.79
N SER C 285 21.20 36.95 28.53
CA SER C 285 20.60 36.75 27.21
C SER C 285 21.44 37.43 26.13
N VAL C 286 21.88 38.65 26.37
CA VAL C 286 22.69 39.35 25.37
C VAL C 286 23.99 38.61 25.12
N SER C 287 24.62 38.12 26.20
CA SER C 287 25.87 37.38 26.03
C SER C 287 25.68 36.14 25.18
N GLY C 288 24.61 35.38 25.45
CA GLY C 288 24.33 34.21 24.62
C GLY C 288 24.12 34.57 23.16
N GLY C 289 23.39 35.66 22.92
CA GLY C 289 23.16 36.08 21.54
C GLY C 289 24.45 36.38 20.80
N VAL C 290 25.35 37.13 21.45
CA VAL C 290 26.60 37.47 20.78
C VAL C 290 27.46 36.23 20.56
N TYR C 291 27.44 35.30 21.52
CA TYR C 291 28.18 34.05 21.35
C TYR C 291 27.72 33.31 20.11
N PHE C 292 26.40 33.15 19.97
CA PHE C 292 25.88 32.44 18.80
C PHE C 292 26.23 33.18 17.51
N PHE C 293 26.14 34.51 17.53
CA PHE C 293 26.50 35.29 16.34
C PHE C 293 27.93 34.98 15.90
N PHE C 294 28.88 35.03 16.84
CA PHE C 294 30.27 34.82 16.47
C PHE C 294 30.51 33.39 16.00
N ARG C 295 29.91 32.39 16.66
CA ARG C 295 30.10 31.02 16.21
C ARG C 295 29.58 30.84 14.79
N GLY C 296 28.41 31.39 14.50
CA GLY C 296 27.85 31.25 13.16
C GLY C 296 28.72 31.90 12.11
N ILE C 297 29.22 33.11 12.38
CA ILE C 297 30.05 33.78 11.38
C ILE C 297 31.34 33.00 11.16
N GLN C 298 31.91 32.42 12.23
CA GLN C 298 33.11 31.61 12.07
C GLN C 298 32.84 30.41 11.18
N TYR C 299 31.73 29.72 11.41
CA TYR C 299 31.42 28.55 10.57
C TYR C 299 31.25 28.95 9.11
N PHE C 300 30.48 30.02 8.86
CA PHE C 300 30.26 30.46 7.49
C PHE C 300 31.57 30.87 6.83
N LEU C 301 32.50 31.42 7.61
CA LEU C 301 33.80 31.78 7.05
C LEU C 301 34.60 30.55 6.67
N GLN C 302 34.69 29.57 7.57
CA GLN C 302 35.53 28.40 7.29
C GLN C 302 34.97 27.57 6.14
N ARG C 303 33.68 27.21 6.19
CA ARG C 303 33.15 26.32 5.16
C ARG C 303 33.11 26.99 3.79
N ARG C 304 32.54 28.19 3.70
CA ARG C 304 32.41 28.86 2.42
C ARG C 304 31.70 27.97 1.40
N PRO C 305 30.44 27.63 1.62
CA PRO C 305 29.72 26.75 0.68
C PRO C 305 29.12 27.55 -0.47
N SER C 306 28.50 26.82 -1.38
CA SER C 306 27.87 27.43 -2.55
C SER C 306 26.52 28.02 -2.15
N LEU C 307 25.74 28.44 -3.14
CA LEU C 307 24.44 29.06 -2.88
C LEU C 307 23.31 28.05 -2.83
N LYS C 308 23.24 27.13 -3.79
CA LYS C 308 22.17 26.15 -3.84
C LYS C 308 22.20 25.17 -2.67
N SER C 309 23.34 25.07 -1.98
CA SER C 309 23.49 24.17 -0.84
C SER C 309 23.23 24.86 0.49
N LEU C 310 22.83 26.13 0.48
CA LEU C 310 22.63 26.90 1.70
C LEU C 310 21.34 26.55 2.40
N PHE C 311 20.45 25.79 1.77
CA PHE C 311 19.19 25.41 2.39
C PHE C 311 19.04 23.89 2.43
N VAL C 312 19.55 23.20 1.40
CA VAL C 312 19.61 21.75 1.46
C VAL C 312 20.62 21.31 2.52
N ASP C 313 21.73 22.03 2.63
CA ASP C 313 22.71 21.82 3.69
C ASP C 313 22.78 23.07 4.56
N SER C 314 23.27 22.89 5.78
CA SER C 314 23.34 23.97 6.76
C SER C 314 21.95 24.53 7.05
N TYR C 315 20.97 23.64 7.18
CA TYR C 315 19.59 24.04 7.41
C TYR C 315 19.37 24.59 8.82
N SER C 316 20.35 24.45 9.72
CA SER C 316 20.22 24.87 11.11
C SER C 316 21.15 26.01 11.48
N GLU C 317 22.30 26.05 10.81
CA GLU C 317 23.32 27.10 11.04
C GLU C 317 22.75 28.44 10.62
N ILE C 318 21.88 28.51 9.62
CA ILE C 318 21.19 29.72 9.18
C ILE C 318 20.15 30.14 10.20
N LEU C 319 19.42 29.18 10.76
CA LEU C 319 18.38 29.52 11.74
C LEU C 319 18.99 30.11 13.01
N PHE C 320 20.05 29.49 13.53
CA PHE C 320 20.69 30.04 14.72
C PHE C 320 21.24 31.44 14.44
N PHE C 321 21.85 31.63 13.27
CA PHE C 321 22.38 32.93 12.92
C PHE C 321 21.27 33.98 12.85
N VAL C 322 20.11 33.61 12.27
CA VAL C 322 19.00 34.55 12.18
C VAL C 322 18.50 34.94 13.56
N GLN C 323 18.41 33.97 14.47
CA GLN C 323 17.99 34.28 15.84
C GLN C 323 18.96 35.27 16.47
N SER C 324 20.26 35.05 16.30
CA SER C 324 21.25 35.98 16.85
C SER C 324 21.09 37.38 16.26
N LEU C 325 20.85 37.45 14.94
CA LEU C 325 20.65 38.75 14.30
C LEU C 325 19.46 39.48 14.89
N PHE C 326 18.35 38.76 15.10
CA PHE C 326 17.18 39.39 15.73
C PHE C 326 17.52 39.93 17.10
N MET C 327 18.25 39.15 17.91
CA MET C 327 18.63 39.63 19.24
C MET C 327 19.45 40.90 19.17
N LEU C 328 20.46 40.94 18.28
CA LEU C 328 21.32 42.11 18.20
C LEU C 328 20.56 43.34 17.72
N VAL C 329 19.69 43.17 16.72
CA VAL C 329 18.90 44.30 16.27
C VAL C 329 17.99 44.79 17.39
N SER C 330 17.46 43.87 18.20
CA SER C 330 16.64 44.26 19.33
C SER C 330 17.45 45.13 20.30
N VAL C 331 18.68 44.73 20.59
CA VAL C 331 19.51 45.52 21.50
C VAL C 331 19.75 46.92 20.92
N VAL C 332 20.09 46.98 19.62
CA VAL C 332 20.39 48.27 18.99
C VAL C 332 19.18 49.19 19.09
N LEU C 333 17.98 48.65 18.79
CA LEU C 333 16.78 49.47 18.92
C LEU C 333 16.52 49.88 20.36
N TYR C 334 16.78 48.98 21.31
CA TYR C 334 16.51 49.28 22.71
C TYR C 334 17.33 50.47 23.18
N PHE C 335 18.61 50.53 22.80
CA PHE C 335 19.43 51.64 23.25
C PHE C 335 19.25 52.90 22.41
N SER C 336 18.30 52.91 21.47
CA SER C 336 18.01 54.09 20.66
C SER C 336 16.70 54.76 21.05
N GLN C 337 16.10 54.37 22.16
CA GLN C 337 14.89 55.02 22.69
C GLN C 337 13.69 54.83 21.75
N ARG C 338 13.46 53.58 21.34
CA ARG C 338 12.29 53.25 20.52
C ARG C 338 11.51 52.11 21.18
N LYS C 339 10.51 51.57 20.46
CA LYS C 339 9.61 50.57 21.03
C LYS C 339 9.47 49.32 20.18
N GLU C 340 10.22 49.22 19.12
CA GLU C 340 10.14 48.05 18.25
C GLU C 340 11.04 46.96 18.80
N TYR C 341 11.88 47.20 19.80
CA TYR C 341 12.67 46.15 20.42
C TYR C 341 11.78 45.05 20.97
N VAL C 342 10.53 45.38 21.33
CA VAL C 342 9.60 44.36 21.80
C VAL C 342 9.27 43.38 20.67
N ALA C 343 8.97 43.91 19.48
CA ALA C 343 8.68 43.04 18.34
C ALA C 343 9.87 42.16 18.01
N SER C 344 11.06 42.76 17.97
CA SER C 344 12.26 41.98 17.69
C SER C 344 12.45 40.88 18.72
N MET C 345 12.26 41.23 20.00
CA MET C 345 12.46 40.28 21.08
C MET C 345 11.48 39.11 21.00
N VAL C 346 10.22 39.39 20.66
CA VAL C 346 9.25 38.30 20.58
C VAL C 346 9.56 37.39 19.39
N PHE C 347 9.96 37.97 18.26
CA PHE C 347 10.36 37.11 17.15
C PHE C 347 11.52 36.21 17.55
N SER C 348 12.53 36.79 18.21
CA SER C 348 13.68 36.00 18.63
C SER C 348 13.27 34.91 19.61
N LEU C 349 12.41 35.23 20.56
CA LEU C 349 12.00 34.26 21.58
C LEU C 349 11.27 33.09 20.94
N ALA C 350 10.29 33.37 20.08
CA ALA C 350 9.54 32.30 19.45
C ALA C 350 10.46 31.42 18.59
N MET C 351 11.34 32.04 17.81
CA MET C 351 12.21 31.27 16.94
C MET C 351 13.17 30.42 17.75
N GLY C 352 13.70 30.97 18.84
CA GLY C 352 14.60 30.19 19.69
C GLY C 352 13.91 29.01 20.34
N TRP C 353 12.68 29.20 20.81
CA TRP C 353 11.95 28.09 21.40
C TRP C 353 11.67 26.99 20.38
N THR C 354 11.27 27.37 19.17
CA THR C 354 11.04 26.35 18.15
C THR C 354 12.32 25.76 17.58
N ASN C 355 13.47 26.37 17.85
CA ASN C 355 14.75 25.91 17.33
C ASN C 355 15.36 24.78 18.15
N MET C 356 14.55 24.07 18.93
CA MET C 356 15.05 23.04 19.85
C MET C 356 14.92 21.64 19.27
N LEU C 357 14.39 21.48 18.07
CA LEU C 357 14.35 20.16 17.45
C LEU C 357 15.72 19.68 17.01
N TYR C 358 16.73 20.56 17.03
CA TYR C 358 18.07 20.15 16.65
C TYR C 358 18.62 19.05 17.53
N TYR C 359 18.19 18.99 18.79
CA TYR C 359 18.74 18.06 19.76
C TYR C 359 18.02 16.72 19.76
N THR C 360 17.05 16.51 18.88
CA THR C 360 16.39 15.22 18.79
C THR C 360 17.28 14.19 18.13
N ARG C 361 18.28 14.61 17.37
CA ARG C 361 19.30 13.68 16.91
C ARG C 361 20.15 13.25 18.10
N GLY C 362 20.50 11.96 18.11
CA GLY C 362 20.98 11.30 19.31
C GLY C 362 19.96 10.38 19.93
N PHE C 363 18.70 10.52 19.54
CA PHE C 363 17.63 9.57 19.84
C PHE C 363 17.06 9.11 18.51
N GLN C 364 16.96 7.79 18.33
CA GLN C 364 16.70 7.22 17.01
C GLN C 364 15.34 7.65 16.48
N GLN C 365 14.26 7.27 17.16
CA GLN C 365 12.92 7.47 16.61
C GLN C 365 12.59 8.95 16.49
N MET C 366 12.96 9.74 17.50
CA MET C 366 12.72 11.18 17.44
C MET C 366 13.50 11.80 16.29
N GLY C 367 14.74 11.36 16.08
CA GLY C 367 15.52 11.87 14.96
C GLY C 367 14.87 11.57 13.63
N ILE C 368 14.36 10.34 13.46
CA ILE C 368 13.69 9.99 12.21
C ILE C 368 12.45 10.86 12.02
N TYR C 369 11.70 11.08 13.09
CA TYR C 369 10.52 11.93 13.02
C TYR C 369 10.89 13.34 12.54
N ALA C 370 11.94 13.91 13.13
CA ALA C 370 12.36 15.26 12.74
C ALA C 370 12.84 15.29 11.29
N VAL C 371 13.52 14.24 10.85
CA VAL C 371 13.98 14.18 9.46
C VAL C 371 12.78 14.21 8.52
N MET C 372 11.76 13.41 8.81
CA MET C 372 10.56 13.45 7.96
C MET C 372 9.93 14.83 7.97
N ILE C 373 9.87 15.47 9.14
CA ILE C 373 9.28 16.80 9.21
C ILE C 373 10.01 17.76 8.29
N GLU C 374 11.34 17.81 8.37
CA GLU C 374 12.07 18.78 7.56
C GLU C 374 11.98 18.46 6.08
N LYS C 375 12.02 17.17 5.72
CA LYS C 375 11.86 16.81 4.32
C LYS C 375 10.52 17.29 3.78
N MET C 376 9.44 17.09 4.55
CA MET C 376 8.13 17.54 4.07
C MET C 376 8.08 19.06 3.94
N ILE C 377 8.63 19.77 4.92
CA ILE C 377 8.67 21.23 4.82
C ILE C 377 9.36 21.65 3.52
N LEU C 378 10.51 21.05 3.23
CA LEU C 378 11.29 21.52 2.08
C LEU C 378 10.76 20.98 0.75
N ARG C 379 9.87 19.98 0.77
CA ARG C 379 9.45 19.33 -0.46
C ARG C 379 7.98 19.57 -0.82
N ASP C 380 7.16 20.13 0.08
CA ASP C 380 5.75 20.31 -0.22
C ASP C 380 5.23 21.74 -0.05
N LEU C 381 5.88 22.57 0.77
CA LEU C 381 5.34 23.90 1.04
C LEU C 381 5.19 24.71 -0.23
N CYS C 382 6.26 24.81 -1.02
CA CYS C 382 6.23 25.61 -2.23
C CYS C 382 5.25 25.03 -3.25
N ARG C 383 5.22 23.71 -3.39
CA ARG C 383 4.38 23.10 -4.41
C ARG C 383 2.91 23.11 -4.03
N PHE C 384 2.57 23.35 -2.77
CA PHE C 384 1.18 23.27 -2.34
C PHE C 384 0.59 24.59 -1.88
N MET C 385 1.40 25.63 -1.64
CA MET C 385 0.84 26.92 -1.27
C MET C 385 0.52 27.80 -2.47
N PHE C 386 1.17 27.56 -3.61
CA PHE C 386 0.97 28.40 -4.79
C PHE C 386 -0.48 28.38 -5.25
N VAL C 387 -1.03 27.18 -5.45
CA VAL C 387 -2.39 27.04 -5.94
C VAL C 387 -3.38 27.64 -4.94
N TYR C 388 -3.18 27.35 -3.65
CA TYR C 388 -4.11 27.85 -2.64
C TYR C 388 -4.12 29.37 -2.61
N LEU C 389 -2.94 29.99 -2.67
CA LEU C 389 -2.88 31.45 -2.65
C LEU C 389 -3.53 32.03 -3.90
N VAL C 390 -3.33 31.40 -5.06
CA VAL C 390 -3.97 31.87 -6.28
C VAL C 390 -5.48 31.88 -6.13
N PHE C 391 -6.04 30.75 -5.68
CA PHE C 391 -7.49 30.65 -5.52
C PHE C 391 -8.00 31.69 -4.53
N LEU C 392 -7.32 31.80 -3.39
CA LEU C 392 -7.76 32.74 -2.36
C LEU C 392 -7.79 34.17 -2.90
N PHE C 393 -6.71 34.60 -3.55
CA PHE C 393 -6.67 35.96 -4.06
C PHE C 393 -7.76 36.20 -5.10
N GLY C 394 -7.92 35.27 -6.05
CA GLY C 394 -8.93 35.48 -7.07
C GLY C 394 -10.33 35.64 -6.50
N PHE C 395 -10.74 34.71 -5.65
CA PHE C 395 -12.10 34.78 -5.12
C PHE C 395 -12.27 35.97 -4.17
N SER C 396 -11.23 36.33 -3.43
CA SER C 396 -11.33 37.50 -2.57
C SER C 396 -11.53 38.76 -3.38
N THR C 397 -10.78 38.92 -4.48
CA THR C 397 -10.97 40.10 -5.31
C THR C 397 -12.38 40.16 -5.88
N ALA C 398 -12.89 39.02 -6.36
CA ALA C 398 -14.26 39.00 -6.88
C ALA C 398 -15.26 39.43 -5.81
N VAL C 399 -15.17 38.82 -4.62
CA VAL C 399 -16.14 39.13 -3.57
C VAL C 399 -16.06 40.59 -3.17
N VAL C 400 -14.85 41.13 -3.02
CA VAL C 400 -14.72 42.54 -2.64
C VAL C 400 -15.33 43.42 -3.72
N THR C 401 -15.10 43.09 -4.99
CA THR C 401 -15.65 43.92 -6.06
C THR C 401 -17.17 43.91 -6.03
N LEU C 402 -17.77 42.80 -5.60
CA LEU C 402 -19.23 42.74 -5.57
C LEU C 402 -19.82 43.69 -4.52
N ILE C 403 -19.14 43.86 -3.38
CA ILE C 403 -19.72 44.60 -2.27
C ILE C 403 -19.78 46.09 -2.59
N GLU C 404 -20.77 46.78 -1.99
CA GLU C 404 -20.99 48.20 -2.24
C GLU C 404 -20.20 49.09 -1.28
N ASP C 405 -20.46 48.96 0.03
CA ASP C 405 -19.73 49.74 1.01
C ASP C 405 -19.99 49.17 2.40
N GLY C 406 -19.13 49.51 3.35
CA GLY C 406 -19.31 49.04 4.71
C GLY C 406 -17.98 48.76 5.38
N LYS C 407 -18.01 47.87 6.36
CA LYS C 407 -16.79 47.47 7.04
C LYS C 407 -15.96 46.51 6.22
N TYR C 408 -16.59 45.65 5.42
CA TYR C 408 -15.90 44.64 4.64
C TYR C 408 -15.61 45.10 3.21
N ASN C 409 -15.45 46.40 3.00
CA ASN C 409 -15.18 46.94 1.68
C ASN C 409 -13.69 47.04 1.37
N SER C 410 -12.83 46.51 2.24
CA SER C 410 -11.40 46.47 2.00
C SER C 410 -11.03 45.11 1.42
N LEU C 411 -9.73 44.87 1.21
CA LEU C 411 -9.24 43.59 0.73
C LEU C 411 -8.70 42.73 1.86
N TYR C 412 -8.04 43.34 2.84
CA TYR C 412 -7.54 42.60 3.99
C TYR C 412 -8.67 41.93 4.76
N SER C 413 -9.77 42.66 4.99
CA SER C 413 -10.89 42.11 5.74
C SER C 413 -11.51 40.91 5.03
N THR C 414 -11.74 41.03 3.73
CA THR C 414 -12.37 39.94 3.00
C THR C 414 -11.42 38.74 2.88
N CYS C 415 -10.13 38.99 2.70
CA CYS C 415 -9.18 37.88 2.68
C CYS C 415 -9.19 37.14 4.02
N LEU C 416 -9.22 37.87 5.13
CA LEU C 416 -9.27 37.20 6.43
C LEU C 416 -10.56 36.41 6.60
N GLU C 417 -11.69 37.00 6.16
CA GLU C 417 -12.97 36.31 6.28
C GLU C 417 -12.99 35.02 5.48
N LEU C 418 -12.43 35.03 4.27
CA LEU C 418 -12.40 33.80 3.47
C LEU C 418 -11.35 32.82 3.98
N PHE C 419 -10.31 33.30 4.65
CA PHE C 419 -9.36 32.38 5.26
C PHE C 419 -9.97 31.65 6.45
N LYS C 420 -10.88 32.31 7.16
CA LYS C 420 -11.53 31.67 8.31
C LYS C 420 -12.20 30.35 7.92
N PHE C 421 -12.68 30.21 6.69
CA PHE C 421 -13.36 28.99 6.26
C PHE C 421 -12.48 27.75 6.37
N THR C 422 -11.17 27.88 6.26
CA THR C 422 -10.28 26.73 6.22
C THR C 422 -10.01 26.13 7.60
N ILE C 423 -10.32 26.85 8.67
CA ILE C 423 -10.04 26.39 10.02
C ILE C 423 -11.33 26.14 10.78
N GLY C 424 -12.45 26.07 10.07
CA GLY C 424 -13.72 25.71 10.69
C GLY C 424 -14.53 26.85 11.28
N MET C 425 -14.37 28.05 10.78
CA MET C 425 -15.16 29.18 11.26
C MET C 425 -15.89 29.92 10.11
N GLY C 426 -16.29 29.29 8.97
CA GLY C 426 -17.04 29.95 7.93
C GLY C 426 -18.34 30.53 8.44
N ASP C 427 -18.74 31.65 7.86
CA ASP C 427 -19.95 32.37 8.28
C ASP C 427 -21.07 32.28 7.26
N LEU C 428 -20.78 32.53 5.98
CA LEU C 428 -21.75 32.42 4.90
C LEU C 428 -22.77 33.55 4.93
N GLU C 429 -22.78 34.36 5.99
CA GLU C 429 -23.66 35.51 6.08
C GLU C 429 -22.96 36.67 6.77
N PHE C 430 -21.67 36.86 6.49
CA PHE C 430 -20.90 37.84 7.23
C PHE C 430 -21.18 39.27 6.79
N THR C 431 -21.91 39.47 5.69
CA THR C 431 -22.28 40.81 5.26
C THR C 431 -23.61 40.73 4.52
N GLU C 432 -24.31 41.87 4.47
CA GLU C 432 -25.64 41.90 3.85
C GLU C 432 -25.83 43.12 2.96
N ASN C 433 -24.80 43.97 2.85
CA ASN C 433 -24.86 45.23 2.07
C ASN C 433 -24.32 44.94 0.69
N TYR C 434 -25.20 44.63 -0.23
CA TYR C 434 -24.81 44.26 -1.59
C TYR C 434 -26.09 44.06 -2.40
N ASP C 435 -25.95 43.59 -3.63
CA ASP C 435 -27.06 43.19 -4.47
C ASP C 435 -26.79 41.81 -5.04
N PHE C 436 -27.84 41.17 -5.55
CA PHE C 436 -27.72 39.88 -6.23
C PHE C 436 -27.13 38.81 -5.30
N LYS C 437 -27.93 38.50 -4.27
CA LYS C 437 -27.52 37.52 -3.27
C LYS C 437 -27.16 36.18 -3.89
N ALA C 438 -27.79 35.82 -5.00
CA ALA C 438 -27.49 34.53 -5.63
C ALA C 438 -26.03 34.45 -6.05
N VAL C 439 -25.49 35.54 -6.60
CA VAL C 439 -24.09 35.56 -7.01
C VAL C 439 -23.19 35.35 -5.81
N PHE C 440 -23.48 36.04 -4.71
CA PHE C 440 -22.69 35.89 -3.49
C PHE C 440 -22.67 34.43 -3.03
N ILE C 441 -23.84 33.80 -2.95
CA ILE C 441 -23.91 32.43 -2.48
C ILE C 441 -23.17 31.49 -3.42
N ILE C 442 -23.33 31.69 -4.73
CA ILE C 442 -22.68 30.82 -5.70
C ILE C 442 -21.16 30.92 -5.56
N LEU C 443 -20.65 32.15 -5.44
CA LEU C 443 -19.20 32.32 -5.30
C LEU C 443 -18.68 31.62 -4.05
N LEU C 444 -19.37 31.79 -2.92
CA LEU C 444 -18.90 31.17 -1.70
C LEU C 444 -18.91 29.64 -1.80
N LEU C 445 -19.98 29.08 -2.35
CA LEU C 445 -20.06 27.63 -2.47
C LEU C 445 -18.96 27.08 -3.37
N ALA C 446 -18.73 27.75 -4.51
CA ALA C 446 -17.66 27.29 -5.41
C ALA C 446 -16.31 27.32 -4.72
N TYR C 447 -16.03 28.40 -3.98
CA TYR C 447 -14.76 28.49 -3.26
C TYR C 447 -14.61 27.34 -2.28
N VAL C 448 -15.66 27.06 -1.50
CA VAL C 448 -15.58 26.00 -0.49
C VAL C 448 -15.29 24.66 -1.16
N ILE C 449 -16.03 24.34 -2.22
CA ILE C 449 -15.86 23.05 -2.86
C ILE C 449 -14.45 22.90 -3.43
N LEU C 450 -13.96 23.94 -4.12
CA LEU C 450 -12.63 23.86 -4.71
C LEU C 450 -11.56 23.70 -3.64
N THR C 451 -11.66 24.44 -2.54
CA THR C 451 -10.67 24.32 -1.48
C THR C 451 -10.64 22.93 -0.87
N TYR C 452 -11.82 22.35 -0.63
CA TYR C 452 -11.83 21.01 -0.02
C TYR C 452 -11.28 19.96 -0.99
N ILE C 453 -11.63 20.06 -2.27
CA ILE C 453 -11.02 19.15 -3.25
C ILE C 453 -9.51 19.29 -3.23
N LEU C 454 -9.01 20.52 -3.13
CA LEU C 454 -7.57 20.74 -3.14
C LEU C 454 -6.91 20.11 -1.92
N LEU C 455 -7.51 20.25 -0.74
CA LEU C 455 -6.94 19.62 0.45
C LEU C 455 -6.92 18.09 0.32
N LEU C 456 -8.01 17.51 -0.18
CA LEU C 456 -8.04 16.07 -0.39
C LEU C 456 -6.92 15.64 -1.32
N ASN C 457 -6.75 16.35 -2.44
CA ASN C 457 -5.69 16.00 -3.37
C ASN C 457 -4.32 16.12 -2.73
N MET C 458 -4.11 17.15 -1.92
CA MET C 458 -2.83 17.32 -1.26
C MET C 458 -2.53 16.12 -0.37
N LEU C 459 -3.45 15.62 0.48
CA LEU C 459 -3.15 14.47 1.40
C LEU C 459 -3.07 13.16 0.61
N ILE C 460 -3.78 12.99 -0.51
CA ILE C 460 -3.56 11.76 -1.25
C ILE C 460 -2.19 11.78 -1.94
N ALA C 461 -1.82 12.91 -2.56
CA ALA C 461 -0.52 12.99 -3.22
C ALA C 461 0.61 12.85 -2.20
N LEU C 462 0.45 13.46 -1.01
CA LEU C 462 1.47 13.32 0.01
C LEU C 462 1.66 11.86 0.40
N MET C 463 0.66 11.01 0.54
CA MET C 463 1.00 9.62 0.94
C MET C 463 1.40 8.85 -0.31
N GLY C 464 1.05 9.30 -1.52
CA GLY C 464 1.43 8.47 -2.65
C GLY C 464 2.93 8.18 -2.70
N GLU C 465 3.75 9.18 -2.38
CA GLU C 465 5.19 9.01 -2.48
C GLU C 465 5.70 7.90 -1.56
N THR C 466 5.05 7.68 -0.42
CA THR C 466 5.51 6.67 0.54
C THR C 466 4.96 5.31 0.11
N VAL C 467 5.78 4.59 -0.66
CA VAL C 467 5.47 3.22 -1.06
C VAL C 467 6.25 2.30 -0.14
N ASN C 468 6.53 2.78 1.06
CA ASN C 468 7.50 2.28 2.04
C ASN C 468 8.90 2.79 1.70
N LYS C 469 9.06 3.60 0.64
CA LYS C 469 10.35 4.19 0.31
C LYS C 469 10.50 5.57 0.96
N ILE C 470 10.24 5.65 2.26
CA ILE C 470 10.47 6.87 3.02
C ILE C 470 11.21 6.64 4.33
N ALA C 471 11.16 5.45 4.92
CA ALA C 471 11.83 5.19 6.18
C ALA C 471 13.30 4.82 5.99
N GLN C 472 13.60 4.01 4.97
CA GLN C 472 14.98 3.59 4.75
C GLN C 472 15.87 4.77 4.41
N GLU C 473 15.36 5.77 3.71
CA GLU C 473 16.12 7.00 3.46
C GLU C 473 16.23 7.86 4.71
N SER C 474 15.17 7.91 5.52
CA SER C 474 15.20 8.72 6.73
C SER C 474 16.24 8.20 7.71
N LYS C 475 16.33 6.88 7.86
CA LYS C 475 17.33 6.33 8.77
C LYS C 475 18.74 6.67 8.31
N ASN C 476 19.00 6.57 7.01
CA ASN C 476 20.33 6.89 6.50
C ASN C 476 20.65 8.37 6.69
N ILE C 477 19.67 9.25 6.46
CA ILE C 477 19.90 10.68 6.65
C ILE C 477 20.22 10.97 8.12
N TRP C 478 19.48 10.33 9.04
CA TRP C 478 19.75 10.53 10.46
C TRP C 478 21.15 10.05 10.82
N LYS C 479 21.56 8.91 10.26
CA LYS C 479 22.90 8.41 10.54
C LYS C 479 23.97 9.38 10.03
N LEU C 480 23.76 9.95 8.84
CA LEU C 480 24.71 10.93 8.33
C LEU C 480 24.77 12.16 9.22
N GLN C 481 23.62 12.62 9.70
CA GLN C 481 23.60 13.78 10.59
C GLN C 481 24.38 13.49 11.88
N ARG C 482 24.16 12.33 12.47
CA ARG C 482 24.90 11.98 13.69
C ARG C 482 26.39 11.86 13.42
N ALA C 483 26.76 11.33 12.25
CA ALA C 483 28.18 11.25 11.92
C ALA C 483 28.81 12.63 11.82
N ILE C 484 28.09 13.57 11.20
CA ILE C 484 28.61 14.95 11.12
C ILE C 484 28.78 15.52 12.52
N THR C 485 27.81 15.28 13.40
CA THR C 485 27.93 15.78 14.77
C THR C 485 29.15 15.18 15.48
N ILE C 486 29.37 13.88 15.31
CA ILE C 486 30.50 13.22 15.96
C ILE C 486 31.80 13.82 15.45
N LEU C 487 31.93 13.99 14.14
CA LEU C 487 33.17 14.54 13.58
C LEU C 487 33.41 15.96 14.10
N ASP C 488 32.37 16.79 14.13
CA ASP C 488 32.53 18.16 14.60
C ASP C 488 32.96 18.18 16.07
N THR C 489 32.31 17.36 16.90
CA THR C 489 32.66 17.33 18.31
C THR C 489 34.09 16.86 18.52
N GLU C 490 34.51 15.84 17.77
CA GLU C 490 35.89 15.37 17.88
C GLU C 490 36.87 16.46 17.48
N LYS C 491 36.60 17.15 16.38
CA LYS C 491 37.50 18.22 15.95
C LYS C 491 37.60 19.30 17.02
N SER C 492 36.48 19.70 17.59
CA SER C 492 36.47 20.69 18.67
C SER C 492 36.75 19.95 19.98
N PHE C 493 38.03 19.87 20.34
CA PHE C 493 38.43 19.14 21.53
C PHE C 493 37.68 19.66 22.74
N LEU C 494 37.18 18.74 23.57
CA LEU C 494 36.53 19.15 24.82
C LEU C 494 37.57 19.79 25.73
N LYS C 495 37.30 21.03 26.15
CA LYS C 495 38.26 21.78 26.96
C LYS C 495 39.64 21.69 26.32
N CYS C 496 40.68 21.50 27.14
CA CYS C 496 42.04 21.36 26.63
C CYS C 496 42.52 19.90 26.65
N MET C 497 41.69 18.97 27.09
CA MET C 497 42.07 17.57 27.17
C MET C 497 41.96 16.91 25.80
N ARG C 498 42.65 15.77 25.66
CA ARG C 498 42.67 15.04 24.40
C ARG C 498 42.88 13.56 24.73
N LYS C 499 41.80 12.78 24.73
CA LYS C 499 41.87 11.35 25.01
C LYS C 499 41.40 10.46 23.87
N ALA C 500 40.65 10.99 22.90
CA ALA C 500 40.08 10.15 21.86
C ALA C 500 41.18 9.54 20.98
N PHE C 501 40.98 8.28 20.61
CA PHE C 501 41.86 7.63 19.65
C PHE C 501 41.18 6.35 19.16
N ARG C 502 41.50 5.97 17.93
CA ARG C 502 40.74 4.93 17.23
C ARG C 502 40.69 3.61 17.99
N SER C 503 41.84 2.96 18.16
CA SER C 503 41.88 1.61 18.72
C SER C 503 43.32 1.31 19.14
N GLY C 504 43.59 0.05 19.47
CA GLY C 504 44.86 -0.32 20.06
C GLY C 504 45.91 -0.74 19.04
N LYS C 505 47.17 -0.51 19.41
CA LYS C 505 48.30 -0.92 18.59
C LYS C 505 48.46 -2.44 18.64
N LEU C 506 48.83 -3.03 17.50
CA LEU C 506 48.87 -4.47 17.41
C LEU C 506 49.79 -4.91 16.29
N LEU C 507 50.30 -6.15 16.41
CA LEU C 507 51.13 -6.79 15.40
C LEU C 507 50.32 -7.89 14.76
N GLN C 508 50.14 -7.79 13.44
CA GLN C 508 49.30 -8.74 12.70
C GLN C 508 50.06 -9.48 11.62
N VAL C 509 50.83 -8.77 10.78
CA VAL C 509 51.53 -9.42 9.67
C VAL C 509 52.91 -9.92 10.06
N GLY C 510 53.47 -9.39 11.14
CA GLY C 510 54.79 -9.83 11.58
C GLY C 510 55.92 -9.08 10.90
N PHE C 511 56.16 -9.37 9.62
CA PHE C 511 57.32 -8.83 8.92
C PHE C 511 56.95 -8.46 7.49
N THR C 512 57.46 -7.31 7.05
CA THR C 512 57.31 -6.83 5.69
C THR C 512 58.31 -7.55 4.80
N PRO C 513 58.36 -7.27 3.49
CA PRO C 513 59.47 -7.82 2.70
C PRO C 513 60.83 -7.46 3.27
N ASP C 514 60.95 -6.29 3.90
CA ASP C 514 62.14 -5.97 4.67
C ASP C 514 62.06 -6.65 6.04
N GLY C 515 63.21 -6.71 6.71
CA GLY C 515 63.27 -7.42 7.98
C GLY C 515 62.42 -6.78 9.06
N LYS C 516 62.33 -5.45 9.06
CA LYS C 516 61.65 -4.75 10.14
C LYS C 516 60.17 -5.12 10.19
N ASP C 517 59.64 -5.17 11.41
CA ASP C 517 58.24 -5.48 11.65
C ASP C 517 57.41 -4.21 11.45
N ASP C 518 56.11 -4.27 11.75
CA ASP C 518 55.27 -3.10 11.58
C ASP C 518 54.05 -3.20 12.47
N TYR C 519 53.43 -2.04 12.73
CA TYR C 519 52.21 -1.91 13.53
C TYR C 519 51.21 -1.08 12.73
N ARG C 520 49.93 -1.45 12.78
CA ARG C 520 48.96 -0.80 11.91
C ARG C 520 47.60 -0.55 12.57
N TRP C 521 47.56 -0.30 13.87
CA TRP C 521 46.39 0.28 14.53
C TRP C 521 45.09 -0.41 14.11
N CYS C 522 44.98 -1.69 14.45
CA CYS C 522 43.84 -2.48 14.02
C CYS C 522 42.61 -2.22 14.90
N PHE C 523 41.49 -2.82 14.50
CA PHE C 523 40.19 -2.68 15.18
C PHE C 523 39.47 -4.02 15.07
N ARG C 524 39.52 -4.82 16.14
CA ARG C 524 39.07 -6.20 16.06
C ARG C 524 37.54 -6.28 16.05
N VAL C 525 37.03 -7.31 15.36
CA VAL C 525 35.60 -7.59 15.27
C VAL C 525 35.42 -9.10 15.41
N ASP C 526 34.48 -9.50 16.27
CA ASP C 526 34.18 -10.91 16.51
C ASP C 526 32.92 -11.30 15.76
N GLU C 527 32.99 -12.41 15.03
CA GLU C 527 31.87 -12.89 14.23
C GLU C 527 31.80 -14.41 14.32
N VAL C 528 30.59 -14.95 14.22
CA VAL C 528 30.33 -16.37 14.38
C VAL C 528 29.76 -16.89 13.08
N ASN C 529 30.39 -17.92 12.52
CA ASN C 529 29.95 -18.56 11.29
C ASN C 529 29.60 -20.02 11.58
N TRP C 530 28.41 -20.44 11.14
CA TRP C 530 27.94 -21.80 11.34
C TRP C 530 27.92 -22.60 10.05
N THR C 531 27.57 -21.98 8.94
CA THR C 531 27.52 -22.65 7.65
C THR C 531 28.79 -22.36 6.85
N THR C 532 28.85 -22.91 5.64
CA THR C 532 29.98 -22.72 4.72
C THR C 532 31.30 -23.00 5.43
N TRP C 533 31.44 -24.24 5.89
CA TRP C 533 32.64 -24.67 6.59
C TRP C 533 33.74 -25.03 5.59
N SER D 1 -23.97 -13.62 -51.12
CA SER D 1 -23.28 -12.32 -50.88
C SER D 1 -22.23 -12.45 -49.78
N TYR D 2 -22.43 -13.43 -48.91
CA TYR D 2 -21.57 -13.59 -47.73
C TYR D 2 -20.27 -14.31 -48.10
N TYR D 3 -20.37 -15.41 -48.85
CA TYR D 3 -19.22 -16.15 -49.32
C TYR D 3 -18.87 -15.85 -50.78
N LYS D 4 -19.51 -14.84 -51.37
CA LYS D 4 -19.34 -14.56 -52.79
C LYS D 4 -17.92 -14.08 -53.08
N GLY D 5 -17.44 -14.44 -54.27
CA GLY D 5 -16.16 -13.98 -54.77
C GLY D 5 -14.99 -14.89 -54.50
N GLN D 6 -15.16 -15.92 -53.68
CA GLN D 6 -14.05 -16.82 -53.36
C GLN D 6 -13.59 -17.57 -54.60
N THR D 7 -12.30 -17.90 -54.63
CA THR D 7 -11.68 -18.57 -55.76
C THR D 7 -10.79 -19.70 -55.26
N ALA D 8 -10.56 -20.68 -56.14
CA ALA D 8 -9.84 -21.89 -55.73
C ALA D 8 -8.46 -21.58 -55.19
N LEU D 9 -7.80 -20.54 -55.72
CA LEU D 9 -6.47 -20.21 -55.25
C LEU D 9 -6.47 -19.90 -53.76
N HIS D 10 -7.52 -19.21 -53.28
CA HIS D 10 -7.57 -18.86 -51.86
C HIS D 10 -7.63 -20.12 -50.99
N ILE D 11 -8.50 -21.07 -51.35
CA ILE D 11 -8.57 -22.32 -50.60
C ILE D 11 -7.21 -23.01 -50.64
N ALA D 12 -6.64 -23.16 -51.83
CA ALA D 12 -5.35 -23.83 -51.94
C ALA D 12 -4.32 -23.18 -51.01
N ILE D 13 -4.31 -21.85 -50.96
CA ILE D 13 -3.34 -21.15 -50.13
C ILE D 13 -3.59 -21.44 -48.65
N GLU D 14 -4.86 -21.41 -48.23
CA GLU D 14 -5.18 -21.42 -46.81
C GLU D 14 -5.39 -22.84 -46.26
N ARG D 15 -5.07 -23.88 -47.02
CA ARG D 15 -5.09 -25.25 -46.52
C ARG D 15 -3.70 -25.80 -46.19
N ARG D 16 -2.63 -25.07 -46.50
CA ARG D 16 -1.27 -25.48 -46.17
C ARG D 16 -0.79 -26.63 -47.04
N ASN D 17 -1.28 -26.73 -48.28
CA ASN D 17 -0.89 -27.80 -49.20
C ASN D 17 -0.05 -27.17 -50.32
N MET D 18 1.27 -27.27 -50.16
CA MET D 18 2.17 -26.70 -51.16
C MET D 18 2.02 -27.39 -52.51
N THR D 19 1.97 -28.73 -52.50
CA THR D 19 1.91 -29.47 -53.76
C THR D 19 0.63 -29.16 -54.53
N LEU D 20 -0.50 -29.13 -53.83
CA LEU D 20 -1.76 -28.80 -54.48
C LEU D 20 -1.73 -27.38 -55.04
N VAL D 21 -1.15 -26.44 -54.28
CA VAL D 21 -1.04 -25.06 -54.76
C VAL D 21 -0.22 -25.01 -56.04
N THR D 22 0.91 -25.72 -56.06
CA THR D 22 1.76 -25.72 -57.25
C THR D 22 1.01 -26.32 -58.44
N LEU D 23 0.33 -27.44 -58.23
CA LEU D 23 -0.39 -28.08 -59.32
C LEU D 23 -1.49 -27.17 -59.86
N LEU D 24 -2.21 -26.50 -58.98
CA LEU D 24 -3.25 -25.58 -59.43
C LEU D 24 -2.65 -24.39 -60.17
N VAL D 25 -1.50 -23.91 -59.71
CA VAL D 25 -0.84 -22.79 -60.39
C VAL D 25 -0.40 -23.19 -61.79
N GLU D 26 0.02 -24.45 -61.95
CA GLU D 26 0.48 -24.91 -63.26
C GLU D 26 -0.60 -24.80 -64.33
N ASN D 27 -1.87 -24.77 -63.94
CA ASN D 27 -2.96 -24.72 -64.94
C ASN D 27 -2.91 -23.39 -65.69
N GLY D 28 -2.58 -22.29 -65.00
CA GLY D 28 -2.61 -20.97 -65.61
C GLY D 28 -3.69 -20.04 -65.08
N ALA D 29 -4.30 -20.36 -63.94
CA ALA D 29 -5.35 -19.52 -63.39
C ALA D 29 -4.80 -18.15 -63.01
N ASP D 30 -5.63 -17.13 -63.17
CA ASP D 30 -5.22 -15.77 -62.86
C ASP D 30 -4.87 -15.65 -61.38
N VAL D 31 -3.82 -14.89 -61.09
CA VAL D 31 -3.37 -14.66 -59.72
C VAL D 31 -3.68 -13.23 -59.27
N GLN D 32 -4.67 -12.59 -59.90
CA GLN D 32 -5.12 -11.26 -59.52
C GLN D 32 -6.61 -11.21 -59.23
N ALA D 33 -7.21 -12.36 -58.93
CA ALA D 33 -8.63 -12.40 -58.60
C ALA D 33 -8.87 -11.78 -57.22
N ALA D 34 -9.93 -11.00 -57.11
CA ALA D 34 -10.27 -10.31 -55.87
C ALA D 34 -11.68 -10.72 -55.44
N ALA D 35 -11.82 -11.06 -54.16
CA ALA D 35 -13.09 -11.49 -53.59
C ALA D 35 -13.75 -10.30 -52.92
N ASN D 36 -14.96 -9.96 -53.34
CA ASN D 36 -15.71 -8.83 -52.81
C ASN D 36 -16.81 -9.27 -51.84
N GLY D 37 -16.76 -10.50 -51.36
CA GLY D 37 -17.80 -10.97 -50.46
C GLY D 37 -17.81 -10.19 -49.16
N ASP D 38 -19.00 -10.12 -48.54
CA ASP D 38 -19.14 -9.40 -47.29
C ASP D 38 -18.36 -10.06 -46.16
N PHE D 39 -18.03 -11.35 -46.28
CA PHE D 39 -17.28 -12.02 -45.23
C PHE D 39 -15.88 -11.43 -45.06
N PHE D 40 -15.40 -10.69 -46.06
CA PHE D 40 -14.08 -10.07 -46.02
C PHE D 40 -14.15 -8.57 -45.78
N LYS D 41 -15.30 -8.04 -45.35
CA LYS D 41 -15.44 -6.61 -45.15
C LYS D 41 -14.78 -6.19 -43.84
N LYS D 42 -14.62 -4.87 -43.68
CA LYS D 42 -13.90 -4.33 -42.53
C LYS D 42 -14.60 -4.68 -41.23
N THR D 43 -15.78 -4.12 -40.99
CA THR D 43 -16.51 -4.32 -39.74
C THR D 43 -17.99 -4.50 -40.01
N LYS D 44 -18.33 -5.10 -41.16
CA LYS D 44 -19.72 -5.39 -41.51
C LYS D 44 -20.07 -6.76 -40.92
N GLY D 45 -20.58 -6.74 -39.69
CA GLY D 45 -20.85 -7.97 -38.97
C GLY D 45 -19.61 -8.45 -38.26
N ARG D 46 -19.76 -8.85 -36.99
CA ARG D 46 -18.60 -9.26 -36.20
C ARG D 46 -17.78 -10.35 -36.89
N PRO D 47 -18.37 -11.39 -37.49
CA PRO D 47 -17.56 -12.39 -38.19
C PRO D 47 -16.84 -11.78 -39.38
N GLY D 48 -15.67 -12.32 -39.69
CA GLY D 48 -14.90 -11.85 -40.82
C GLY D 48 -13.40 -11.92 -40.59
N PHE D 49 -12.63 -12.03 -41.68
CA PHE D 49 -11.17 -12.07 -41.62
C PHE D 49 -10.62 -11.23 -42.77
N TYR D 50 -10.28 -9.97 -42.48
CA TYR D 50 -9.68 -9.11 -43.49
C TYR D 50 -8.23 -9.51 -43.71
N PHE D 51 -7.86 -9.73 -44.99
CA PHE D 51 -6.51 -10.18 -45.30
C PHE D 51 -5.92 -9.48 -46.53
N GLY D 52 -6.52 -8.38 -46.99
CA GLY D 52 -6.00 -7.63 -48.10
C GLY D 52 -6.68 -7.89 -49.44
N GLU D 53 -7.47 -8.95 -49.55
CA GLU D 53 -8.26 -9.28 -50.74
C GLU D 53 -7.44 -9.83 -51.89
N LEU D 54 -6.15 -10.07 -51.70
CA LEU D 54 -5.29 -10.59 -52.75
C LEU D 54 -4.62 -11.87 -52.29
N PRO D 55 -4.40 -12.83 -53.18
CA PRO D 55 -3.76 -14.09 -52.76
C PRO D 55 -2.38 -13.88 -52.16
N LEU D 56 -1.60 -12.94 -52.68
CA LEU D 56 -0.29 -12.66 -52.11
C LEU D 56 -0.41 -12.19 -50.67
N SER D 57 -1.36 -11.29 -50.39
CA SER D 57 -1.59 -10.85 -49.03
C SER D 57 -2.07 -12.00 -48.15
N LEU D 58 -2.93 -12.87 -48.69
CA LEU D 58 -3.40 -14.02 -47.92
C LEU D 58 -2.23 -14.89 -47.50
N ALA D 59 -1.30 -15.16 -48.43
CA ALA D 59 -0.13 -15.95 -48.08
C ALA D 59 0.73 -15.23 -47.06
N ALA D 60 0.90 -13.91 -47.23
CA ALA D 60 1.76 -13.16 -46.32
C ALA D 60 1.23 -13.17 -44.89
N CYS D 61 -0.09 -13.01 -44.72
CA CYS D 61 -0.67 -12.82 -43.40
C CYS D 61 -0.99 -14.13 -42.69
N THR D 62 -0.67 -15.29 -43.27
CA THR D 62 -1.03 -16.58 -42.70
C THR D 62 0.20 -17.46 -42.47
N ASN D 63 1.32 -16.86 -42.09
CA ASN D 63 2.54 -17.57 -41.72
C ASN D 63 3.20 -18.27 -42.90
N GLN D 64 2.73 -18.04 -44.12
CA GLN D 64 3.25 -18.75 -45.28
C GLN D 64 4.48 -18.01 -45.81
N LEU D 65 5.63 -18.68 -45.76
CA LEU D 65 6.90 -18.12 -46.24
C LEU D 65 7.38 -18.78 -47.52
N ALA D 66 7.52 -20.10 -47.52
CA ALA D 66 7.91 -20.80 -48.74
C ALA D 66 6.87 -20.61 -49.84
N ILE D 67 5.58 -20.62 -49.49
CA ILE D 67 4.54 -20.47 -50.48
C ILE D 67 4.61 -19.07 -51.11
N VAL D 68 4.79 -18.04 -50.29
CA VAL D 68 4.85 -16.69 -50.84
C VAL D 68 6.10 -16.52 -51.70
N LYS D 69 7.22 -17.12 -51.28
CA LYS D 69 8.41 -17.09 -52.11
C LYS D 69 8.15 -17.74 -53.46
N PHE D 70 7.47 -18.90 -53.46
CA PHE D 70 7.18 -19.58 -54.71
C PHE D 70 6.27 -18.74 -55.59
N LEU D 71 5.22 -18.13 -55.02
CA LEU D 71 4.34 -17.29 -55.81
C LEU D 71 5.10 -16.11 -56.43
N LEU D 72 6.02 -15.52 -55.66
CA LEU D 72 6.74 -14.35 -56.13
C LEU D 72 7.93 -14.71 -57.04
N GLN D 73 8.33 -15.98 -57.11
CA GLN D 73 9.51 -16.39 -57.86
C GLN D 73 9.21 -17.45 -58.90
N ASN D 74 8.02 -17.42 -59.52
CA ASN D 74 7.68 -18.39 -60.56
C ASN D 74 8.01 -17.81 -61.93
N SER D 75 8.44 -18.68 -62.85
CA SER D 75 8.73 -18.25 -64.21
C SER D 75 7.47 -18.15 -65.08
N TRP D 76 6.36 -18.73 -64.65
CA TRP D 76 5.15 -18.71 -65.46
C TRP D 76 4.52 -17.32 -65.46
N GLN D 77 4.17 -16.81 -64.28
CA GLN D 77 3.51 -15.50 -64.19
C GLN D 77 3.71 -14.91 -62.80
N PRO D 78 4.81 -14.19 -62.55
CA PRO D 78 5.02 -13.60 -61.23
C PRO D 78 3.94 -12.60 -60.87
N ALA D 79 3.59 -12.55 -59.59
CA ALA D 79 2.55 -11.64 -59.13
C ALA D 79 3.15 -10.28 -58.82
N ASP D 80 2.54 -9.22 -59.35
CA ASP D 80 3.01 -7.88 -59.11
C ASP D 80 2.83 -7.50 -57.64
N ILE D 81 3.73 -6.67 -57.13
CA ILE D 81 3.69 -6.25 -55.73
C ILE D 81 2.88 -4.97 -55.57
N SER D 82 2.86 -4.14 -56.59
CA SER D 82 2.18 -2.84 -56.50
C SER D 82 0.65 -2.99 -56.64
N ALA D 83 0.08 -4.20 -56.56
CA ALA D 83 -1.36 -4.38 -56.68
C ALA D 83 -2.07 -3.71 -55.50
N ARG D 84 -3.27 -3.19 -55.77
CA ARG D 84 -4.10 -2.55 -54.77
C ARG D 84 -5.53 -3.06 -54.91
N ASP D 85 -6.19 -3.30 -53.77
CA ASP D 85 -7.55 -3.84 -53.76
C ASP D 85 -8.54 -2.69 -53.87
N SER D 86 -9.83 -3.01 -53.62
CA SER D 86 -10.87 -1.98 -53.72
C SER D 86 -10.60 -0.83 -52.75
N VAL D 87 -10.21 -1.15 -51.51
CA VAL D 87 -9.89 -0.12 -50.52
C VAL D 87 -8.55 0.54 -50.79
N GLY D 88 -7.67 -0.11 -51.56
CA GLY D 88 -6.37 0.44 -51.89
C GLY D 88 -5.23 -0.07 -51.05
N ASN D 89 -5.50 -0.85 -50.01
CA ASN D 89 -4.42 -1.35 -49.16
C ASN D 89 -3.51 -2.29 -49.95
N THR D 90 -2.23 -2.26 -49.62
CA THR D 90 -1.23 -3.13 -50.21
C THR D 90 -0.90 -4.25 -49.22
N VAL D 91 0.01 -5.14 -49.61
CA VAL D 91 0.43 -6.21 -48.70
C VAL D 91 1.01 -5.62 -47.42
N LEU D 92 1.77 -4.54 -47.54
CA LEU D 92 2.35 -3.90 -46.35
C LEU D 92 1.25 -3.29 -45.48
N HIS D 93 0.28 -2.62 -46.09
CA HIS D 93 -0.83 -2.06 -45.32
C HIS D 93 -1.61 -3.15 -44.61
N ALA D 94 -1.87 -4.27 -45.29
CA ALA D 94 -2.57 -5.38 -44.65
C ALA D 94 -1.76 -5.95 -43.49
N LEU D 95 -0.44 -6.10 -43.68
CA LEU D 95 0.41 -6.57 -42.60
C LEU D 95 0.31 -5.65 -41.40
N VAL D 96 0.34 -4.34 -41.63
CA VAL D 96 0.21 -3.39 -40.53
C VAL D 96 -1.14 -3.53 -39.85
N GLU D 97 -2.20 -3.69 -40.64
CA GLU D 97 -3.56 -3.67 -40.08
C GLU D 97 -3.86 -4.94 -39.30
N VAL D 98 -3.21 -6.06 -39.65
CA VAL D 98 -3.49 -7.31 -38.97
C VAL D 98 -2.95 -7.33 -37.54
N ALA D 99 -1.96 -6.50 -37.23
CA ALA D 99 -1.33 -6.55 -35.91
C ALA D 99 -2.32 -6.18 -34.82
N ASP D 100 -2.17 -6.85 -33.65
CA ASP D 100 -3.03 -6.56 -32.51
C ASP D 100 -2.27 -6.51 -31.19
N ASN D 101 -0.99 -6.12 -31.22
CA ASN D 101 -0.22 -5.88 -30.00
C ASN D 101 -0.10 -7.13 -29.13
N THR D 102 0.52 -8.17 -29.68
CA THR D 102 0.91 -9.35 -28.93
C THR D 102 2.32 -9.75 -29.32
N VAL D 103 3.10 -10.18 -28.33
CA VAL D 103 4.54 -10.36 -28.53
C VAL D 103 4.80 -11.32 -29.69
N ASP D 104 4.17 -12.50 -29.66
CA ASP D 104 4.35 -13.45 -30.73
C ASP D 104 3.86 -12.88 -32.06
N ASN D 105 2.69 -12.23 -32.04
CA ASN D 105 2.18 -11.60 -33.25
C ASN D 105 3.12 -10.51 -33.74
N THR D 106 3.68 -9.73 -32.82
CA THR D 106 4.58 -8.65 -33.23
C THR D 106 5.84 -9.20 -33.89
N LYS D 107 6.44 -10.22 -33.29
CA LYS D 107 7.65 -10.80 -33.88
C LYS D 107 7.35 -11.43 -35.24
N PHE D 108 6.23 -12.14 -35.35
CA PHE D 108 5.83 -12.67 -36.65
C PHE D 108 5.70 -11.56 -37.68
N VAL D 109 4.97 -10.50 -37.34
CA VAL D 109 4.70 -9.43 -38.30
C VAL D 109 6.00 -8.76 -38.73
N THR D 110 6.88 -8.47 -37.77
CA THR D 110 8.13 -7.80 -38.13
C THR D 110 9.02 -8.68 -39.00
N SER D 111 9.12 -9.98 -38.67
CA SER D 111 9.93 -10.88 -39.49
C SER D 111 9.38 -10.94 -40.92
N MET D 112 8.07 -11.12 -41.06
CA MET D 112 7.49 -11.20 -42.40
C MET D 112 7.69 -9.89 -43.16
N TYR D 113 7.51 -8.75 -42.47
CA TYR D 113 7.72 -7.45 -43.08
C TYR D 113 9.14 -7.33 -43.63
N ASN D 114 10.13 -7.67 -42.79
CA ASN D 114 11.52 -7.57 -43.23
C ASN D 114 11.79 -8.47 -44.43
N GLU D 115 11.30 -9.70 -44.39
CA GLU D 115 11.57 -10.63 -45.48
C GLU D 115 10.96 -10.13 -46.79
N ILE D 116 9.68 -9.72 -46.75
CA ILE D 116 9.04 -9.29 -47.99
C ILE D 116 9.72 -8.03 -48.51
N LEU D 117 10.12 -7.12 -47.61
CA LEU D 117 10.75 -5.88 -48.05
C LEU D 117 12.09 -6.17 -48.72
N ILE D 118 12.89 -7.06 -48.15
CA ILE D 118 14.20 -7.33 -48.76
C ILE D 118 14.02 -8.05 -50.09
N LEU D 119 13.05 -8.97 -50.18
CA LEU D 119 12.80 -9.61 -51.47
C LEU D 119 12.37 -8.59 -52.52
N GLY D 120 11.46 -7.68 -52.15
CA GLY D 120 11.03 -6.67 -53.09
C GLY D 120 12.17 -5.78 -53.54
N ALA D 121 13.05 -5.39 -52.62
CA ALA D 121 14.21 -4.60 -52.99
C ALA D 121 15.12 -5.38 -53.94
N LYS D 122 15.33 -6.66 -53.67
CA LYS D 122 16.23 -7.46 -54.50
C LYS D 122 15.68 -7.60 -55.92
N LEU D 123 14.37 -7.87 -56.05
CA LEU D 123 13.82 -8.16 -57.37
C LEU D 123 13.75 -6.91 -58.23
N HIS D 124 13.25 -5.80 -57.68
CA HIS D 124 13.09 -4.53 -58.42
C HIS D 124 13.70 -3.41 -57.59
N PRO D 125 15.02 -3.26 -57.62
CA PRO D 125 15.65 -2.20 -56.80
C PRO D 125 15.22 -0.79 -57.19
N THR D 126 14.75 -0.58 -58.41
CA THR D 126 14.42 0.78 -58.86
C THR D 126 13.22 1.35 -58.10
N LEU D 127 12.24 0.53 -57.78
CA LEU D 127 11.00 0.99 -57.17
C LEU D 127 11.11 0.96 -55.65
N LYS D 128 10.34 1.84 -55.00
CA LYS D 128 10.27 1.90 -53.54
C LYS D 128 8.82 1.69 -53.11
N LEU D 129 8.61 0.83 -52.12
CA LEU D 129 7.27 0.45 -51.69
C LEU D 129 6.69 1.37 -50.64
N GLU D 130 7.51 1.88 -49.72
CA GLU D 130 7.00 2.59 -48.55
C GLU D 130 6.32 3.91 -48.90
N GLU D 131 6.48 4.42 -50.11
CA GLU D 131 5.90 5.70 -50.47
C GLU D 131 4.56 5.59 -51.20
N ILE D 132 4.04 4.38 -51.38
CA ILE D 132 2.75 4.17 -52.01
C ILE D 132 1.65 4.38 -50.97
N THR D 133 0.66 5.19 -51.31
CA THR D 133 -0.39 5.59 -50.39
C THR D 133 -1.75 5.13 -50.89
N ASN D 134 -2.64 4.81 -49.95
CA ASN D 134 -3.99 4.40 -50.27
C ASN D 134 -4.86 5.65 -50.50
N ARG D 135 -6.17 5.47 -50.57
CA ARG D 135 -7.06 6.59 -50.88
C ARG D 135 -6.99 7.66 -49.80
N LYS D 136 -6.96 7.25 -48.54
CA LYS D 136 -6.93 8.22 -47.44
C LYS D 136 -5.61 8.97 -47.34
N GLY D 137 -4.67 8.72 -48.25
CA GLY D 137 -3.38 9.40 -48.19
C GLY D 137 -2.53 8.99 -47.00
N LEU D 138 -2.58 7.72 -46.64
CA LEU D 138 -1.83 7.19 -45.51
C LEU D 138 -0.82 6.16 -46.00
N THR D 139 0.44 6.34 -45.62
CA THR D 139 1.47 5.35 -45.87
C THR D 139 1.47 4.31 -44.75
N PRO D 140 2.20 3.21 -44.92
CA PRO D 140 2.24 2.21 -43.83
C PRO D 140 2.69 2.78 -42.50
N LEU D 141 3.65 3.71 -42.52
CA LEU D 141 4.10 4.33 -41.27
C LEU D 141 3.01 5.20 -40.67
N ALA D 142 2.35 6.02 -41.49
CA ALA D 142 1.27 6.85 -40.99
C ALA D 142 0.11 5.99 -40.50
N LEU D 143 -0.22 4.93 -41.23
CA LEU D 143 -1.29 4.04 -40.79
C LEU D 143 -0.95 3.38 -39.47
N ALA D 144 0.30 2.94 -39.29
CA ALA D 144 0.70 2.36 -38.02
C ALA D 144 0.60 3.36 -36.89
N ALA D 145 1.02 4.60 -37.13
CA ALA D 145 0.96 5.62 -36.08
C ALA D 145 -0.48 5.96 -35.72
N SER D 146 -1.36 6.05 -36.71
CA SER D 146 -2.73 6.49 -36.46
C SER D 146 -3.49 5.48 -35.59
N SER D 147 -3.31 4.19 -35.84
CA SER D 147 -4.11 3.17 -35.19
C SER D 147 -3.49 2.64 -33.89
N GLY D 148 -2.38 3.21 -33.45
CA GLY D 148 -1.80 2.80 -32.18
C GLY D 148 -1.21 1.41 -32.15
N LYS D 149 -0.40 1.06 -33.14
CA LYS D 149 0.31 -0.22 -33.17
C LYS D 149 1.73 0.04 -32.69
N ILE D 150 1.98 -0.21 -31.40
CA ILE D 150 3.26 0.14 -30.80
C ILE D 150 4.38 -0.67 -31.43
N GLY D 151 4.19 -1.98 -31.58
CA GLY D 151 5.28 -2.82 -32.03
C GLY D 151 5.75 -2.48 -33.43
N VAL D 152 4.80 -2.32 -34.36
CA VAL D 152 5.18 -2.04 -35.75
C VAL D 152 5.88 -0.70 -35.84
N LEU D 153 5.36 0.32 -35.16
CA LEU D 153 6.00 1.63 -35.19
C LEU D 153 7.40 1.57 -34.61
N ALA D 154 7.57 0.90 -33.47
CA ALA D 154 8.88 0.80 -32.86
C ALA D 154 9.86 0.09 -33.77
N TYR D 155 9.42 -0.99 -34.42
CA TYR D 155 10.31 -1.71 -35.33
C TYR D 155 10.70 -0.82 -36.52
N ILE D 156 9.72 -0.13 -37.10
CA ILE D 156 9.99 0.64 -38.32
C ILE D 156 10.91 1.81 -38.04
N LEU D 157 10.73 2.47 -36.89
CA LEU D 157 11.46 3.72 -36.65
C LEU D 157 12.96 3.46 -36.54
N GLN D 158 13.36 2.35 -35.94
CA GLN D 158 14.78 2.03 -35.72
C GLN D 158 15.19 0.77 -36.47
N ARG D 159 14.76 0.64 -37.73
CA ARG D 159 15.08 -0.54 -38.52
C ARG D 159 16.56 -0.58 -38.86
N GLU D 160 17.15 -1.77 -38.78
CA GLU D 160 18.58 -1.96 -39.01
C GLU D 160 18.80 -3.18 -39.91
N ILE D 161 19.51 -2.98 -41.02
CA ILE D 161 19.83 -4.05 -41.96
C ILE D 161 21.35 -4.12 -42.08
N HIS D 162 21.90 -5.32 -41.93
CA HIS D 162 23.34 -5.54 -41.90
C HIS D 162 23.80 -6.43 -43.06
N GLU D 163 23.29 -6.17 -44.26
CA GLU D 163 23.61 -6.99 -45.41
C GLU D 163 24.02 -6.12 -46.59
N PRO D 164 24.99 -6.56 -47.40
CA PRO D 164 25.37 -5.77 -48.58
C PRO D 164 24.22 -5.65 -49.57
N GLU D 165 24.19 -4.52 -50.27
CA GLU D 165 23.16 -4.17 -51.25
C GLU D 165 21.80 -3.95 -50.61
N CYS D 166 21.75 -3.79 -49.28
CA CYS D 166 20.49 -3.51 -48.60
C CYS D 166 20.64 -2.44 -47.52
N ARG D 167 21.80 -1.79 -47.43
CA ARG D 167 22.00 -0.78 -46.40
C ARG D 167 21.08 0.42 -46.62
N HIS D 168 20.81 0.76 -47.88
CA HIS D 168 20.01 1.94 -48.17
C HIS D 168 18.57 1.81 -47.70
N LEU D 169 18.13 0.60 -47.34
CA LEU D 169 16.80 0.41 -46.79
C LEU D 169 16.73 0.70 -45.29
N SER D 170 17.86 0.91 -44.64
CA SER D 170 17.90 1.09 -43.19
C SER D 170 17.57 2.54 -42.81
N ARG D 171 17.23 2.72 -41.54
CA ARG D 171 16.98 4.04 -40.96
C ARG D 171 17.95 4.39 -39.85
N LYS D 172 18.53 3.40 -39.18
CA LYS D 172 19.52 3.63 -38.15
C LYS D 172 20.90 3.18 -38.64
N PHE D 173 21.91 4.00 -38.39
CA PHE D 173 23.25 3.73 -38.88
C PHE D 173 24.23 3.89 -37.72
N THR D 174 25.53 3.83 -38.03
CA THR D 174 26.58 3.98 -37.04
C THR D 174 27.71 4.78 -37.68
N GLU D 175 27.90 6.03 -37.26
CA GLU D 175 28.87 6.94 -37.90
C GLU D 175 30.28 6.49 -37.57
N TRP D 176 30.57 6.16 -36.32
CA TRP D 176 31.88 5.65 -35.94
C TRP D 176 31.79 5.04 -34.56
N ALA D 177 32.80 4.23 -34.22
CA ALA D 177 32.88 3.60 -32.92
C ALA D 177 34.32 3.65 -32.44
N TYR D 178 34.49 3.65 -31.12
CA TYR D 178 35.82 3.72 -30.52
C TYR D 178 35.70 3.21 -29.09
N GLY D 179 36.34 2.08 -28.80
CA GLY D 179 36.29 1.51 -27.48
C GLY D 179 34.87 1.23 -27.02
N PRO D 180 34.55 1.58 -25.77
CA PRO D 180 33.20 1.35 -25.26
C PRO D 180 32.13 2.35 -25.73
N VAL D 181 32.46 3.25 -26.64
CA VAL D 181 31.54 4.32 -27.05
C VAL D 181 31.35 4.26 -28.57
N HIS D 182 30.11 4.44 -29.01
CA HIS D 182 29.79 4.56 -30.42
C HIS D 182 28.56 5.45 -30.58
N SER D 183 28.55 6.24 -31.65
CA SER D 183 27.48 7.19 -31.91
C SER D 183 26.63 6.71 -33.09
N SER D 184 25.32 6.79 -32.93
CA SER D 184 24.37 6.34 -33.93
C SER D 184 23.74 7.54 -34.63
N LEU D 185 22.99 7.25 -35.70
CA LEU D 185 22.25 8.25 -36.44
C LEU D 185 20.84 7.75 -36.69
N TYR D 186 19.88 8.67 -36.66
CA TYR D 186 18.47 8.35 -36.89
C TYR D 186 17.95 9.19 -38.04
N ASP D 187 17.17 8.57 -38.92
CA ASP D 187 16.61 9.25 -40.07
C ASP D 187 15.34 9.98 -39.66
N LEU D 188 15.25 11.27 -39.97
CA LEU D 188 14.11 12.10 -39.62
C LEU D 188 13.23 12.45 -40.81
N SER D 189 13.44 11.83 -41.96
CA SER D 189 12.57 12.11 -43.11
C SER D 189 11.16 11.62 -42.82
N CYS D 190 10.19 12.51 -43.01
CA CYS D 190 8.77 12.22 -42.83
C CYS D 190 8.43 11.87 -41.38
N ILE D 191 9.01 12.57 -40.41
CA ILE D 191 8.67 12.40 -38.99
C ILE D 191 8.13 13.69 -38.39
N ASP D 192 8.73 14.84 -38.73
CA ASP D 192 8.27 16.11 -38.20
C ASP D 192 7.70 17.03 -39.28
N THR D 193 7.99 16.77 -40.55
CA THR D 193 7.39 17.55 -41.63
C THR D 193 7.40 16.69 -42.89
N CYS D 194 6.22 16.20 -43.29
CA CYS D 194 6.07 15.46 -44.53
C CYS D 194 5.24 16.20 -45.57
N GLU D 195 4.66 17.35 -45.20
CA GLU D 195 3.85 18.23 -46.02
C GLU D 195 2.43 17.68 -46.23
N LYS D 196 2.14 16.46 -45.79
CA LYS D 196 0.77 15.95 -45.80
C LYS D 196 0.28 15.57 -44.41
N ASN D 197 1.01 14.71 -43.70
CA ASN D 197 0.72 14.40 -42.30
C ASN D 197 1.90 13.67 -41.67
N SER D 198 2.52 14.29 -40.68
CA SER D 198 3.69 13.70 -40.05
C SER D 198 3.27 12.75 -38.93
N VAL D 199 4.25 11.99 -38.43
CA VAL D 199 3.99 11.09 -37.32
C VAL D 199 3.61 11.89 -36.07
N LEU D 200 4.37 12.94 -35.77
CA LEU D 200 4.09 13.75 -34.58
C LEU D 200 2.71 14.38 -34.67
N GLU D 201 2.37 14.93 -35.84
CA GLU D 201 1.07 15.57 -36.00
C GLU D 201 -0.06 14.56 -35.82
N VAL D 202 0.09 13.37 -36.38
CA VAL D 202 -0.95 12.35 -36.27
C VAL D 202 -1.13 11.91 -34.82
N ILE D 203 -0.02 11.69 -34.11
CA ILE D 203 -0.12 11.25 -32.72
C ILE D 203 -0.71 12.35 -31.85
N ALA D 204 -0.37 13.61 -32.13
CA ALA D 204 -0.79 14.70 -31.25
C ALA D 204 -2.29 14.96 -31.35
N TYR D 205 -2.84 14.95 -32.57
CA TYR D 205 -4.23 15.33 -32.80
C TYR D 205 -5.19 14.14 -32.83
N SER D 206 -4.72 12.94 -32.51
CA SER D 206 -5.59 11.77 -32.56
C SER D 206 -6.69 11.86 -31.52
N SER D 207 -7.84 11.26 -31.82
CA SER D 207 -8.96 11.26 -30.89
C SER D 207 -8.68 10.34 -29.71
N SER D 208 -9.40 10.58 -28.61
CA SER D 208 -9.08 9.95 -27.34
C SER D 208 -9.34 8.44 -27.33
N GLU D 209 -10.21 7.94 -28.21
CA GLU D 209 -10.49 6.50 -28.22
C GLU D 209 -9.32 5.67 -28.75
N THR D 210 -8.31 6.30 -29.32
CA THR D 210 -7.16 5.54 -29.80
C THR D 210 -6.50 4.80 -28.64
N PRO D 211 -6.06 3.55 -28.83
CA PRO D 211 -5.59 2.78 -27.67
C PRO D 211 -4.44 3.40 -26.90
N ASN D 212 -3.34 3.75 -27.57
CA ASN D 212 -2.08 4.00 -26.88
C ASN D 212 -1.48 5.36 -27.17
N ARG D 213 -2.29 6.42 -27.06
CA ARG D 213 -1.77 7.76 -27.31
C ARG D 213 -0.67 8.13 -26.33
N HIS D 214 -0.89 7.88 -25.04
CA HIS D 214 0.06 8.33 -24.03
C HIS D 214 1.40 7.62 -24.15
N ASP D 215 1.37 6.31 -24.38
CA ASP D 215 2.57 5.48 -24.30
C ASP D 215 3.31 5.39 -25.62
N MET D 216 2.82 6.03 -26.68
CA MET D 216 3.45 5.92 -27.99
C MET D 216 4.55 6.95 -28.20
N LEU D 217 4.74 7.87 -27.26
CA LEU D 217 5.81 8.86 -27.36
C LEU D 217 7.06 8.44 -26.61
N LEU D 218 7.09 7.23 -26.03
CA LEU D 218 8.28 6.74 -25.35
C LEU D 218 9.29 6.11 -26.30
N VAL D 219 8.95 5.97 -27.59
CA VAL D 219 9.91 5.44 -28.54
C VAL D 219 11.13 6.36 -28.60
N GLU D 220 12.26 5.80 -29.00
CA GLU D 220 13.56 6.43 -28.74
C GLU D 220 13.68 7.84 -29.32
N PRO D 221 13.71 8.02 -30.63
CA PRO D 221 14.06 9.35 -31.18
C PRO D 221 13.12 10.46 -30.77
N LEU D 222 11.82 10.16 -30.62
CA LEU D 222 10.82 11.22 -30.47
C LEU D 222 11.02 12.01 -29.19
N ASN D 223 11.31 11.33 -28.08
CA ASN D 223 11.48 12.02 -26.81
C ASN D 223 12.62 13.04 -26.89
N ARG D 224 13.78 12.60 -27.38
CA ARG D 224 14.92 13.50 -27.48
C ARG D 224 14.64 14.63 -28.46
N LEU D 225 13.95 14.34 -29.57
CA LEU D 225 13.64 15.39 -30.53
C LEU D 225 12.77 16.48 -29.90
N LEU D 226 11.74 16.07 -29.16
CA LEU D 226 10.86 17.04 -28.51
C LEU D 226 11.63 17.85 -27.46
N GLN D 227 12.47 17.18 -26.66
CA GLN D 227 13.26 17.90 -25.67
C GLN D 227 14.16 18.93 -26.33
N ASP D 228 14.79 18.56 -27.46
CA ASP D 228 15.65 19.48 -28.17
C ASP D 228 14.87 20.72 -28.62
N LYS D 229 13.75 20.51 -29.31
CA LYS D 229 12.97 21.64 -29.80
C LYS D 229 12.59 22.58 -28.66
N TRP D 230 12.05 21.99 -27.58
CA TRP D 230 11.68 22.76 -26.40
C TRP D 230 12.84 23.63 -25.95
N ASP D 231 13.94 22.97 -25.57
CA ASP D 231 15.07 23.66 -24.95
C ASP D 231 15.67 24.70 -25.89
N ARG D 232 15.50 24.54 -27.19
CA ARG D 232 16.00 25.57 -28.10
C ARG D 232 15.16 26.84 -28.04
N PHE D 233 13.85 26.76 -28.31
CA PHE D 233 13.09 28.02 -28.35
C PHE D 233 11.71 28.04 -27.69
N VAL D 234 11.11 26.89 -27.41
CA VAL D 234 9.74 26.95 -26.90
C VAL D 234 9.75 27.52 -25.49
N LYS D 235 10.85 27.33 -24.75
CA LYS D 235 10.94 27.86 -23.40
C LYS D 235 10.78 29.37 -23.39
N ARG D 236 11.55 30.07 -24.23
CA ARG D 236 11.47 31.52 -24.27
C ARG D 236 10.10 31.98 -24.73
N ILE D 237 9.55 31.32 -25.77
CA ILE D 237 8.22 31.74 -26.22
C ILE D 237 7.21 31.61 -25.08
N PHE D 238 7.24 30.48 -24.38
CA PHE D 238 6.28 30.22 -23.31
C PHE D 238 6.41 31.24 -22.18
N TYR D 239 7.64 31.55 -21.78
CA TYR D 239 7.84 32.50 -20.69
C TYR D 239 7.32 33.89 -21.06
N PHE D 240 7.57 34.32 -22.30
CA PHE D 240 7.03 35.61 -22.73
C PHE D 240 5.51 35.62 -22.66
N ASN D 241 4.87 34.56 -23.13
CA ASN D 241 3.41 34.51 -23.09
C ASN D 241 2.90 34.57 -21.65
N PHE D 242 3.54 33.83 -20.75
CA PHE D 242 3.13 33.82 -19.35
C PHE D 242 3.21 35.23 -18.75
N PHE D 243 4.32 35.92 -19.00
CA PHE D 243 4.47 37.28 -18.48
C PHE D 243 3.37 38.20 -18.99
N VAL D 244 3.08 38.13 -20.29
CA VAL D 244 2.06 39.01 -20.85
C VAL D 244 0.70 38.73 -20.20
N TYR D 245 0.35 37.46 -20.03
CA TYR D 245 -0.93 37.13 -19.43
C TYR D 245 -1.02 37.66 -18.00
N CYS D 246 0.05 37.50 -17.21
CA CYS D 246 0.02 38.00 -15.85
C CYS D 246 -0.20 39.51 -15.83
N LEU D 247 0.50 40.23 -16.71
CA LEU D 247 0.34 41.68 -16.75
C LEU D 247 -1.10 42.07 -17.07
N TYR D 248 -1.69 41.41 -18.08
CA TYR D 248 -3.05 41.74 -18.47
C TYR D 248 -4.02 41.48 -17.33
N MET D 249 -3.85 40.36 -16.63
CA MET D 249 -4.77 40.04 -15.55
C MET D 249 -4.66 41.03 -14.40
N ILE D 250 -3.44 41.46 -14.08
CA ILE D 250 -3.26 42.46 -13.03
C ILE D 250 -3.96 43.76 -13.41
N ILE D 251 -3.81 44.19 -14.66
CA ILE D 251 -4.47 45.42 -15.09
C ILE D 251 -5.98 45.30 -14.98
N PHE D 252 -6.53 44.15 -15.41
CA PHE D 252 -7.98 43.97 -15.35
C PHE D 252 -8.47 44.03 -13.91
N THR D 253 -7.78 43.34 -12.99
CA THR D 253 -8.18 43.38 -11.60
C THR D 253 -8.17 44.79 -11.05
N ALA D 254 -7.08 45.53 -11.29
CA ALA D 254 -6.97 46.88 -10.75
C ALA D 254 -8.07 47.78 -11.31
N ALA D 255 -8.36 47.65 -12.61
CA ALA D 255 -9.42 48.46 -13.20
C ALA D 255 -10.78 48.14 -12.58
N ALA D 256 -11.06 46.85 -12.35
CA ALA D 256 -12.37 46.48 -11.82
C ALA D 256 -12.52 46.86 -10.36
N TYR D 257 -11.42 46.96 -9.60
CA TYR D 257 -11.52 47.23 -8.17
C TYR D 257 -12.03 48.64 -7.87
N TYR D 258 -11.89 49.58 -8.80
CA TYR D 258 -12.16 51.00 -8.55
C TYR D 258 -13.40 51.50 -9.27
N ARG D 259 -14.35 50.63 -9.57
CA ARG D 259 -15.52 51.04 -10.33
C ARG D 259 -16.30 52.11 -9.56
N PRO D 260 -16.94 53.05 -10.25
CA PRO D 260 -17.74 54.06 -9.55
C PRO D 260 -19.04 53.48 -9.03
N VAL D 261 -19.63 54.17 -8.05
CA VAL D 261 -20.88 53.73 -7.38
C VAL D 261 -21.89 54.88 -7.37
N GLU D 262 -22.49 55.23 -8.51
CA GLU D 262 -23.44 56.33 -8.62
C GLU D 262 -24.82 55.88 -9.08
N GLY D 263 -24.89 54.91 -9.98
CA GLY D 263 -26.17 54.39 -10.42
C GLY D 263 -26.47 54.65 -11.88
N LEU D 264 -27.10 53.69 -12.55
CA LEU D 264 -27.55 53.85 -13.94
C LEU D 264 -26.41 54.28 -14.85
N PRO D 265 -25.49 53.38 -15.20
CA PRO D 265 -24.43 53.72 -16.15
C PRO D 265 -25.02 54.09 -17.50
N PRO D 266 -24.21 54.63 -18.43
CA PRO D 266 -22.76 54.90 -18.32
C PRO D 266 -22.47 56.11 -17.45
N TYR D 267 -21.20 56.28 -17.08
CA TYR D 267 -20.77 57.34 -16.18
C TYR D 267 -19.89 58.33 -16.93
N LYS D 268 -20.15 59.62 -16.71
CA LYS D 268 -19.40 60.68 -17.36
C LYS D 268 -18.08 60.90 -16.66
N LEU D 269 -16.98 60.79 -17.39
CA LEU D 269 -15.66 60.93 -16.80
C LEU D 269 -15.42 62.38 -16.36
N LYS D 270 -14.46 62.54 -15.47
CA LYS D 270 -14.10 63.83 -14.90
C LYS D 270 -12.67 64.17 -15.26
N ASN D 271 -12.31 65.44 -15.07
CA ASN D 271 -10.99 65.94 -15.44
C ASN D 271 -10.00 65.65 -14.29
N THR D 272 -9.56 64.40 -14.25
CA THR D 272 -8.56 63.96 -13.28
C THR D 272 -7.84 62.74 -13.82
N VAL D 273 -6.66 62.47 -13.26
CA VAL D 273 -5.82 61.37 -13.74
C VAL D 273 -6.53 60.03 -13.56
N GLY D 274 -7.18 59.83 -12.41
CA GLY D 274 -7.77 58.54 -12.12
C GLY D 274 -8.77 58.11 -13.18
N ASP D 275 -9.58 59.05 -13.67
CA ASP D 275 -10.56 58.70 -14.70
C ASP D 275 -9.88 58.23 -15.97
N TYR D 276 -8.81 58.92 -16.39
CA TYR D 276 -8.10 58.50 -17.59
C TYR D 276 -7.51 57.11 -17.43
N PHE D 277 -6.89 56.85 -16.28
CA PHE D 277 -6.30 55.53 -16.05
C PHE D 277 -7.37 54.45 -16.05
N ARG D 278 -8.51 54.72 -15.41
CA ARG D 278 -9.59 53.74 -15.36
C ARG D 278 -10.14 53.44 -16.75
N VAL D 279 -10.33 54.49 -17.57
CA VAL D 279 -10.84 54.28 -18.91
C VAL D 279 -9.86 53.46 -19.74
N THR D 280 -8.56 53.76 -19.62
CA THR D 280 -7.57 52.99 -20.35
C THR D 280 -7.61 51.52 -19.92
N GLY D 281 -7.71 51.26 -18.62
CA GLY D 281 -7.77 49.89 -18.16
C GLY D 281 -8.99 49.15 -18.69
N GLU D 282 -10.14 49.81 -18.69
CA GLU D 282 -11.35 49.17 -19.21
C GLU D 282 -11.21 48.85 -20.70
N ILE D 283 -10.63 49.78 -21.46
CA ILE D 283 -10.44 49.54 -22.89
C ILE D 283 -9.51 48.35 -23.12
N LEU D 284 -8.42 48.28 -22.36
CA LEU D 284 -7.50 47.15 -22.50
C LEU D 284 -8.20 45.84 -22.18
N SER D 285 -9.02 45.83 -21.13
CA SER D 285 -9.72 44.60 -20.77
C SER D 285 -10.66 44.15 -21.89
N VAL D 286 -11.41 45.09 -22.46
CA VAL D 286 -12.32 44.73 -23.54
C VAL D 286 -11.55 44.18 -24.74
N SER D 287 -10.41 44.81 -25.07
CA SER D 287 -9.62 44.34 -26.19
C SER D 287 -9.13 42.91 -25.96
N GLY D 288 -8.63 42.62 -24.75
CA GLY D 288 -8.21 41.27 -24.45
C GLY D 288 -9.34 40.27 -24.58
N GLY D 289 -10.53 40.64 -24.10
CA GLY D 289 -11.67 39.75 -24.20
C GLY D 289 -12.01 39.40 -25.63
N VAL D 290 -12.04 40.41 -26.50
CA VAL D 290 -12.39 40.15 -27.90
C VAL D 290 -11.30 39.31 -28.58
N TYR D 291 -10.04 39.56 -28.23
CA TYR D 291 -8.95 38.75 -28.78
C TYR D 291 -9.14 37.28 -28.44
N PHE D 292 -9.41 36.99 -27.16
CA PHE D 292 -9.60 35.59 -26.76
C PHE D 292 -10.81 34.99 -27.46
N PHE D 293 -11.89 35.76 -27.59
CA PHE D 293 -13.08 35.26 -28.28
C PHE D 293 -12.73 34.81 -29.70
N PHE D 294 -12.04 35.67 -30.45
CA PHE D 294 -11.73 35.33 -31.84
C PHE D 294 -10.78 34.14 -31.93
N ARG D 295 -9.78 34.08 -31.07
CA ARG D 295 -8.87 32.93 -31.12
C ARG D 295 -9.62 31.63 -30.84
N GLY D 296 -10.50 31.64 -29.85
CA GLY D 296 -11.26 30.44 -29.54
C GLY D 296 -12.15 30.00 -30.68
N ILE D 297 -12.85 30.94 -31.31
CA ILE D 297 -13.74 30.57 -32.41
C ILE D 297 -12.92 30.02 -33.58
N GLN D 298 -11.74 30.60 -33.84
CA GLN D 298 -10.89 30.08 -34.90
C GLN D 298 -10.47 28.63 -34.61
N TYR D 299 -10.05 28.35 -33.38
CA TYR D 299 -9.65 26.99 -33.05
C TYR D 299 -10.81 26.02 -33.22
N PHE D 300 -11.99 26.38 -32.70
CA PHE D 300 -13.14 25.49 -32.82
C PHE D 300 -13.53 25.28 -34.27
N LEU D 301 -13.31 26.29 -35.11
CA LEU D 301 -13.60 26.12 -36.53
C LEU D 301 -12.63 25.15 -37.19
N GLN D 302 -11.33 25.33 -36.94
CA GLN D 302 -10.35 24.48 -37.61
C GLN D 302 -10.44 23.03 -37.16
N ARG D 303 -10.43 22.79 -35.85
CA ARG D 303 -10.40 21.40 -35.38
C ARG D 303 -11.70 20.66 -35.71
N ARG D 304 -12.85 21.25 -35.37
CA ARG D 304 -14.12 20.58 -35.59
C ARG D 304 -14.13 19.19 -34.95
N PRO D 305 -14.03 19.10 -33.63
CA PRO D 305 -14.01 17.78 -32.97
C PRO D 305 -15.42 17.26 -32.73
N SER D 306 -15.49 16.05 -32.18
CA SER D 306 -16.77 15.41 -31.88
C SER D 306 -17.34 15.99 -30.60
N LEU D 307 -18.41 15.38 -30.09
CA LEU D 307 -19.07 15.87 -28.89
C LEU D 307 -18.51 15.26 -27.62
N LYS D 308 -18.31 13.94 -27.59
CA LYS D 308 -17.80 13.26 -26.40
C LYS D 308 -16.37 13.66 -26.06
N SER D 309 -15.64 14.24 -27.01
CA SER D 309 -14.26 14.66 -26.79
C SER D 309 -14.15 16.13 -26.41
N LEU D 310 -15.27 16.82 -26.23
CA LEU D 310 -15.27 18.24 -25.93
C LEU D 310 -14.92 18.54 -24.49
N PHE D 311 -14.86 17.53 -23.62
CA PHE D 311 -14.52 17.74 -22.22
C PHE D 311 -13.32 16.89 -21.83
N VAL D 312 -13.20 15.70 -22.42
CA VAL D 312 -11.98 14.91 -22.21
C VAL D 312 -10.82 15.58 -22.93
N ASP D 313 -11.06 16.16 -24.10
CA ASP D 313 -10.09 16.96 -24.82
C ASP D 313 -10.59 18.39 -24.93
N SER D 314 -9.66 19.32 -25.14
CA SER D 314 -9.98 20.75 -25.20
C SER D 314 -10.61 21.22 -23.89
N TYR D 315 -10.05 20.74 -22.77
CA TYR D 315 -10.58 21.08 -21.46
C TYR D 315 -10.30 22.53 -21.07
N SER D 316 -9.46 23.24 -21.83
CA SER D 316 -9.08 24.62 -21.50
C SER D 316 -9.56 25.64 -22.52
N GLU D 317 -9.68 25.19 -23.77
CA GLU D 317 -10.16 26.03 -24.88
C GLU D 317 -11.61 26.43 -24.62
N ILE D 318 -12.41 25.59 -23.98
CA ILE D 318 -13.79 25.88 -23.59
C ILE D 318 -13.82 26.89 -22.46
N LEU D 319 -12.91 26.75 -21.49
CA LEU D 319 -12.90 27.68 -20.35
C LEU D 319 -12.54 29.09 -20.79
N PHE D 320 -11.50 29.23 -21.62
CA PHE D 320 -11.14 30.56 -22.11
C PHE D 320 -12.28 31.17 -22.92
N PHE D 321 -12.93 30.36 -23.76
CA PHE D 321 -14.04 30.86 -24.55
C PHE D 321 -15.19 31.33 -23.65
N VAL D 322 -15.48 30.59 -22.59
CA VAL D 322 -16.55 30.97 -21.68
C VAL D 322 -16.23 32.29 -21.00
N GLN D 323 -14.98 32.47 -20.58
CA GLN D 323 -14.58 33.74 -19.97
C GLN D 323 -14.80 34.89 -20.95
N SER D 324 -14.40 34.70 -22.20
CA SER D 324 -14.61 35.75 -23.21
C SER D 324 -16.10 36.05 -23.38
N LEU D 325 -16.93 35.01 -23.41
CA LEU D 325 -18.37 35.22 -23.55
C LEU D 325 -18.92 36.05 -22.40
N PHE D 326 -18.49 35.74 -21.17
CA PHE D 326 -18.93 36.53 -20.03
C PHE D 326 -18.53 37.99 -20.18
N MET D 327 -17.29 38.24 -20.62
CA MET D 327 -16.85 39.62 -20.81
C MET D 327 -17.72 40.35 -21.83
N LEU D 328 -18.00 39.71 -22.97
CA LEU D 328 -18.77 40.36 -24.02
C LEU D 328 -20.20 40.63 -23.56
N VAL D 329 -20.82 39.67 -22.88
CA VAL D 329 -22.17 39.89 -22.37
C VAL D 329 -22.17 41.04 -21.37
N SER D 330 -21.11 41.14 -20.55
CA SER D 330 -21.01 42.24 -19.61
C SER D 330 -20.98 43.57 -20.35
N VAL D 331 -20.21 43.66 -21.42
CA VAL D 331 -20.15 44.91 -22.19
C VAL D 331 -21.53 45.25 -22.76
N VAL D 332 -22.20 44.25 -23.33
CA VAL D 332 -23.51 44.50 -23.94
C VAL D 332 -24.49 45.03 -22.89
N LEU D 333 -24.50 44.41 -21.71
CA LEU D 333 -25.38 44.90 -20.65
C LEU D 333 -24.98 46.29 -20.21
N TYR D 334 -23.68 46.56 -20.12
CA TYR D 334 -23.22 47.87 -19.65
C TYR D 334 -23.72 48.98 -20.55
N PHE D 335 -23.67 48.79 -21.87
CA PHE D 335 -24.12 49.85 -22.76
C PHE D 335 -25.64 49.87 -22.95
N SER D 336 -26.39 49.05 -22.20
CA SER D 336 -27.84 49.04 -22.26
C SER D 336 -28.49 49.66 -21.02
N GLN D 337 -27.70 50.31 -20.16
CA GLN D 337 -28.23 51.04 -19.00
C GLN D 337 -28.87 50.09 -17.99
N ARG D 338 -28.14 49.03 -17.64
CA ARG D 338 -28.60 48.09 -16.61
C ARG D 338 -27.52 47.92 -15.54
N LYS D 339 -27.71 46.97 -14.63
CA LYS D 339 -26.82 46.81 -13.49
C LYS D 339 -26.31 45.37 -13.31
N GLU D 340 -26.63 44.51 -14.22
CA GLU D 340 -26.19 43.12 -14.11
C GLU D 340 -24.79 42.99 -14.71
N TYR D 341 -24.25 44.00 -15.37
CA TYR D 341 -22.88 43.96 -15.86
C TYR D 341 -21.90 43.72 -14.71
N VAL D 342 -22.27 44.12 -13.49
CA VAL D 342 -21.41 43.86 -12.34
C VAL D 342 -21.32 42.36 -12.07
N ALA D 343 -22.47 41.67 -12.09
CA ALA D 343 -22.47 40.23 -11.88
C ALA D 343 -21.66 39.52 -12.95
N SER D 344 -21.87 39.92 -14.21
CA SER D 344 -21.11 39.30 -15.30
C SER D 344 -19.62 39.54 -15.12
N MET D 345 -19.25 40.76 -14.74
CA MET D 345 -17.85 41.12 -14.59
C MET D 345 -17.19 40.32 -13.47
N VAL D 346 -17.90 40.11 -12.35
CA VAL D 346 -17.30 39.37 -11.25
C VAL D 346 -17.14 37.90 -11.63
N PHE D 347 -18.12 37.32 -12.32
CA PHE D 347 -17.95 35.95 -12.79
C PHE D 347 -16.73 35.84 -13.69
N SER D 348 -16.59 36.77 -14.64
CA SER D 348 -15.46 36.74 -15.55
C SER D 348 -14.14 36.88 -14.79
N LEU D 349 -14.09 37.80 -13.83
CA LEU D 349 -12.85 38.04 -13.08
C LEU D 349 -12.43 36.80 -12.31
N ALA D 350 -13.36 36.20 -11.57
CA ALA D 350 -13.02 35.01 -10.79
C ALA D 350 -12.57 33.87 -11.69
N MET D 351 -13.29 33.65 -12.80
CA MET D 351 -12.94 32.54 -13.68
C MET D 351 -11.58 32.78 -14.32
N GLY D 352 -11.30 34.02 -14.72
CA GLY D 352 -10.00 34.33 -15.30
C GLY D 352 -8.86 34.13 -14.33
N TRP D 353 -9.05 34.54 -13.07
CA TRP D 353 -8.00 34.35 -12.08
C TRP D 353 -7.75 32.86 -11.83
N THR D 354 -8.81 32.06 -11.73
CA THR D 354 -8.61 30.63 -11.52
C THR D 354 -8.13 29.91 -12.78
N ASN D 355 -8.20 30.56 -13.94
CA ASN D 355 -7.81 29.95 -15.21
C ASN D 355 -6.31 30.00 -15.46
N MET D 356 -5.51 30.18 -14.42
CA MET D 356 -4.07 30.37 -14.56
C MET D 356 -3.28 29.09 -14.32
N LEU D 357 -3.94 27.98 -14.00
CA LEU D 357 -3.22 26.72 -13.87
C LEU D 357 -2.76 26.17 -15.21
N TYR D 358 -3.21 26.75 -16.32
CA TYR D 358 -2.77 26.29 -17.63
C TYR D 358 -1.28 26.42 -17.82
N TYR D 359 -0.64 27.38 -17.16
CA TYR D 359 0.78 27.66 -17.37
C TYR D 359 1.68 26.86 -16.44
N THR D 360 1.12 25.96 -15.63
CA THR D 360 1.96 25.10 -14.81
C THR D 360 2.65 24.02 -15.63
N ARG D 361 2.12 23.71 -16.81
CA ARG D 361 2.85 22.87 -17.74
C ARG D 361 4.06 23.63 -18.27
N GLY D 362 5.18 22.94 -18.39
CA GLY D 362 6.48 23.56 -18.53
C GLY D 362 7.32 23.48 -17.27
N PHE D 363 6.69 23.16 -16.15
CA PHE D 363 7.36 22.79 -14.92
C PHE D 363 6.88 21.40 -14.53
N GLN D 364 7.81 20.50 -14.25
CA GLN D 364 7.48 19.08 -14.15
C GLN D 364 6.52 18.81 -13.01
N GLN D 365 6.94 19.08 -11.77
CA GLN D 365 6.17 18.66 -10.61
C GLN D 365 4.83 19.39 -10.55
N MET D 366 4.83 20.70 -10.84
CA MET D 366 3.59 21.45 -10.86
C MET D 366 2.65 20.91 -11.93
N GLY D 367 3.19 20.56 -13.10
CA GLY D 367 2.35 20.00 -14.14
C GLY D 367 1.71 18.69 -13.72
N ILE D 368 2.47 17.83 -13.06
CA ILE D 368 1.91 16.56 -12.58
C ILE D 368 0.81 16.83 -11.56
N TYR D 369 1.05 17.78 -10.66
CA TYR D 369 0.04 18.14 -9.67
C TYR D 369 -1.26 18.57 -10.35
N ALA D 370 -1.15 19.45 -11.35
CA ALA D 370 -2.34 19.93 -12.04
C ALA D 370 -3.04 18.80 -12.78
N VAL D 371 -2.27 17.87 -13.37
CA VAL D 371 -2.88 16.74 -14.05
C VAL D 371 -3.70 15.90 -13.08
N MET D 372 -3.15 15.63 -11.90
CA MET D 372 -3.92 14.88 -10.90
C MET D 372 -5.18 15.64 -10.51
N ILE D 373 -5.06 16.96 -10.34
CA ILE D 373 -6.24 17.74 -9.97
C ILE D 373 -7.34 17.58 -10.99
N GLU D 374 -7.02 17.76 -12.29
CA GLU D 374 -8.07 17.71 -13.29
C GLU D 374 -8.64 16.31 -13.44
N LYS D 375 -7.79 15.28 -13.34
CA LYS D 375 -8.31 13.91 -13.38
C LYS D 375 -9.30 13.67 -12.26
N MET D 376 -8.98 14.11 -11.05
CA MET D 376 -9.91 13.90 -9.94
C MET D 376 -11.21 14.66 -10.16
N ILE D 377 -11.13 15.91 -10.62
CA ILE D 377 -12.34 16.67 -10.91
C ILE D 377 -13.23 15.89 -11.89
N LEU D 378 -12.63 15.38 -12.96
CA LEU D 378 -13.45 14.76 -14.01
C LEU D 378 -13.87 13.33 -13.65
N ARG D 379 -13.25 12.71 -12.63
CA ARG D 379 -13.52 11.32 -12.34
C ARG D 379 -14.25 11.06 -11.03
N ASP D 380 -14.41 12.06 -10.16
CA ASP D 380 -15.06 11.84 -8.87
C ASP D 380 -16.23 12.77 -8.57
N LEU D 381 -16.30 13.96 -9.17
CA LEU D 381 -17.35 14.91 -8.81
C LEU D 381 -18.73 14.31 -9.04
N CYS D 382 -18.97 13.80 -10.25
CA CYS D 382 -20.29 13.27 -10.56
C CYS D 382 -20.62 12.05 -9.71
N ARG D 383 -19.64 11.18 -9.50
CA ARG D 383 -19.91 9.94 -8.78
C ARG D 383 -20.06 10.15 -7.29
N PHE D 384 -19.65 11.31 -6.76
CA PHE D 384 -19.69 11.52 -5.32
C PHE D 384 -20.62 12.62 -4.87
N MET D 385 -21.13 13.46 -5.77
CA MET D 385 -22.11 14.47 -5.37
C MET D 385 -23.54 13.97 -5.43
N PHE D 386 -23.82 12.94 -6.24
CA PHE D 386 -25.19 12.46 -6.39
C PHE D 386 -25.77 11.98 -5.07
N VAL D 387 -25.04 11.08 -4.39
CA VAL D 387 -25.52 10.53 -3.13
C VAL D 387 -25.69 11.62 -2.09
N TYR D 388 -24.71 12.53 -1.99
CA TYR D 388 -24.78 13.57 -0.99
C TYR D 388 -25.98 14.47 -1.22
N LEU D 389 -26.24 14.85 -2.47
CA LEU D 389 -27.39 15.71 -2.75
C LEU D 389 -28.69 14.98 -2.45
N VAL D 390 -28.77 13.69 -2.76
CA VAL D 390 -29.97 12.92 -2.44
C VAL D 390 -30.25 12.95 -0.95
N PHE D 391 -29.23 12.64 -0.14
CA PHE D 391 -29.41 12.62 1.30
C PHE D 391 -29.82 13.99 1.82
N LEU D 392 -29.13 15.04 1.36
CA LEU D 392 -29.42 16.38 1.82
C LEU D 392 -30.87 16.76 1.53
N PHE D 393 -31.31 16.54 0.29
CA PHE D 393 -32.68 16.91 -0.07
C PHE D 393 -33.71 16.13 0.75
N GLY D 394 -33.51 14.81 0.89
CA GLY D 394 -34.48 14.03 1.64
C GLY D 394 -34.63 14.51 3.07
N PHE D 395 -33.51 14.64 3.78
CA PHE D 395 -33.60 15.03 5.18
C PHE D 395 -34.08 16.47 5.33
N SER D 396 -33.72 17.35 4.40
CA SER D 396 -34.21 18.72 4.47
C SER D 396 -35.72 18.77 4.32
N THR D 397 -36.27 18.01 3.36
CA THR D 397 -37.71 17.99 3.20
C THR D 397 -38.40 17.47 4.45
N ALA D 398 -37.87 16.39 5.04
CA ALA D 398 -38.47 15.88 6.27
C ALA D 398 -38.47 16.94 7.37
N VAL D 399 -37.31 17.57 7.61
CA VAL D 399 -37.21 18.53 8.69
C VAL D 399 -38.15 19.71 8.46
N VAL D 400 -38.21 20.22 7.23
CA VAL D 400 -39.11 21.33 6.95
C VAL D 400 -40.55 20.93 7.19
N THR D 401 -40.93 19.72 6.79
CA THR D 401 -42.31 19.27 6.98
C THR D 401 -42.65 19.20 8.46
N LEU D 402 -41.66 18.89 9.31
CA LEU D 402 -41.94 18.79 10.74
C LEU D 402 -42.28 20.15 11.36
N ILE D 403 -41.62 21.21 10.88
CA ILE D 403 -41.75 22.51 11.53
C ILE D 403 -43.14 23.10 11.30
N GLU D 404 -43.59 23.92 12.25
CA GLU D 404 -44.93 24.52 12.19
C GLU D 404 -44.92 25.87 11.46
N ASP D 405 -44.17 26.84 11.97
CA ASP D 405 -44.09 28.14 11.33
C ASP D 405 -42.93 28.93 11.95
N GLY D 406 -42.48 29.96 11.23
CA GLY D 406 -41.40 30.79 11.73
C GLY D 406 -40.50 31.25 10.61
N LYS D 407 -39.25 31.55 10.96
CA LYS D 407 -38.27 31.95 9.98
C LYS D 407 -37.74 30.78 9.16
N TYR D 408 -37.64 29.59 9.78
CA TYR D 408 -37.09 28.41 9.11
C TYR D 408 -38.18 27.54 8.49
N ASN D 409 -39.30 28.12 8.09
CA ASN D 409 -40.39 27.36 7.49
C ASN D 409 -40.28 27.27 5.97
N SER D 410 -39.17 27.73 5.39
CA SER D 410 -38.93 27.59 3.97
C SER D 410 -38.06 26.36 3.71
N LEU D 411 -37.69 26.14 2.47
CA LEU D 411 -36.81 25.04 2.09
C LEU D 411 -35.36 25.50 1.92
N TYR D 412 -35.16 26.70 1.37
CA TYR D 412 -33.82 27.24 1.22
C TYR D 412 -33.14 27.41 2.58
N SER D 413 -33.85 27.96 3.56
CA SER D 413 -33.27 28.18 4.88
C SER D 413 -32.84 26.87 5.52
N THR D 414 -33.70 25.86 5.49
CA THR D 414 -33.37 24.59 6.13
C THR D 414 -32.25 23.88 5.39
N CYS D 415 -32.24 23.96 4.06
CA CYS D 415 -31.14 23.36 3.32
C CYS D 415 -29.81 24.02 3.70
N LEU D 416 -29.80 25.34 3.82
CA LEU D 416 -28.56 26.03 4.22
C LEU D 416 -28.15 25.63 5.64
N GLU D 417 -29.12 25.53 6.54
CA GLU D 417 -28.81 25.16 7.92
C GLU D 417 -28.22 23.76 8.00
N LEU D 418 -28.75 22.81 7.23
CA LEU D 418 -28.20 21.46 7.24
C LEU D 418 -26.89 21.37 6.47
N PHE D 419 -26.64 22.26 5.52
CA PHE D 419 -25.35 22.29 4.85
C PHE D 419 -24.26 22.81 5.79
N LYS D 420 -24.63 23.71 6.71
CA LYS D 420 -23.64 24.23 7.66
C LYS D 420 -22.96 23.12 8.45
N PHE D 421 -23.63 22.00 8.69
CA PHE D 421 -23.04 20.91 9.46
C PHE D 421 -21.77 20.35 8.84
N THR D 422 -21.62 20.41 7.52
CA THR D 422 -20.51 19.77 6.84
C THR D 422 -19.21 20.56 6.94
N ILE D 423 -19.29 21.85 7.31
CA ILE D 423 -18.10 22.70 7.36
C ILE D 423 -17.80 23.10 8.81
N GLY D 424 -18.39 22.39 9.77
CA GLY D 424 -18.07 22.62 11.17
C GLY D 424 -18.85 23.70 11.88
N MET D 425 -20.06 24.00 11.45
CA MET D 425 -20.89 24.99 12.12
C MET D 425 -22.28 24.43 12.49
N GLY D 426 -22.50 23.11 12.76
CA GLY D 426 -23.77 22.59 13.19
C GLY D 426 -24.27 23.27 14.45
N ASP D 427 -25.59 23.42 14.55
CA ASP D 427 -26.21 24.08 15.68
C ASP D 427 -26.98 23.13 16.61
N LEU D 428 -27.80 22.25 16.04
CA LEU D 428 -28.54 21.25 16.79
C LEU D 428 -29.68 21.85 17.61
N GLU D 429 -29.75 23.18 17.69
CA GLU D 429 -30.83 23.87 18.38
C GLU D 429 -31.22 25.14 17.64
N PHE D 430 -31.22 25.09 16.31
CA PHE D 430 -31.42 26.32 15.53
C PHE D 430 -32.88 26.76 15.49
N THR D 431 -33.80 25.93 15.96
CA THR D 431 -35.20 26.33 16.03
C THR D 431 -35.85 25.59 17.19
N GLU D 432 -36.97 26.15 17.68
CA GLU D 432 -37.65 25.59 18.84
C GLU D 432 -39.16 25.54 18.67
N ASN D 433 -39.66 26.02 17.52
CA ASN D 433 -41.11 26.10 17.22
C ASN D 433 -41.51 24.84 16.48
N TYR D 434 -41.98 23.85 17.23
CA TYR D 434 -42.32 22.55 16.65
C TYR D 434 -42.91 21.70 17.77
N ASP D 435 -43.16 20.43 17.47
CA ASP D 435 -43.57 19.45 18.46
C ASP D 435 -42.71 18.20 18.30
N PHE D 436 -42.72 17.35 19.33
CA PHE D 436 -42.04 16.07 19.30
C PHE D 436 -40.53 16.25 19.08
N LYS D 437 -39.90 16.86 20.08
CA LYS D 437 -38.48 17.15 20.04
C LYS D 437 -37.65 15.89 19.78
N ALA D 438 -38.11 14.73 20.25
CA ALA D 438 -37.36 13.50 20.05
C ALA D 438 -37.17 13.21 18.57
N VAL D 439 -38.22 13.42 17.77
CA VAL D 439 -38.12 13.17 16.33
C VAL D 439 -37.08 14.10 15.71
N PHE D 440 -37.10 15.37 16.09
CA PHE D 440 -36.13 16.33 15.59
C PHE D 440 -34.70 15.86 15.87
N ILE D 441 -34.44 15.50 17.13
CA ILE D 441 -33.09 15.09 17.50
C ILE D 441 -32.68 13.83 16.75
N ILE D 442 -33.59 12.86 16.64
CA ILE D 442 -33.26 11.61 15.96
C ILE D 442 -32.91 11.88 14.51
N LEU D 443 -33.70 12.71 13.83
CA LEU D 443 -33.42 13.02 12.43
C LEU D 443 -32.05 13.67 12.27
N LEU D 444 -31.74 14.65 13.12
CA LEU D 444 -30.46 15.32 12.99
C LEU D 444 -29.29 14.37 13.23
N LEU D 445 -29.39 13.52 14.26
CA LEU D 445 -28.32 12.58 14.54
C LEU D 445 -28.11 11.60 13.40
N ALA D 446 -29.20 11.06 12.85
CA ALA D 446 -29.08 10.14 11.73
C ALA D 446 -28.41 10.81 10.54
N TYR D 447 -28.80 12.05 10.23
CA TYR D 447 -28.18 12.76 9.12
C TYR D 447 -26.68 12.92 9.35
N VAL D 448 -26.28 13.32 10.55
CA VAL D 448 -24.86 13.54 10.83
C VAL D 448 -24.07 12.24 10.64
N ILE D 449 -24.58 11.16 11.21
CA ILE D 449 -23.85 9.89 11.14
C ILE D 449 -23.70 9.44 9.68
N LEU D 450 -24.80 9.50 8.92
CA LEU D 450 -24.74 9.06 7.53
C LEU D 450 -23.77 9.90 6.72
N THR D 451 -23.79 11.22 6.92
CA THR D 451 -22.88 12.08 6.16
C THR D 451 -21.42 11.78 6.47
N TYR D 452 -21.10 11.57 7.75
CA TYR D 452 -19.70 11.30 8.09
C TYR D 452 -19.26 9.95 7.55
N ILE D 453 -20.12 8.92 7.63
CA ILE D 453 -19.78 7.65 7.00
C ILE D 453 -19.52 7.84 5.51
N LEU D 454 -20.34 8.66 4.86
CA LEU D 454 -20.17 8.87 3.42
C LEU D 454 -18.84 9.53 3.10
N LEU D 455 -18.45 10.54 3.88
CA LEU D 455 -17.16 11.19 3.66
C LEU D 455 -16.00 10.22 3.86
N LEU D 456 -16.07 9.41 4.92
CA LEU D 456 -15.04 8.40 5.14
C LEU D 456 -14.92 7.46 3.95
N ASN D 457 -16.07 6.97 3.46
CA ASN D 457 -16.05 6.07 2.31
C ASN D 457 -15.46 6.75 1.09
N MET D 458 -15.80 8.03 0.88
CA MET D 458 -15.26 8.74 -0.27
C MET D 458 -13.75 8.79 -0.20
N LEU D 459 -13.10 9.13 0.93
CA LEU D 459 -11.61 9.25 1.00
C LEU D 459 -10.97 7.86 0.98
N ILE D 460 -11.61 6.80 1.48
CA ILE D 460 -10.97 5.50 1.32
C ILE D 460 -11.04 5.05 -0.13
N ALA D 461 -12.19 5.20 -0.79
CA ALA D 461 -12.31 4.80 -2.18
C ALA D 461 -11.37 5.62 -3.06
N LEU D 462 -11.24 6.92 -2.79
CA LEU D 462 -10.33 7.75 -3.56
C LEU D 462 -8.91 7.24 -3.44
N MET D 463 -8.39 6.81 -2.30
CA MET D 463 -6.96 6.35 -2.34
C MET D 463 -6.94 4.92 -2.83
N GLY D 464 -8.05 4.16 -2.79
CA GLY D 464 -7.91 2.79 -3.24
C GLY D 464 -7.34 2.68 -4.65
N GLU D 465 -7.78 3.56 -5.56
CA GLU D 465 -7.35 3.46 -6.94
C GLU D 465 -5.84 3.62 -7.09
N THR D 466 -5.19 4.37 -6.21
CA THR D 466 -3.74 4.61 -6.31
C THR D 466 -3.02 3.44 -5.64
N VAL D 467 -2.66 2.45 -6.46
CA VAL D 467 -1.85 1.32 -6.02
C VAL D 467 -0.43 1.59 -6.45
N ASN D 468 -0.10 2.87 -6.58
CA ASN D 468 1.07 3.44 -7.25
C ASN D 468 0.81 3.55 -8.75
N LYS D 469 -0.37 3.16 -9.24
CA LYS D 469 -0.73 3.31 -10.64
C LYS D 469 -1.44 4.64 -10.89
N ILE D 470 -0.85 5.73 -10.41
CA ILE D 470 -1.37 7.07 -10.69
C ILE D 470 -0.29 8.05 -11.12
N ALA D 471 0.97 7.84 -10.76
CA ALA D 471 2.03 8.77 -11.14
C ALA D 471 2.57 8.49 -12.54
N GLN D 472 2.74 7.22 -12.90
CA GLN D 472 3.28 6.87 -14.20
C GLN D 472 2.38 7.33 -15.33
N GLU D 473 1.06 7.30 -15.12
CA GLU D 473 0.12 7.85 -16.10
C GLU D 473 0.14 9.37 -16.11
N SER D 474 0.28 9.99 -14.94
CA SER D 474 0.30 11.45 -14.87
C SER D 474 1.51 12.01 -15.62
N LYS D 475 2.67 11.40 -15.47
CA LYS D 475 3.85 11.87 -16.17
C LYS D 475 3.66 11.78 -17.68
N ASN D 476 3.09 10.68 -18.16
CA ASN D 476 2.87 10.53 -19.59
C ASN D 476 1.87 11.56 -20.11
N ILE D 477 0.80 11.81 -19.34
CA ILE D 477 -0.19 12.81 -19.76
C ILE D 477 0.45 14.19 -19.83
N TRP D 478 1.29 14.53 -18.84
CA TRP D 478 1.97 15.82 -18.87
C TRP D 478 2.88 15.93 -20.08
N LYS D 479 3.60 14.84 -20.40
CA LYS D 479 4.47 14.86 -21.57
C LYS D 479 3.67 15.07 -22.86
N LEU D 480 2.51 14.42 -22.97
CA LEU D 480 1.68 14.63 -24.14
C LEU D 480 1.18 16.07 -24.23
N GLN D 481 0.80 16.65 -23.10
CA GLN D 481 0.36 18.04 -23.10
C GLN D 481 1.48 18.98 -23.57
N ARG D 482 2.69 18.77 -23.06
CA ARG D 482 3.80 19.61 -23.48
C ARG D 482 4.10 19.42 -24.96
N ALA D 483 3.99 18.18 -25.47
CA ALA D 483 4.21 17.95 -26.89
C ALA D 483 3.18 18.71 -27.73
N ILE D 484 1.92 18.70 -27.32
CA ILE D 484 0.91 19.45 -28.04
C ILE D 484 1.25 20.93 -28.04
N THR D 485 1.69 21.46 -26.89
CA THR D 485 2.06 22.87 -26.84
C THR D 485 3.22 23.18 -27.78
N ILE D 486 4.23 22.31 -27.82
CA ILE D 486 5.38 22.53 -28.69
C ILE D 486 4.93 22.54 -30.14
N LEU D 487 4.11 21.57 -30.54
CA LEU D 487 3.65 21.52 -31.93
C LEU D 487 2.87 22.76 -32.30
N ASP D 488 1.96 23.20 -31.41
CA ASP D 488 1.16 24.39 -31.72
C ASP D 488 2.05 25.61 -31.85
N THR D 489 3.00 25.78 -30.93
CA THR D 489 3.88 26.95 -31.00
C THR D 489 4.71 26.94 -32.28
N GLU D 490 5.22 25.76 -32.65
CA GLU D 490 5.99 25.67 -33.89
C GLU D 490 5.14 26.03 -35.11
N LYS D 491 3.91 25.52 -35.16
CA LYS D 491 3.03 25.83 -36.27
C LYS D 491 2.77 27.33 -36.35
N SER D 492 2.50 27.96 -35.21
CA SER D 492 2.29 29.41 -35.16
C SER D 492 3.66 30.07 -35.07
N PHE D 493 4.23 30.40 -36.23
CA PHE D 493 5.57 30.97 -36.28
C PHE D 493 5.63 32.22 -35.41
N LEU D 494 6.69 32.33 -34.62
CA LEU D 494 6.91 33.54 -33.83
C LEU D 494 7.13 34.72 -34.77
N LYS D 495 6.30 35.75 -34.63
CA LYS D 495 6.37 36.91 -35.52
C LYS D 495 6.42 36.43 -36.96
N CYS D 496 7.27 37.05 -37.79
CA CYS D 496 7.43 36.64 -39.18
C CYS D 496 8.71 35.84 -39.41
N MET D 497 9.52 35.62 -38.37
CA MET D 497 10.77 34.91 -38.50
C MET D 497 10.53 33.40 -38.54
N ARG D 498 11.53 32.68 -39.05
CA ARG D 498 11.43 31.23 -39.19
C ARG D 498 12.86 30.66 -39.11
N LYS D 499 13.22 30.14 -37.93
CA LYS D 499 14.54 29.56 -37.71
C LYS D 499 14.52 28.09 -37.33
N ALA D 500 13.39 27.55 -36.87
CA ALA D 500 13.35 26.18 -36.38
C ALA D 500 13.63 25.19 -37.51
N PHE D 501 14.38 24.15 -37.19
CA PHE D 501 14.60 23.05 -38.11
C PHE D 501 15.20 21.87 -37.34
N ARG D 502 14.91 20.66 -37.82
CA ARG D 502 15.18 19.45 -37.05
C ARG D 502 16.64 19.30 -36.65
N SER D 503 17.52 19.15 -37.63
CA SER D 503 18.93 18.83 -37.35
C SER D 503 19.74 19.09 -38.61
N GLY D 504 20.99 18.66 -38.61
CA GLY D 504 21.93 19.00 -39.67
C GLY D 504 21.95 18.00 -40.81
N LYS D 505 22.27 18.51 -42.00
CA LYS D 505 22.42 17.68 -43.18
C LYS D 505 23.70 16.85 -43.08
N LEU D 506 23.64 15.61 -43.56
CA LEU D 506 24.77 14.70 -43.38
C LEU D 506 24.73 13.59 -44.42
N LEU D 507 25.90 13.03 -44.69
CA LEU D 507 26.07 11.88 -45.58
C LEU D 507 26.41 10.66 -44.74
N GLN D 508 25.56 9.64 -44.82
CA GLN D 508 25.72 8.45 -44.00
C GLN D 508 25.90 7.18 -44.82
N VAL D 509 25.05 6.95 -45.83
CA VAL D 509 25.14 5.71 -46.62
C VAL D 509 26.08 5.84 -47.80
N GLY D 510 26.38 7.06 -48.24
CA GLY D 510 27.28 7.25 -49.36
C GLY D 510 26.58 7.20 -50.70
N PHE D 511 26.18 6.00 -51.12
CA PHE D 511 25.63 5.81 -52.46
C PHE D 511 24.47 4.83 -52.43
N THR D 512 23.43 5.16 -53.19
CA THR D 512 22.26 4.32 -53.38
C THR D 512 22.60 3.25 -54.40
N PRO D 513 21.68 2.33 -54.75
CA PRO D 513 21.94 1.44 -55.88
C PRO D 513 22.29 2.20 -57.14
N ASP D 514 21.72 3.39 -57.33
CA ASP D 514 22.17 4.28 -58.38
C ASP D 514 23.44 5.01 -57.94
N GLY D 515 24.13 5.59 -58.93
CA GLY D 515 25.41 6.22 -58.63
C GLY D 515 25.28 7.42 -57.70
N LYS D 516 24.20 8.16 -57.83
CA LYS D 516 24.06 9.41 -57.08
C LYS D 516 24.02 9.15 -55.59
N ASP D 517 24.61 10.08 -54.83
CA ASP D 517 24.65 10.02 -53.39
C ASP D 517 23.33 10.53 -52.82
N ASP D 518 23.24 10.67 -51.50
CA ASP D 518 22.00 11.13 -50.89
C ASP D 518 22.28 11.74 -49.53
N TYR D 519 21.34 12.57 -49.07
CA TYR D 519 21.37 13.22 -47.76
C TYR D 519 20.04 12.99 -47.08
N ARG D 520 20.06 12.74 -45.77
CA ARG D 520 18.83 12.33 -45.09
C ARG D 520 18.66 12.93 -43.69
N TRP D 521 19.16 14.14 -43.46
CA TRP D 521 18.78 14.94 -42.29
C TRP D 521 18.79 14.09 -41.00
N CYS D 522 19.98 13.65 -40.61
CA CYS D 522 20.11 12.77 -39.46
C CYS D 522 20.08 13.56 -38.15
N PHE D 523 20.08 12.82 -37.04
CA PHE D 523 20.04 13.37 -35.67
C PHE D 523 20.89 12.47 -34.79
N ARG D 524 22.12 12.88 -34.50
CA ARG D 524 23.07 12.00 -33.86
C ARG D 524 22.77 11.84 -32.37
N VAL D 525 23.09 10.66 -31.84
CA VAL D 525 22.94 10.33 -30.43
C VAL D 525 24.17 9.58 -29.98
N ASP D 526 24.75 9.99 -28.84
CA ASP D 526 25.94 9.35 -28.29
C ASP D 526 25.54 8.44 -27.14
N GLU D 527 26.04 7.21 -27.16
CA GLU D 527 25.73 6.21 -26.16
C GLU D 527 26.98 5.42 -25.83
N VAL D 528 27.06 4.95 -24.59
CA VAL D 528 28.23 4.24 -24.07
C VAL D 528 27.81 2.84 -23.68
N ASN D 529 28.48 1.83 -24.24
CA ASN D 529 28.22 0.43 -23.93
C ASN D 529 29.46 -0.18 -23.30
N TRP D 530 29.28 -0.85 -22.18
CA TRP D 530 30.37 -1.51 -21.46
C TRP D 530 30.30 -3.02 -21.56
N THR D 531 29.11 -3.60 -21.51
CA THR D 531 28.93 -5.04 -21.60
C THR D 531 28.56 -5.44 -23.03
N THR D 532 28.36 -6.75 -23.22
CA THR D 532 27.97 -7.31 -24.52
C THR D 532 28.90 -6.81 -25.62
N TRP D 533 30.18 -7.15 -25.48
CA TRP D 533 31.19 -6.74 -26.45
C TRP D 533 31.20 -7.69 -27.64
#